data_7JL2
#
_entry.id   7JL2
#
_cell.length_a   1.00
_cell.length_b   1.00
_cell.length_c   1.00
_cell.angle_alpha   90.00
_cell.angle_beta   90.00
_cell.angle_gamma   90.00
#
_symmetry.space_group_name_H-M   'P 1'
#
loop_
_entity.id
_entity.type
_entity.pdbx_description
1 polymer 'RNA (44-MER)'
2 polymer 'RNA (44-MER)'
3 polymer 'Interferon-induced helicase C domain-containing protein 1'
4 polymer 'Tripartite motif-containing protein 65'
5 non-polymer 'ZINC ION'
6 non-polymer "ADENOSINE-5'-DIPHOSPHATE"
7 non-polymer 'TETRAFLUOROALUMINATE ION'
8 non-polymer 'MAGNESIUM ION'
#
loop_
_entity_poly.entity_id
_entity_poly.type
_entity_poly.pdbx_seq_one_letter_code
_entity_poly.pdbx_strand_id
1 'polyribonucleotide' GACUGACUGACUGAAGACUGACUGACUGAAGACUGACUGACUGA X
2 'polyribonucleotide' UCAGUCAGUCAGUCUUCAGUCAGUCAGUCUUCAGUCAGUCAGUC Y
3 'polypeptide(L)'
;MGSDSDEENVAARASPEPELQLRPYQMEVAQPALEGKNIIICLPTGSGKTRVAVYIAKDHLDKKKKASEPGKVIVLVNKV
LLVEQLFRKEFQPFLKKWYRVIGLSGDTQLKISFPEVVKSCDIIISTAQILENSLLNLENGEDAGVQLSDFSLIIIDECH
HTNKEAVYNNIMRHYLMQKLKNNRLKKENKPVIPLPQILGLTASPGVGGATKQAKAEEHILKLCANLDAFTIKTVKENLD
QLKNQIQEPCKKFAIADATREDPFKEKLLEIMTRIQTYCQMSPMSDFGTQPYEQWAIQMEKKAAKEGNRKERVCAEHLRK
YNEALQINDTIRMIDAYTHLETFYNEEKDKKFAVIEDDSDEGGDDEYCDGDEDEDDLKKPLKLDETDRFLMTLFFENNKM
LKRLAENPEYENEKLTKLRNTIMEQYTRTEESARGIIFTKTRQSAYALSQWITENEKFAEVGVKAHHLIGAGHSSEFKPM
TQNEQKEVISKFRTGKINLLIATTVAEEGLDIKECNIVIRYGLVTNEIAMVQARGRARADESTYVLVAHSGSGVIERETV
NDFREKMMYKAIHCVQNMKPEEYAHKILELQMQSIMEKKMKTKRNIAKHYKNNPSLITFLCKNCSVLACSGEDIHVIEKM
HHVNMTPEFKELYIVREKKTLQKKCADYQINGEIICKCGQAWGTMMVHKGLDLPCLKIRNFVVVFKNNSTKKQYKKWVEL
PITFPNLDYSECCLFSDED
;
A,C,E
4 'polypeptide(L)'
;LAPVPSTVCPLRRKLWQNYRNLTFDPVSANRHFYLSRQDQQVKHLRQSRGPGGPGSFELWQVQCAQSFQAGHHYWEVRAS
DHSVTLGVSYPQLPRSRLGPHTDNIGRGPSSWGLCVQEDSLQAWHNGEAQRLPGVSGRLLGMDLDLASGCLTFYSLEPQT
QPLYTFHALFNQPLTPVFWLLEGRTLTLCHQ
;
B,D,F
#
# COMPACT_ATOMS: atom_id res chain seq x y z
N GLU C 19 28.94 23.13 -10.61
CA GLU C 19 28.55 23.62 -11.92
C GLU C 19 27.03 23.69 -12.02
N LEU C 20 26.43 24.58 -11.24
CA LEU C 20 24.99 24.72 -11.21
C LEU C 20 24.51 25.54 -12.42
N GLN C 21 24.90 25.08 -13.59
CA GLN C 21 24.56 25.75 -14.85
C GLN C 21 23.40 24.99 -15.49
N LEU C 22 22.25 25.64 -15.55
CA LEU C 22 21.05 25.00 -16.08
C LEU C 22 21.06 25.00 -17.61
N ARG C 23 20.44 23.99 -18.18
CA ARG C 23 20.14 24.02 -19.60
C ARG C 23 19.10 25.12 -19.85
N PRO C 24 19.05 25.64 -21.08
CA PRO C 24 18.20 26.82 -21.34
C PRO C 24 16.75 26.67 -20.90
N TYR C 25 16.06 25.63 -21.37
CA TYR C 25 14.65 25.47 -21.04
C TYR C 25 14.44 25.41 -19.53
N GLN C 26 15.37 24.79 -18.81
CA GLN C 26 15.25 24.75 -17.36
C GLN C 26 15.19 26.15 -16.78
N MET C 27 16.16 26.99 -17.13
CA MET C 27 16.12 28.37 -16.65
C MET C 27 14.87 29.07 -17.14
N GLU C 28 14.39 28.67 -18.31
CA GLU C 28 13.25 29.36 -18.91
C GLU C 28 12.02 29.14 -18.03
N VAL C 29 11.73 27.87 -17.72
CA VAL C 29 10.59 27.53 -16.87
C VAL C 29 10.82 27.86 -15.42
N ALA C 30 12.08 28.08 -15.03
CA ALA C 30 12.35 28.52 -13.68
C ALA C 30 12.24 30.03 -13.53
N GLN C 31 12.07 30.75 -14.64
CA GLN C 31 12.06 32.21 -14.55
C GLN C 31 10.98 32.75 -13.61
N PRO C 32 9.72 32.35 -13.68
CA PRO C 32 8.74 32.89 -12.72
C PRO C 32 9.07 32.53 -11.29
N ALA C 33 9.70 31.38 -11.08
CA ALA C 33 9.95 30.91 -9.72
C ALA C 33 10.99 31.74 -9.00
N LEU C 34 11.88 32.40 -9.74
CA LEU C 34 13.01 33.07 -9.11
C LEU C 34 12.58 34.22 -8.21
N GLU C 35 11.36 34.71 -8.36
CA GLU C 35 10.89 35.89 -7.63
C GLU C 35 9.51 35.61 -7.05
N GLY C 36 9.49 35.08 -5.83
CA GLY C 36 8.21 34.73 -5.23
C GLY C 36 7.45 33.78 -6.12
N LYS C 37 6.15 34.05 -6.26
CA LYS C 37 5.31 33.37 -7.25
C LYS C 37 5.34 31.85 -7.05
N ASN C 38 4.75 31.45 -5.93
CA ASN C 38 4.57 30.03 -5.65
C ASN C 38 3.78 29.34 -6.77
N ILE C 39 4.46 28.47 -7.50
CA ILE C 39 3.99 27.95 -8.77
C ILE C 39 4.40 26.48 -8.90
N ILE C 40 4.10 25.92 -10.07
CA ILE C 40 4.35 24.52 -10.37
C ILE C 40 5.18 24.42 -11.63
N ILE C 41 5.98 23.36 -11.70
CA ILE C 41 6.80 23.07 -12.86
C ILE C 41 6.57 21.62 -13.25
N CYS C 42 6.24 21.39 -14.52
CA CYS C 42 6.04 20.03 -15.02
C CYS C 42 6.83 19.88 -16.32
N LEU C 43 7.78 18.96 -16.33
CA LEU C 43 8.53 18.59 -17.51
C LEU C 43 8.47 17.09 -17.70
N PRO C 44 8.55 16.61 -18.94
CA PRO C 44 8.48 15.17 -19.16
C PRO C 44 9.62 14.45 -18.44
N THR C 45 9.35 13.20 -18.09
CA THR C 45 10.26 12.44 -17.25
C THR C 45 11.67 12.40 -17.83
N GLY C 46 12.64 12.23 -16.95
CA GLY C 46 14.02 12.21 -17.39
C GLY C 46 14.69 13.49 -17.81
N SER C 47 14.22 14.63 -17.33
CA SER C 47 14.76 15.92 -17.69
C SER C 47 15.20 16.69 -16.40
N GLY C 48 15.64 15.88 -15.44
CA GLY C 48 16.29 16.42 -14.26
C GLY C 48 15.66 17.53 -13.45
N LYS C 49 14.37 17.43 -13.17
CA LYS C 49 13.70 18.48 -12.41
C LYS C 49 14.38 18.73 -11.08
N THR C 50 15.01 17.69 -10.51
CA THR C 50 15.67 17.84 -9.23
C THR C 50 16.73 18.93 -9.28
N ARG C 51 17.42 19.06 -10.41
CA ARG C 51 18.42 20.13 -10.52
C ARG C 51 17.76 21.49 -10.46
N VAL C 52 16.58 21.61 -11.05
CA VAL C 52 15.83 22.87 -10.95
C VAL C 52 15.54 23.17 -9.49
N ALA C 53 15.14 22.14 -8.74
CA ALA C 53 14.88 22.34 -7.32
C ALA C 53 16.13 22.82 -6.61
N VAL C 54 17.26 22.18 -6.87
CA VAL C 54 18.49 22.52 -6.17
C VAL C 54 18.88 23.97 -6.47
N TYR C 55 18.85 24.34 -7.75
CA TYR C 55 19.24 25.69 -8.14
C TYR C 55 18.32 26.73 -7.53
N ILE C 56 17.01 26.48 -7.60
CA ILE C 56 16.06 27.42 -7.00
C ILE C 56 16.32 27.55 -5.51
N ALA C 57 16.61 26.43 -4.86
CA ALA C 57 16.88 26.47 -3.43
C ALA C 57 18.08 27.34 -3.13
N LYS C 58 19.16 27.21 -3.91
CA LYS C 58 20.34 28.01 -3.66
C LYS C 58 20.02 29.49 -3.77
N ASP C 59 19.29 29.87 -4.82
CA ASP C 59 18.94 31.27 -4.98
C ASP C 59 18.09 31.76 -3.83
N HIS C 60 17.11 30.95 -3.40
CA HIS C 60 16.24 31.38 -2.31
C HIS C 60 17.04 31.64 -1.05
N LEU C 61 17.87 30.67 -0.65
CA LEU C 61 18.61 30.83 0.59
C LEU C 61 19.59 31.98 0.50
N ASP C 62 20.30 32.10 -0.63
CA ASP C 62 21.29 33.15 -0.75
C ASP C 62 20.65 34.53 -0.70
N LYS C 63 19.56 34.71 -1.46
CA LYS C 63 18.89 36.01 -1.47
C LYS C 63 18.36 36.36 -0.08
N LYS C 64 17.74 35.39 0.59
CA LYS C 64 17.23 35.65 1.94
C LYS C 64 18.37 35.98 2.89
N LYS C 65 19.53 35.35 2.70
CA LYS C 65 20.69 35.71 3.51
C LYS C 65 21.15 37.12 3.21
N LYS C 66 21.09 37.53 1.93
CA LYS C 66 21.48 38.88 1.57
C LYS C 66 20.59 39.91 2.25
N ALA C 67 19.28 39.64 2.30
CA ALA C 67 18.36 40.51 3.00
C ALA C 67 18.25 40.20 4.48
N SER C 68 18.91 39.14 4.95
CA SER C 68 19.06 38.82 6.37
C SER C 68 17.70 38.57 7.04
N GLU C 69 17.05 37.50 6.60
CA GLU C 69 15.88 36.97 7.28
C GLU C 69 16.03 35.47 7.47
N PRO C 70 15.38 34.90 8.50
CA PRO C 70 15.47 33.45 8.73
C PRO C 70 14.74 32.71 7.62
N GLY C 71 15.50 32.07 6.75
CA GLY C 71 14.93 31.37 5.62
C GLY C 71 15.34 29.92 5.61
N LYS C 72 14.37 29.04 5.37
CA LYS C 72 14.60 27.61 5.40
C LYS C 72 13.85 26.97 4.26
N VAL C 73 14.10 25.68 4.05
CA VAL C 73 13.39 24.95 3.02
C VAL C 73 13.31 23.49 3.40
N ILE C 74 12.13 22.92 3.18
CA ILE C 74 11.87 21.52 3.46
C ILE C 74 11.47 20.83 2.17
N VAL C 75 12.03 19.66 1.94
CA VAL C 75 11.77 18.86 0.75
C VAL C 75 10.97 17.66 1.18
N LEU C 76 9.80 17.49 0.58
CA LEU C 76 8.93 16.37 0.91
C LEU C 76 8.97 15.34 -0.21
N VAL C 77 9.18 14.09 0.18
CA VAL C 77 9.11 12.96 -0.74
C VAL C 77 8.14 11.95 -0.14
N ASN C 78 7.55 11.13 -1.01
CA ASN C 78 6.51 10.21 -0.57
C ASN C 78 6.95 8.76 -0.57
N LYS C 79 8.22 8.45 -0.86
CA LYS C 79 8.68 7.08 -0.78
C LYS C 79 10.07 7.03 -0.16
N VAL C 80 10.27 6.11 0.78
CA VAL C 80 11.43 6.16 1.66
C VAL C 80 12.73 6.08 0.86
N LEU C 81 12.79 5.15 -0.09
CA LEU C 81 14.00 4.94 -0.87
C LEU C 81 14.50 6.25 -1.48
N LEU C 82 13.57 7.06 -2.00
CA LEU C 82 13.97 8.32 -2.59
C LEU C 82 14.62 9.26 -1.59
N VAL C 83 14.34 9.10 -0.30
CA VAL C 83 14.93 10.00 0.68
C VAL C 83 16.44 9.96 0.58
N GLU C 84 16.99 8.76 0.65
CA GLU C 84 18.43 8.62 0.56
C GLU C 84 18.95 8.94 -0.83
N GLN C 85 18.21 8.55 -1.87
CA GLN C 85 18.65 8.88 -3.23
C GLN C 85 18.81 10.38 -3.40
N LEU C 86 17.70 11.12 -3.28
CA LEU C 86 17.75 12.56 -3.48
C LEU C 86 18.68 13.23 -2.47
N PHE C 87 18.87 12.62 -1.32
CA PHE C 87 19.79 13.18 -0.33
C PHE C 87 21.22 13.18 -0.84
N ARG C 88 21.75 12.01 -1.17
CA ARG C 88 23.17 11.90 -1.48
C ARG C 88 23.48 12.03 -2.96
N LYS C 89 22.50 12.31 -3.81
CA LYS C 89 22.78 12.39 -5.24
C LYS C 89 22.68 13.78 -5.81
N GLU C 90 21.78 14.63 -5.29
CA GLU C 90 21.62 15.96 -5.86
C GLU C 90 21.80 17.09 -4.85
N PHE C 91 21.71 16.80 -3.55
CA PHE C 91 21.79 17.88 -2.58
C PHE C 91 23.14 17.91 -1.88
N GLN C 92 23.64 16.75 -1.47
CA GLN C 92 25.00 16.68 -0.97
C GLN C 92 25.96 17.27 -2.00
N PRO C 93 26.05 16.69 -3.21
CA PRO C 93 27.18 17.06 -4.07
C PRO C 93 27.22 18.52 -4.48
N PHE C 94 26.11 19.25 -4.36
CA PHE C 94 26.10 20.63 -4.83
C PHE C 94 26.17 21.67 -3.73
N LEU C 95 25.98 21.29 -2.46
CA LEU C 95 25.92 22.30 -1.40
C LEU C 95 26.78 21.92 -0.20
N LYS C 96 27.83 21.14 -0.41
CA LYS C 96 28.66 20.70 0.71
C LYS C 96 29.37 21.86 1.38
N LYS C 97 29.47 23.01 0.71
CA LYS C 97 30.14 24.17 1.27
C LYS C 97 29.18 25.27 1.68
N TRP C 98 27.95 25.27 1.17
CA TRP C 98 27.12 26.44 1.32
C TRP C 98 26.11 26.34 2.45
N TYR C 99 25.58 25.15 2.76
CA TYR C 99 24.51 25.06 3.73
C TYR C 99 24.57 23.72 4.45
N ARG C 100 23.64 23.54 5.39
CA ARG C 100 23.55 22.33 6.22
C ARG C 100 22.31 21.55 5.79
N VAL C 101 22.51 20.53 4.95
CA VAL C 101 21.42 19.68 4.47
C VAL C 101 21.45 18.37 5.24
N ILE C 102 20.26 17.93 5.67
CA ILE C 102 20.14 16.73 6.48
C ILE C 102 19.04 15.86 5.90
N GLY C 103 19.33 14.57 5.77
CA GLY C 103 18.37 13.63 5.21
C GLY C 103 17.80 12.72 6.27
N LEU C 104 16.48 12.79 6.48
CA LEU C 104 15.82 12.13 7.58
C LEU C 104 14.61 11.35 7.09
N SER C 105 14.45 10.13 7.60
CA SER C 105 13.31 9.30 7.23
C SER C 105 12.85 8.56 8.47
N GLY C 106 11.64 7.99 8.39
CA GLY C 106 11.04 7.37 9.55
C GLY C 106 11.80 6.18 10.09
N ASP C 107 12.73 5.62 9.32
CA ASP C 107 13.48 4.46 9.77
C ASP C 107 14.72 4.81 10.54
N THR C 108 15.39 5.91 10.18
CA THR C 108 16.60 6.31 10.88
C THR C 108 16.29 6.61 12.33
N GLN C 109 17.08 6.03 13.24
CA GLN C 109 16.86 6.25 14.67
C GLN C 109 17.26 7.67 15.01
N LEU C 110 16.26 8.53 15.16
CA LEU C 110 16.49 9.85 15.70
C LEU C 110 17.03 9.75 17.12
N LYS C 111 17.75 10.80 17.54
CA LYS C 111 18.12 10.96 18.93
C LYS C 111 17.80 12.37 19.41
N ILE C 112 16.97 13.08 18.67
CA ILE C 112 16.65 14.47 18.97
C ILE C 112 15.30 14.78 18.36
N SER C 113 14.51 15.58 19.05
CA SER C 113 13.15 15.86 18.60
C SER C 113 13.15 16.59 17.28
N PHE C 114 12.08 16.38 16.52
CA PHE C 114 11.94 17.02 15.21
C PHE C 114 12.12 18.53 15.26
N PRO C 115 11.49 19.28 16.18
CA PRO C 115 11.68 20.73 16.15
C PRO C 115 13.11 21.16 16.30
N GLU C 116 13.92 20.44 17.06
CA GLU C 116 15.31 20.83 17.15
C GLU C 116 16.08 20.43 15.92
N VAL C 117 15.69 19.33 15.28
CA VAL C 117 16.32 18.97 14.01
C VAL C 117 16.18 20.10 13.01
N VAL C 118 14.96 20.65 12.90
CA VAL C 118 14.78 21.76 11.99
C VAL C 118 15.52 22.99 12.49
N LYS C 119 15.52 23.22 13.80
CA LYS C 119 16.18 24.41 14.33
C LYS C 119 17.69 24.38 14.13
N SER C 120 18.27 23.22 13.85
CA SER C 120 19.71 23.12 13.66
C SER C 120 20.13 23.35 12.21
N CYS C 121 19.59 22.57 11.29
CA CYS C 121 19.93 22.66 9.88
C CYS C 121 19.00 23.67 9.21
N ASP C 122 19.11 23.78 7.89
CA ASP C 122 18.25 24.66 7.12
C ASP C 122 17.62 24.01 5.89
N ILE C 123 18.23 22.98 5.32
CA ILE C 123 17.63 22.24 4.21
C ILE C 123 17.32 20.84 4.72
N ILE C 124 16.04 20.48 4.71
CA ILE C 124 15.59 19.19 5.20
C ILE C 124 15.11 18.36 4.03
N ILE C 125 15.40 17.06 4.06
CA ILE C 125 14.82 16.12 3.10
C ILE C 125 14.12 15.05 3.93
N SER C 126 12.80 15.02 3.86
CA SER C 126 12.03 14.11 4.69
C SER C 126 10.79 13.61 3.98
N THR C 127 10.17 12.62 4.59
CA THR C 127 8.92 12.06 4.08
C THR C 127 7.74 12.75 4.75
N ALA C 128 6.69 12.97 3.96
CA ALA C 128 5.64 13.88 4.36
C ALA C 128 4.98 13.47 5.67
N GLN C 129 4.82 12.17 5.89
CA GLN C 129 4.15 11.72 7.11
C GLN C 129 4.83 12.26 8.35
N ILE C 130 6.15 12.43 8.31
CA ILE C 130 6.87 12.96 9.46
C ILE C 130 6.38 14.35 9.81
N LEU C 131 6.32 15.23 8.80
CA LEU C 131 5.89 16.60 9.06
C LEU C 131 4.48 16.62 9.61
N GLU C 132 3.56 15.89 8.97
CA GLU C 132 2.18 15.93 9.41
C GLU C 132 2.06 15.43 10.84
N ASN C 133 2.79 14.38 11.19
CA ASN C 133 2.83 13.97 12.58
C ASN C 133 3.24 15.13 13.46
N SER C 134 4.31 15.82 13.07
CA SER C 134 4.82 16.89 13.90
C SER C 134 3.93 18.12 13.93
N LEU C 135 2.91 18.18 13.07
CA LEU C 135 2.09 19.38 13.01
C LEU C 135 0.77 19.23 13.75
N LEU C 136 0.31 18.01 14.01
CA LEU C 136 -0.93 17.80 14.74
C LEU C 136 -0.70 17.51 16.22
N ASN C 137 0.46 17.89 16.75
CA ASN C 137 0.82 17.56 18.12
C ASN C 137 0.59 18.72 19.08
N LEU C 138 -0.12 19.76 18.65
CA LEU C 138 -0.44 20.87 19.53
C LEU C 138 -1.22 20.40 20.75
N ALA C 144 5.94 21.10 21.90
CA ALA C 144 4.88 21.94 21.35
C ALA C 144 4.61 21.59 19.90
N GLY C 145 5.66 21.14 19.21
CA GLY C 145 5.57 20.79 17.80
C GLY C 145 6.27 21.81 16.93
N VAL C 146 5.59 22.26 15.88
CA VAL C 146 6.15 23.22 14.94
C VAL C 146 4.98 23.87 14.20
N GLN C 147 5.22 25.06 13.65
CA GLN C 147 4.22 25.77 12.89
C GLN C 147 4.69 25.92 11.46
N LEU C 148 3.75 25.85 10.52
CA LEU C 148 4.09 25.97 9.11
C LEU C 148 4.86 27.25 8.83
N SER C 149 4.58 28.31 9.58
CA SER C 149 5.23 29.59 9.37
C SER C 149 6.73 29.52 9.60
N ASP C 150 7.20 28.52 10.33
CA ASP C 150 8.63 28.42 10.60
C ASP C 150 9.42 28.20 9.32
N PHE C 151 8.76 27.82 8.24
CA PHE C 151 9.43 27.56 6.99
C PHE C 151 9.22 28.69 5.99
N SER C 152 10.05 28.67 4.96
CA SER C 152 9.99 29.66 3.89
C SER C 152 9.66 29.04 2.54
N LEU C 153 10.38 27.99 2.16
CA LEU C 153 10.19 27.33 0.88
C LEU C 153 9.84 25.87 1.10
N ILE C 154 8.76 25.42 0.49
CA ILE C 154 8.30 24.05 0.64
C ILE C 154 8.41 23.39 -0.73
N ILE C 155 9.47 22.61 -0.91
CA ILE C 155 9.63 21.80 -2.11
C ILE C 155 8.85 20.52 -1.92
N ILE C 156 7.94 20.22 -2.84
CA ILE C 156 7.11 19.04 -2.75
C ILE C 156 7.28 18.26 -4.04
N ASP C 157 7.97 17.14 -3.96
CA ASP C 157 8.28 16.37 -5.16
C ASP C 157 7.19 15.33 -5.39
N GLU C 158 6.84 15.14 -6.65
CA GLU C 158 5.80 14.20 -7.06
C GLU C 158 4.46 14.55 -6.43
N CYS C 159 4.07 15.80 -6.60
CA CYS C 159 2.90 16.34 -5.91
C CYS C 159 1.59 16.04 -6.63
N HIS C 160 1.62 15.23 -7.68
CA HIS C 160 0.37 14.83 -8.29
C HIS C 160 -0.49 14.00 -7.36
N HIS C 161 0.09 13.44 -6.30
CA HIS C 161 -0.68 12.70 -5.31
C HIS C 161 -1.59 13.60 -4.49
N THR C 162 -1.60 14.89 -4.75
CA THR C 162 -2.44 15.80 -3.97
C THR C 162 -3.90 15.53 -4.34
N ASN C 163 -4.59 14.76 -3.51
CA ASN C 163 -5.93 14.32 -3.85
C ASN C 163 -6.75 14.21 -2.57
N LYS C 164 -7.87 13.50 -2.67
CA LYS C 164 -8.81 13.41 -1.58
C LYS C 164 -8.19 12.76 -0.35
N GLU C 165 -7.90 13.58 0.66
CA GLU C 165 -7.34 13.11 1.92
C GLU C 165 -6.11 12.23 1.69
N ALA C 166 -5.11 12.83 1.06
CA ALA C 166 -3.77 12.27 0.98
C ALA C 166 -2.85 13.07 1.88
N VAL C 167 -1.62 12.61 2.02
CA VAL C 167 -0.71 13.22 2.99
C VAL C 167 -0.44 14.66 2.61
N TYR C 168 -0.34 14.95 1.31
CA TYR C 168 -0.13 16.32 0.90
C TYR C 168 -1.36 17.17 1.14
N ASN C 169 -2.54 16.60 0.95
CA ASN C 169 -3.75 17.39 1.06
C ASN C 169 -3.94 17.94 2.46
N ASN C 170 -3.60 17.16 3.49
CA ASN C 170 -3.73 17.65 4.85
C ASN C 170 -2.87 18.89 5.07
N ILE C 171 -1.60 18.81 4.70
CA ILE C 171 -0.67 19.92 4.90
C ILE C 171 -1.14 21.14 4.12
N MET C 172 -1.53 20.94 2.88
CA MET C 172 -1.96 22.08 2.11
C MET C 172 -3.26 22.65 2.63
N ARG C 173 -4.08 21.83 3.28
CA ARG C 173 -5.32 22.38 3.81
C ARG C 173 -5.06 23.27 5.02
N HIS C 174 -4.05 22.95 5.83
CA HIS C 174 -3.67 23.89 6.88
C HIS C 174 -3.19 25.19 6.26
N TYR C 175 -2.36 25.10 5.24
CA TYR C 175 -1.88 26.29 4.55
C TYR C 175 -3.04 27.11 3.98
N LEU C 176 -3.98 26.43 3.33
CA LEU C 176 -5.09 27.14 2.72
C LEU C 176 -5.96 27.79 3.78
N MET C 177 -6.18 27.09 4.89
CA MET C 177 -6.99 27.66 5.96
C MET C 177 -6.37 28.95 6.45
N GLN C 178 -5.05 28.94 6.67
CA GLN C 178 -4.38 30.15 7.13
C GLN C 178 -4.49 31.27 6.10
N LYS C 179 -4.39 30.94 4.81
CA LYS C 179 -4.49 31.98 3.80
C LYS C 179 -5.84 32.68 3.86
N LEU C 180 -6.91 31.91 3.99
CA LEU C 180 -8.22 32.55 4.07
C LEU C 180 -8.35 33.35 5.35
N LYS C 181 -7.76 32.87 6.45
CA LYS C 181 -7.73 33.68 7.66
C LYS C 181 -7.01 34.99 7.41
N ASN C 182 -5.92 34.96 6.65
CA ASN C 182 -5.21 36.19 6.34
C ASN C 182 -6.10 37.15 5.57
N ASN C 183 -6.87 36.63 4.61
CA ASN C 183 -7.78 37.51 3.88
C ASN C 183 -8.84 38.09 4.79
N ARG C 184 -9.27 37.34 5.81
CA ARG C 184 -10.16 37.92 6.81
C ARG C 184 -9.45 39.02 7.59
N LEU C 185 -8.17 38.83 7.87
CA LEU C 185 -7.40 39.85 8.57
C LEU C 185 -7.31 41.13 7.74
N LYS C 186 -7.08 41.00 6.44
CA LYS C 186 -6.84 42.17 5.61
C LYS C 186 -8.05 43.08 5.56
N LYS C 187 -9.24 42.52 5.32
CA LYS C 187 -10.44 43.33 5.18
C LYS C 187 -10.95 43.83 6.53
N VAL C 192 -1.00 40.46 8.98
CA VAL C 192 -1.07 39.09 8.49
C VAL C 192 0.17 38.32 8.90
N ILE C 193 0.10 37.00 8.76
CA ILE C 193 1.22 36.10 9.00
C ILE C 193 1.72 35.60 7.66
N PRO C 194 3.01 35.66 7.39
CA PRO C 194 3.51 35.18 6.09
C PRO C 194 3.24 33.69 5.91
N LEU C 195 2.90 33.32 4.68
CA LEU C 195 2.68 31.92 4.32
C LEU C 195 3.77 31.48 3.37
N PRO C 196 4.53 30.45 3.73
CA PRO C 196 5.76 30.13 2.98
C PRO C 196 5.49 29.80 1.52
N GLN C 197 6.43 30.18 0.68
CA GLN C 197 6.32 29.94 -0.75
C GLN C 197 6.34 28.44 -1.02
N ILE C 198 5.64 28.05 -2.07
CA ILE C 198 5.35 26.65 -2.35
C ILE C 198 5.84 26.30 -3.73
N LEU C 199 6.46 25.13 -3.87
CA LEU C 199 6.82 24.59 -5.16
C LEU C 199 6.46 23.12 -5.20
N GLY C 200 5.97 22.66 -6.35
CA GLY C 200 5.61 21.27 -6.50
C GLY C 200 5.96 20.75 -7.87
N LEU C 201 6.49 19.52 -7.94
CA LEU C 201 6.99 18.97 -9.19
C LEU C 201 6.14 17.81 -9.62
N THR C 202 5.77 17.79 -10.90
CA THR C 202 4.95 16.73 -11.47
C THR C 202 5.49 16.33 -12.83
N ALA C 203 5.09 15.15 -13.25
CA ALA C 203 5.28 14.70 -14.62
C ALA C 203 3.99 14.42 -15.34
N SER C 204 2.91 14.13 -14.62
CA SER C 204 1.64 13.77 -15.22
C SER C 204 0.53 14.00 -14.22
N PRO C 205 -0.08 15.19 -14.20
CA PRO C 205 -1.20 15.42 -13.28
C PRO C 205 -2.36 14.47 -13.49
N GLY C 206 -2.59 14.05 -14.73
CA GLY C 206 -3.59 13.03 -15.01
C GLY C 206 -5.02 13.55 -14.89
N VAL C 207 -5.96 12.66 -15.15
CA VAL C 207 -7.37 12.99 -15.04
C VAL C 207 -8.00 12.04 -14.05
N GLY C 208 -9.06 12.52 -13.39
CA GLY C 208 -9.78 11.69 -12.44
C GLY C 208 -10.77 10.78 -13.12
N GLY C 209 -10.34 10.05 -14.15
CA GLY C 209 -11.21 9.14 -14.87
C GLY C 209 -12.31 9.86 -15.63
N ALA C 210 -11.92 10.65 -16.63
CA ALA C 210 -12.82 11.61 -17.25
C ALA C 210 -12.90 11.39 -18.74
N THR C 211 -14.11 11.21 -19.23
CA THR C 211 -14.34 11.14 -20.66
C THR C 211 -14.91 12.44 -21.21
N LYS C 212 -14.80 13.53 -20.46
CA LYS C 212 -15.17 14.85 -20.94
C LYS C 212 -13.93 15.73 -20.97
N GLN C 213 -13.91 16.64 -21.94
CA GLN C 213 -12.88 17.66 -21.88
C GLN C 213 -13.08 18.53 -20.64
N ALA C 214 -14.34 18.75 -20.25
CA ALA C 214 -14.60 19.60 -19.10
C ALA C 214 -14.06 18.98 -17.82
N LYS C 215 -14.32 17.69 -17.61
CA LYS C 215 -13.85 17.06 -16.38
C LYS C 215 -12.33 17.02 -16.32
N ALA C 216 -11.67 16.82 -17.46
CA ALA C 216 -10.22 16.86 -17.45
C ALA C 216 -9.73 18.21 -16.97
N GLU C 217 -10.13 19.27 -17.67
CA GLU C 217 -9.61 20.60 -17.33
C GLU C 217 -10.05 20.99 -15.92
N GLU C 218 -11.25 20.60 -15.52
CA GLU C 218 -11.65 20.77 -14.13
C GLU C 218 -10.66 20.11 -13.20
N HIS C 219 -10.26 18.87 -13.51
CA HIS C 219 -9.39 18.13 -12.60
C HIS C 219 -8.05 18.82 -12.46
N ILE C 220 -7.51 19.29 -13.57
CA ILE C 220 -6.27 20.06 -13.50
C ILE C 220 -6.45 21.26 -12.59
N LEU C 221 -7.59 21.95 -12.72
CA LEU C 221 -7.82 23.11 -11.88
C LEU C 221 -7.89 22.71 -10.41
N LYS C 222 -8.53 21.58 -10.11
CA LYS C 222 -8.64 21.15 -8.73
C LYS C 222 -7.26 20.91 -8.12
N LEU C 223 -6.39 20.25 -8.87
CA LEU C 223 -5.02 20.07 -8.40
C LEU C 223 -4.35 21.41 -8.20
N CYS C 224 -4.52 22.33 -9.16
CA CYS C 224 -3.86 23.63 -9.06
C CYS C 224 -4.31 24.36 -7.81
N ALA C 225 -5.61 24.42 -7.59
CA ALA C 225 -6.12 25.15 -6.43
C ALA C 225 -5.63 24.51 -5.14
N ASN C 226 -5.73 23.18 -5.06
CA ASN C 226 -5.26 22.51 -3.86
C ASN C 226 -3.78 22.71 -3.64
N LEU C 227 -3.02 23.02 -4.69
CA LEU C 227 -1.65 23.44 -4.54
C LEU C 227 -1.49 24.93 -4.32
N ASP C 228 -2.57 25.69 -4.46
CA ASP C 228 -2.53 27.15 -4.42
C ASP C 228 -1.45 27.68 -5.36
N ALA C 229 -1.50 27.19 -6.59
CA ALA C 229 -0.51 27.58 -7.57
C ALA C 229 -0.93 28.89 -8.24
N PHE C 230 -0.08 29.37 -9.13
CA PHE C 230 -0.37 30.58 -9.88
C PHE C 230 -0.39 30.34 -11.39
N THR C 231 0.44 29.43 -11.89
CA THR C 231 0.53 29.19 -13.31
C THR C 231 1.29 27.88 -13.52
N ILE C 232 0.79 27.05 -14.44
CA ILE C 232 1.42 25.77 -14.69
C ILE C 232 2.83 25.95 -15.25
N LYS C 233 2.99 26.84 -16.21
CA LYS C 233 4.31 27.27 -16.69
C LYS C 233 5.13 26.09 -17.23
N THR C 234 4.62 25.49 -18.30
CA THR C 234 5.32 24.41 -18.98
C THR C 234 5.91 24.91 -20.29
N VAL C 235 6.99 24.26 -20.71
CA VAL C 235 7.86 24.79 -21.75
C VAL C 235 7.08 25.09 -23.03
N LYS C 236 7.45 26.19 -23.68
CA LYS C 236 6.86 26.56 -24.96
C LYS C 236 7.87 27.17 -25.92
N GLU C 237 9.16 27.15 -25.60
CA GLU C 237 10.17 27.78 -26.43
C GLU C 237 11.18 26.78 -26.99
N ASN C 238 11.87 26.04 -26.13
CA ASN C 238 13.06 25.30 -26.52
C ASN C 238 12.70 23.85 -26.83
N LEU C 239 11.83 23.67 -27.82
CA LEU C 239 11.16 22.39 -27.98
C LEU C 239 12.10 21.31 -28.50
N ASP C 240 12.86 21.62 -29.56
CA ASP C 240 13.61 20.56 -30.24
C ASP C 240 14.72 20.01 -29.36
N GLN C 241 15.48 20.88 -28.71
CA GLN C 241 16.54 20.41 -27.81
C GLN C 241 15.94 19.49 -26.75
N LEU C 242 14.73 19.80 -26.29
CA LEU C 242 14.03 18.88 -25.41
C LEU C 242 13.78 17.56 -26.11
N LYS C 243 13.31 17.62 -27.36
CA LYS C 243 13.11 16.40 -28.14
C LYS C 243 14.39 15.60 -28.27
N ASN C 244 15.53 16.27 -28.17
CA ASN C 244 16.83 15.61 -28.24
C ASN C 244 17.22 15.00 -26.90
N GLN C 245 16.89 15.67 -25.80
CA GLN C 245 17.23 15.13 -24.48
C GLN C 245 16.41 13.88 -24.19
N ILE C 246 15.11 14.02 -24.13
CA ILE C 246 14.23 12.90 -23.80
C ILE C 246 14.09 12.01 -25.02
N GLN C 247 13.97 10.70 -24.77
CA GLN C 247 13.77 9.72 -25.82
C GLN C 247 12.50 8.94 -25.56
N GLU C 248 11.67 8.80 -26.58
CA GLU C 248 10.53 7.91 -26.45
C GLU C 248 10.99 6.48 -26.62
N PRO C 249 10.74 5.61 -25.65
CA PRO C 249 11.15 4.21 -25.79
C PRO C 249 10.35 3.50 -26.87
N CYS C 250 10.94 2.44 -27.41
CA CYS C 250 10.26 1.59 -28.37
C CYS C 250 9.32 0.64 -27.63
N LYS C 251 8.05 0.65 -28.02
CA LYS C 251 7.06 -0.22 -27.40
C LYS C 251 7.06 -1.58 -28.08
N LYS C 252 7.00 -2.64 -27.28
CA LYS C 252 6.90 -3.97 -27.85
C LYS C 252 5.94 -4.80 -27.01
N PHE C 253 5.12 -5.58 -27.70
CA PHE C 253 4.01 -6.32 -27.10
C PHE C 253 4.35 -7.79 -27.08
N ALA C 254 4.25 -8.40 -25.91
CA ALA C 254 4.38 -9.84 -25.75
C ALA C 254 3.06 -10.35 -25.19
N ILE C 255 2.27 -10.99 -26.05
CA ILE C 255 0.98 -11.53 -25.65
C ILE C 255 0.93 -13.00 -26.03
N ALA C 256 0.53 -13.83 -25.08
CA ALA C 256 0.48 -15.28 -25.26
C ALA C 256 -0.92 -15.78 -24.93
N ASP C 257 -1.26 -16.91 -25.53
CA ASP C 257 -2.53 -17.59 -25.28
C ASP C 257 -2.59 -18.90 -26.06
N ARG C 260 -0.85 -23.92 -23.63
CA ARG C 260 -0.69 -25.35 -23.44
C ARG C 260 -1.70 -25.91 -22.46
N GLU C 261 -2.22 -27.10 -22.75
CA GLU C 261 -3.16 -27.77 -21.88
C GLU C 261 -2.44 -28.64 -20.87
N ASP C 262 -2.81 -28.50 -19.60
CA ASP C 262 -2.24 -29.31 -18.56
C ASP C 262 -3.34 -29.66 -17.57
N PRO C 263 -3.44 -30.93 -17.16
CA PRO C 263 -4.57 -31.33 -16.30
C PRO C 263 -4.56 -30.66 -14.94
N PHE C 264 -3.42 -30.14 -14.50
CA PHE C 264 -3.31 -29.68 -13.11
C PHE C 264 -4.38 -28.67 -12.77
N LYS C 265 -4.61 -27.71 -13.66
CA LYS C 265 -5.72 -26.78 -13.48
C LYS C 265 -7.03 -27.55 -13.35
N GLU C 266 -7.31 -28.42 -14.31
CA GLU C 266 -8.55 -29.18 -14.26
C GLU C 266 -8.50 -30.24 -13.16
N LYS C 267 -7.31 -30.69 -12.77
CA LYS C 267 -7.21 -31.62 -11.65
C LYS C 267 -7.68 -30.95 -10.37
N LEU C 268 -7.20 -29.74 -10.10
CA LEU C 268 -7.78 -29.00 -9.00
C LEU C 268 -9.26 -28.78 -9.22
N LEU C 269 -9.68 -28.65 -10.49
CA LEU C 269 -11.08 -28.33 -10.78
C LEU C 269 -12.02 -29.39 -10.23
N GLU C 270 -11.84 -30.66 -10.60
CA GLU C 270 -12.86 -31.62 -10.17
C GLU C 270 -12.74 -31.90 -8.68
N ILE C 271 -11.53 -31.79 -8.12
CA ILE C 271 -11.43 -31.89 -6.67
C ILE C 271 -12.33 -30.86 -6.01
N MET C 272 -12.17 -29.59 -6.40
CA MET C 272 -12.92 -28.54 -5.72
C MET C 272 -14.39 -28.56 -6.09
N THR C 273 -14.74 -29.00 -7.30
CA THR C 273 -16.15 -29.13 -7.63
C THR C 273 -16.81 -30.19 -6.76
N ARG C 274 -16.11 -31.30 -6.54
CA ARG C 274 -16.59 -32.29 -5.58
C ARG C 274 -16.76 -31.66 -4.22
N ILE C 275 -15.81 -30.80 -3.83
CA ILE C 275 -15.90 -30.13 -2.55
C ILE C 275 -17.15 -29.26 -2.50
N GLN C 276 -17.38 -28.47 -3.54
CA GLN C 276 -18.56 -27.60 -3.56
C GLN C 276 -19.84 -28.41 -3.60
N THR C 277 -19.84 -29.49 -4.37
CA THR C 277 -21.05 -30.30 -4.52
C THR C 277 -21.41 -31.02 -3.23
N TYR C 278 -20.41 -31.38 -2.42
CA TYR C 278 -20.70 -32.00 -1.14
C TYR C 278 -21.68 -31.16 -0.34
N CYS C 279 -21.41 -29.87 -0.22
CA CYS C 279 -22.34 -28.93 0.41
C CYS C 279 -23.29 -28.32 -0.60
N GLN C 280 -23.25 -28.78 -1.85
CA GLN C 280 -24.13 -28.33 -2.93
C GLN C 280 -24.32 -26.81 -2.93
N MET C 281 -23.20 -26.11 -3.05
CA MET C 281 -23.24 -24.68 -3.31
C MET C 281 -23.36 -24.39 -4.80
N SER C 282 -24.19 -23.40 -5.12
CA SER C 282 -24.27 -22.86 -6.47
C SER C 282 -23.18 -21.81 -6.64
N PRO C 283 -22.30 -21.94 -7.61
CA PRO C 283 -21.19 -20.99 -7.73
C PRO C 283 -21.64 -19.62 -8.19
N MET C 284 -22.62 -19.59 -9.10
CA MET C 284 -23.14 -18.43 -9.81
C MET C 284 -22.12 -17.93 -10.83
N SER C 285 -20.94 -18.54 -10.92
CA SER C 285 -19.93 -18.19 -11.90
C SER C 285 -18.91 -19.32 -11.97
N ASP C 286 -18.08 -19.29 -13.00
CA ASP C 286 -17.03 -20.29 -13.13
C ASP C 286 -15.95 -20.06 -12.07
N PHE C 287 -15.13 -21.09 -11.87
CA PHE C 287 -14.11 -21.04 -10.83
C PHE C 287 -12.89 -20.27 -11.29
N GLY C 288 -12.09 -19.84 -10.32
CA GLY C 288 -10.85 -19.14 -10.60
C GLY C 288 -10.98 -17.66 -10.83
N THR C 289 -12.16 -17.09 -10.59
CA THR C 289 -12.40 -15.69 -10.90
C THR C 289 -12.61 -14.87 -9.63
N GLN C 290 -12.39 -13.58 -9.76
CA GLN C 290 -12.51 -12.63 -8.67
C GLN C 290 -13.93 -12.57 -8.13
N PRO C 291 -14.96 -12.50 -8.97
CA PRO C 291 -16.32 -12.59 -8.41
C PRO C 291 -16.56 -13.84 -7.61
N TYR C 292 -15.99 -14.98 -8.03
CA TYR C 292 -16.15 -16.21 -7.27
C TYR C 292 -15.51 -16.09 -5.90
N GLU C 293 -14.32 -15.50 -5.84
CA GLU C 293 -13.64 -15.31 -4.56
C GLU C 293 -14.44 -14.39 -3.65
N GLN C 294 -14.93 -13.29 -4.20
CA GLN C 294 -15.75 -12.36 -3.42
C GLN C 294 -16.97 -13.06 -2.87
N TRP C 295 -17.65 -13.83 -3.72
CA TRP C 295 -18.82 -14.58 -3.28
C TRP C 295 -18.46 -15.58 -2.21
N ALA C 296 -17.32 -16.26 -2.38
CA ALA C 296 -16.90 -17.23 -1.39
C ALA C 296 -16.70 -16.59 -0.03
N ILE C 297 -16.02 -15.46 0.00
CA ILE C 297 -15.76 -14.79 1.27
C ILE C 297 -17.08 -14.36 1.91
N GLN C 298 -17.94 -13.71 1.14
CA GLN C 298 -19.17 -13.17 1.72
C GLN C 298 -20.08 -14.29 2.21
N MET C 299 -20.19 -15.37 1.44
CA MET C 299 -21.02 -16.49 1.88
C MET C 299 -20.40 -17.18 3.08
N GLU C 300 -19.07 -17.23 3.14
CA GLU C 300 -18.43 -17.78 4.32
C GLU C 300 -18.75 -16.94 5.55
N LYS C 301 -18.78 -15.62 5.38
CA LYS C 301 -19.21 -14.76 6.47
C LYS C 301 -20.63 -15.06 6.89
N LYS C 302 -21.53 -15.23 5.91
CA LYS C 302 -22.92 -15.54 6.23
C LYS C 302 -23.02 -16.87 6.98
N ALA C 303 -22.30 -17.89 6.51
CA ALA C 303 -22.34 -19.17 7.17
C ALA C 303 -21.85 -19.07 8.61
N ALA C 304 -20.79 -18.32 8.84
CA ALA C 304 -20.32 -18.13 10.21
C ALA C 304 -21.33 -17.36 11.04
N LYS C 305 -22.06 -16.43 10.42
CA LYS C 305 -23.13 -15.72 11.12
C LYS C 305 -24.18 -16.69 11.61
N GLU C 306 -24.57 -17.63 10.75
CA GLU C 306 -25.57 -18.63 11.14
C GLU C 306 -25.06 -19.54 12.25
N GLY C 307 -23.75 -19.66 12.40
CA GLY C 307 -23.18 -20.71 13.22
C GLY C 307 -23.06 -22.03 12.49
N ASN C 308 -23.21 -22.02 11.16
CA ASN C 308 -23.26 -23.23 10.36
C ASN C 308 -21.88 -23.86 10.21
N ARG C 309 -21.55 -24.83 11.07
CA ARG C 309 -20.37 -25.64 10.85
C ARG C 309 -20.68 -26.66 9.76
N LYS C 310 -19.65 -27.40 9.32
CA LYS C 310 -19.74 -28.39 8.25
C LYS C 310 -19.87 -27.70 6.90
N GLU C 311 -20.11 -26.40 6.93
CA GLU C 311 -20.11 -25.57 5.74
C GLU C 311 -19.02 -24.51 5.79
N ARG C 312 -18.89 -23.85 6.92
CA ARG C 312 -17.91 -22.77 7.06
C ARG C 312 -16.52 -23.25 6.68
N VAL C 313 -16.08 -24.35 7.28
CA VAL C 313 -14.74 -24.85 7.02
C VAL C 313 -14.59 -25.19 5.54
N CYS C 314 -15.60 -25.85 4.98
CA CYS C 314 -15.54 -26.20 3.56
C CYS C 314 -15.43 -24.96 2.70
N ALA C 315 -16.18 -23.92 3.04
CA ALA C 315 -16.11 -22.68 2.27
C ALA C 315 -14.70 -22.10 2.29
N GLU C 316 -14.08 -22.06 3.47
CA GLU C 316 -12.73 -21.51 3.54
C GLU C 316 -11.77 -22.33 2.70
N HIS C 317 -11.89 -23.66 2.76
CA HIS C 317 -10.93 -24.50 2.07
C HIS C 317 -11.06 -24.33 0.55
N LEU C 318 -12.29 -24.31 0.05
CA LEU C 318 -12.47 -24.10 -1.38
C LEU C 318 -11.95 -22.73 -1.78
N ARG C 319 -12.15 -21.73 -0.93
CA ARG C 319 -11.55 -20.43 -1.18
C ARG C 319 -10.04 -20.58 -1.36
N LYS C 320 -9.40 -21.34 -0.46
CA LYS C 320 -7.95 -21.52 -0.53
C LYS C 320 -7.54 -22.12 -1.86
N TYR C 321 -8.29 -23.10 -2.33
CA TYR C 321 -8.06 -23.65 -3.65
C TYR C 321 -8.14 -22.55 -4.70
N ASN C 322 -9.11 -21.64 -4.58
CA ASN C 322 -9.29 -20.61 -5.59
C ASN C 322 -8.08 -19.70 -5.68
N GLU C 323 -7.62 -19.18 -4.54
CA GLU C 323 -6.45 -18.32 -4.56
C GLU C 323 -5.23 -19.09 -5.02
N ALA C 324 -5.13 -20.37 -4.63
CA ALA C 324 -4.03 -21.18 -5.12
C ALA C 324 -4.03 -21.25 -6.64
N LEU C 325 -5.21 -21.42 -7.23
CA LEU C 325 -5.31 -21.44 -8.69
C LEU C 325 -4.90 -20.12 -9.29
N GLN C 326 -5.31 -19.02 -8.66
CA GLN C 326 -4.96 -17.71 -9.20
C GLN C 326 -3.46 -17.51 -9.22
N ILE C 327 -2.80 -17.81 -8.11
CA ILE C 327 -1.35 -17.81 -8.10
C ILE C 327 -0.82 -18.78 -9.14
N ASN C 328 -1.51 -19.91 -9.30
CA ASN C 328 -1.06 -20.96 -10.20
C ASN C 328 -0.97 -20.48 -11.63
N ASP C 329 -1.98 -19.74 -12.08
CA ASP C 329 -1.92 -19.21 -13.42
C ASP C 329 -0.83 -18.16 -13.53
N THR C 330 -0.65 -17.36 -12.49
CA THR C 330 0.35 -16.28 -12.55
C THR C 330 1.77 -16.82 -12.56
N ILE C 331 2.08 -17.76 -11.66
CA ILE C 331 3.47 -18.18 -11.46
C ILE C 331 3.54 -19.68 -11.71
N ARG C 332 4.72 -20.27 -11.50
CA ARG C 332 4.93 -21.68 -11.76
C ARG C 332 4.05 -22.55 -10.86
N MET C 333 4.09 -23.86 -11.13
CA MET C 333 3.22 -24.79 -10.40
C MET C 333 3.70 -24.99 -8.97
N ILE C 334 5.02 -25.02 -8.78
CA ILE C 334 5.59 -25.53 -7.54
C ILE C 334 5.15 -24.69 -6.36
N ASP C 335 5.32 -23.37 -6.46
CA ASP C 335 4.98 -22.49 -5.35
C ASP C 335 3.50 -22.56 -5.03
N ALA C 336 2.66 -22.63 -6.05
CA ALA C 336 1.21 -22.72 -5.82
C ALA C 336 0.89 -23.97 -5.03
N TYR C 337 1.52 -25.09 -5.38
CA TYR C 337 1.31 -26.30 -4.58
C TYR C 337 1.83 -26.12 -3.17
N THR C 338 3.00 -25.50 -3.02
CA THR C 338 3.59 -25.35 -1.68
C THR C 338 2.69 -24.52 -0.78
N HIS C 339 2.07 -23.49 -1.34
CA HIS C 339 1.13 -22.68 -0.57
C HIS C 339 0.02 -23.55 0.02
N LEU C 340 -0.63 -24.33 -0.83
CA LEU C 340 -1.71 -25.20 -0.37
C LEU C 340 -1.19 -26.23 0.62
N GLU C 341 -0.05 -26.85 0.31
CA GLU C 341 0.50 -27.89 1.18
C GLU C 341 0.83 -27.32 2.55
N THR C 342 1.42 -26.13 2.59
CA THR C 342 1.72 -25.51 3.86
C THR C 342 0.46 -25.28 4.67
N PHE C 343 -0.60 -24.78 4.02
CA PHE C 343 -1.83 -24.51 4.75
C PHE C 343 -2.39 -25.78 5.37
N TYR C 344 -2.48 -26.85 4.60
CA TYR C 344 -3.10 -28.06 5.12
C TYR C 344 -2.21 -28.73 6.15
N ASN C 345 -0.88 -28.63 5.98
CA ASN C 345 0.04 -29.16 6.97
C ASN C 345 -0.22 -28.54 8.32
N GLU C 346 -0.17 -27.20 8.39
CA GLU C 346 -0.43 -26.55 9.66
C GLU C 346 -1.87 -26.78 10.11
N GLU C 347 -2.77 -27.00 9.17
CA GLU C 347 -4.15 -27.26 9.54
C GLU C 347 -4.26 -28.53 10.39
N LYS C 348 -3.70 -29.63 9.89
CA LYS C 348 -3.73 -30.85 10.68
C LYS C 348 -2.86 -30.74 11.92
N ASP C 349 -1.81 -29.91 11.85
CA ASP C 349 -0.98 -29.70 13.03
C ASP C 349 -1.78 -29.04 14.14
N LYS C 350 -2.59 -28.03 13.80
CA LYS C 350 -3.46 -27.41 14.78
C LYS C 350 -4.50 -28.41 15.29
N LYS C 351 -5.04 -29.22 14.39
CA LYS C 351 -6.12 -30.13 14.77
C LYS C 351 -5.64 -31.15 15.79
N PHE C 352 -4.46 -31.72 15.58
CA PHE C 352 -4.00 -32.78 16.47
C PHE C 352 -3.57 -32.26 17.83
N ALA C 353 -3.49 -30.94 18.01
CA ALA C 353 -3.12 -30.41 19.32
C ALA C 353 -4.16 -30.73 20.37
N VAL C 354 -5.44 -30.65 20.02
CA VAL C 354 -6.50 -30.90 20.97
C VAL C 354 -6.48 -32.34 21.46
N ILE C 355 -5.91 -33.25 20.67
CA ILE C 355 -5.80 -34.64 21.09
C ILE C 355 -4.98 -34.73 22.37
N GLU C 356 -3.92 -33.94 22.46
CA GLU C 356 -3.09 -33.90 23.65
C GLU C 356 -3.85 -33.32 24.83
N GLU C 385 -16.15 -34.21 11.71
CA GLU C 385 -16.51 -35.27 10.77
C GLU C 385 -16.31 -34.82 9.31
N THR C 386 -16.77 -33.60 8.99
CA THR C 386 -16.46 -33.03 7.69
C THR C 386 -15.00 -32.60 7.62
N ASP C 387 -14.34 -32.49 8.76
CA ASP C 387 -12.93 -32.14 8.84
C ASP C 387 -12.10 -33.15 8.05
N ARG C 388 -12.08 -34.40 8.53
CA ARG C 388 -11.32 -35.45 7.86
C ARG C 388 -11.82 -35.68 6.46
N PHE C 389 -13.12 -35.50 6.23
CA PHE C 389 -13.73 -35.61 4.90
C PHE C 389 -12.91 -34.87 3.85
N LEU C 390 -12.13 -33.88 4.27
CA LEU C 390 -11.30 -33.09 3.36
C LEU C 390 -9.91 -33.69 3.18
N MET C 391 -9.16 -33.84 4.27
CA MET C 391 -7.77 -34.24 4.16
C MET C 391 -7.64 -35.62 3.55
N THR C 392 -8.61 -36.51 3.82
CA THR C 392 -8.53 -37.87 3.30
C THR C 392 -8.33 -37.88 1.79
N LEU C 393 -9.18 -37.15 1.07
CA LEU C 393 -9.03 -37.08 -0.38
C LEU C 393 -7.92 -36.13 -0.78
N PHE C 394 -7.74 -35.05 -0.03
CA PHE C 394 -6.71 -34.07 -0.35
C PHE C 394 -5.33 -34.70 -0.40
N PHE C 395 -5.04 -35.60 0.55
CA PHE C 395 -3.67 -36.05 0.70
C PHE C 395 -3.27 -37.01 -0.41
N GLU C 396 -4.16 -37.93 -0.79
CA GLU C 396 -3.89 -38.72 -1.98
C GLU C 396 -3.74 -37.83 -3.21
N ASN C 397 -4.66 -36.89 -3.38
CA ASN C 397 -4.59 -36.01 -4.53
C ASN C 397 -3.31 -35.21 -4.53
N ASN C 398 -2.91 -34.68 -3.38
CA ASN C 398 -1.73 -33.82 -3.31
C ASN C 398 -0.46 -34.61 -3.60
N LYS C 399 -0.39 -35.85 -3.11
CA LYS C 399 0.72 -36.71 -3.50
C LYS C 399 0.81 -36.82 -5.02
N MET C 400 -0.33 -37.08 -5.66
CA MET C 400 -0.35 -37.11 -7.11
C MET C 400 0.05 -35.77 -7.70
N LEU C 401 -0.42 -34.67 -7.12
CA LEU C 401 -0.12 -33.35 -7.66
C LEU C 401 1.36 -33.06 -7.60
N LYS C 402 1.98 -33.33 -6.45
CA LYS C 402 3.42 -33.16 -6.33
C LYS C 402 4.14 -33.99 -7.38
N ARG C 403 3.62 -35.17 -7.68
CA ARG C 403 4.17 -35.93 -8.79
C ARG C 403 3.97 -35.19 -10.11
N LEU C 404 2.78 -34.62 -10.31
CA LEU C 404 2.50 -33.88 -11.53
C LEU C 404 3.19 -32.52 -11.51
N ALA C 405 3.19 -31.85 -10.36
CA ALA C 405 3.79 -30.52 -10.29
C ALA C 405 5.28 -30.57 -10.58
N GLU C 406 5.95 -31.63 -10.13
CA GLU C 406 7.40 -31.69 -10.27
C GLU C 406 7.86 -31.72 -11.72
N ASN C 407 6.97 -32.01 -12.65
CA ASN C 407 7.38 -32.17 -14.04
C ASN C 407 7.56 -30.81 -14.69
N PRO C 408 8.79 -30.42 -15.04
CA PRO C 408 9.03 -29.06 -15.54
C PRO C 408 8.70 -28.87 -17.00
N GLU C 409 8.38 -29.94 -17.72
CA GLU C 409 8.06 -29.78 -19.14
C GLU C 409 6.80 -28.96 -19.32
N TYR C 410 5.82 -29.12 -18.43
CA TYR C 410 4.60 -28.34 -18.51
C TYR C 410 4.83 -26.98 -17.87
N GLU C 411 4.41 -25.93 -18.56
CA GLU C 411 4.82 -24.59 -18.19
C GLU C 411 3.73 -23.59 -18.51
N ASN C 412 3.69 -22.53 -17.71
CA ASN C 412 2.79 -21.41 -17.94
C ASN C 412 3.13 -20.73 -19.26
N GLU C 413 2.10 -20.16 -19.88
CA GLU C 413 2.30 -19.42 -21.12
C GLU C 413 3.03 -18.11 -20.88
N LYS C 414 2.65 -17.39 -19.83
CA LYS C 414 3.25 -16.09 -19.58
C LYS C 414 4.75 -16.23 -19.30
N LEU C 415 5.09 -17.11 -18.36
CA LEU C 415 6.49 -17.30 -18.02
C LEU C 415 7.32 -17.63 -19.24
N THR C 416 6.72 -18.37 -20.18
CA THR C 416 7.44 -18.73 -21.41
C THR C 416 7.87 -17.49 -22.17
N LYS C 417 6.91 -16.60 -22.45
CA LYS C 417 7.24 -15.39 -23.19
C LYS C 417 8.22 -14.54 -22.40
N LEU C 418 8.09 -14.53 -21.07
CA LEU C 418 9.04 -13.79 -20.25
C LEU C 418 10.45 -14.29 -20.49
N ARG C 419 10.64 -15.61 -20.48
CA ARG C 419 11.96 -16.17 -20.72
C ARG C 419 12.46 -15.74 -22.11
N ASN C 420 11.57 -15.79 -23.10
CA ASN C 420 11.96 -15.36 -24.44
C ASN C 420 12.42 -13.92 -24.44
N THR C 421 11.66 -13.05 -23.78
CA THR C 421 11.99 -11.63 -23.79
C THR C 421 13.33 -11.36 -23.12
N ILE C 422 13.55 -11.97 -21.96
CA ILE C 422 14.78 -11.73 -21.22
C ILE C 422 15.98 -12.15 -22.06
N MET C 423 15.94 -13.37 -22.59
CA MET C 423 17.06 -13.89 -23.36
C MET C 423 17.31 -13.04 -24.59
N GLU C 424 16.25 -12.72 -25.31
CA GLU C 424 16.40 -11.93 -26.53
C GLU C 424 17.05 -10.59 -26.23
N GLN C 425 16.54 -9.88 -25.23
CA GLN C 425 17.05 -8.54 -24.97
C GLN C 425 18.49 -8.57 -24.49
N TYR C 426 18.79 -9.38 -23.47
CA TYR C 426 20.15 -9.39 -22.95
C TYR C 426 21.16 -9.85 -23.99
N THR C 427 20.84 -10.91 -24.72
CA THR C 427 21.79 -11.39 -25.73
C THR C 427 22.01 -10.34 -26.81
N ARG C 428 20.96 -9.64 -27.20
CA ARG C 428 21.12 -8.60 -28.21
C ARG C 428 21.99 -7.47 -27.68
N THR C 429 21.92 -7.20 -26.37
CA THR C 429 22.68 -6.09 -25.80
C THR C 429 24.16 -6.41 -25.64
N GLU C 430 24.49 -7.66 -25.34
CA GLU C 430 25.88 -8.11 -25.16
C GLU C 430 26.57 -7.36 -24.02
N GLU C 431 26.07 -7.63 -22.80
CA GLU C 431 26.66 -7.26 -21.51
C GLU C 431 26.49 -5.78 -21.18
N SER C 432 25.65 -5.06 -21.92
CA SER C 432 25.31 -3.67 -21.59
C SER C 432 23.79 -3.56 -21.53
N ALA C 433 23.23 -3.92 -20.37
CA ALA C 433 21.78 -4.04 -20.26
C ALA C 433 21.39 -4.07 -18.79
N ARG C 434 20.57 -3.12 -18.37
CA ARG C 434 19.90 -3.20 -17.08
C ARG C 434 18.39 -3.27 -17.31
N GLY C 435 17.76 -4.26 -16.70
CA GLY C 435 16.33 -4.46 -16.88
C GLY C 435 15.54 -4.45 -15.59
N ILE C 436 14.41 -3.75 -15.60
CA ILE C 436 13.55 -3.65 -14.44
C ILE C 436 12.21 -4.28 -14.78
N ILE C 437 11.79 -5.26 -13.99
CA ILE C 437 10.51 -5.93 -14.19
C ILE C 437 9.57 -5.49 -13.09
N PHE C 438 8.40 -4.99 -13.46
CA PHE C 438 7.43 -4.52 -12.50
C PHE C 438 6.29 -5.51 -12.38
N THR C 439 5.95 -5.86 -11.15
CA THR C 439 4.95 -6.87 -10.84
C THR C 439 3.88 -6.29 -9.95
N LYS C 440 3.06 -7.17 -9.39
CA LYS C 440 1.93 -6.76 -8.56
C LYS C 440 2.07 -7.19 -7.11
N THR C 441 2.22 -8.47 -6.85
CA THR C 441 2.21 -8.98 -5.49
C THR C 441 3.61 -9.36 -5.06
N ARG C 442 3.88 -9.19 -3.77
CA ARG C 442 5.25 -9.36 -3.27
C ARG C 442 5.75 -10.78 -3.54
N GLN C 443 4.95 -11.78 -3.20
CA GLN C 443 5.37 -13.16 -3.42
C GLN C 443 5.58 -13.43 -4.89
N SER C 444 4.87 -12.74 -5.77
CA SER C 444 5.18 -12.86 -7.19
C SER C 444 6.62 -12.47 -7.44
N ALA C 445 7.05 -11.35 -6.85
CA ALA C 445 8.42 -10.90 -7.03
C ALA C 445 9.40 -11.94 -6.51
N TYR C 446 9.15 -12.46 -5.32
CA TYR C 446 10.11 -13.36 -4.72
C TYR C 446 10.16 -14.70 -5.44
N ALA C 447 9.00 -15.23 -5.83
CA ALA C 447 9.00 -16.48 -6.56
C ALA C 447 9.67 -16.34 -7.92
N LEU C 448 9.41 -15.23 -8.61
CA LEU C 448 10.08 -15.01 -9.88
C LEU C 448 11.58 -14.93 -9.70
N SER C 449 12.04 -14.40 -8.57
CA SER C 449 13.46 -14.44 -8.27
C SER C 449 13.95 -15.88 -8.18
N GLN C 450 13.21 -16.74 -7.48
CA GLN C 450 13.60 -18.15 -7.41
C GLN C 450 13.63 -18.77 -8.79
N TRP C 451 12.63 -18.45 -9.61
CA TRP C 451 12.55 -19.01 -10.95
C TRP C 451 13.77 -18.61 -11.76
N ILE C 452 14.23 -17.37 -11.59
CA ILE C 452 15.50 -16.97 -12.20
C ILE C 452 16.63 -17.82 -11.67
N THR C 453 16.63 -18.07 -10.36
CA THR C 453 17.74 -18.76 -9.73
C THR C 453 17.91 -20.17 -10.27
N GLU C 454 16.80 -20.88 -10.47
CA GLU C 454 16.86 -22.33 -10.64
C GLU C 454 17.42 -22.72 -12.01
N ASN C 455 16.72 -22.35 -13.08
CA ASN C 455 17.12 -22.79 -14.41
C ASN C 455 18.45 -22.15 -14.78
N GLU C 456 19.48 -22.99 -14.92
CA GLU C 456 20.83 -22.51 -15.17
C GLU C 456 20.96 -21.78 -16.49
N LYS C 457 19.98 -21.94 -17.39
CA LYS C 457 20.05 -21.27 -18.68
C LYS C 457 20.03 -19.76 -18.53
N PHE C 458 19.46 -19.25 -17.43
CA PHE C 458 19.48 -17.81 -17.22
C PHE C 458 20.90 -17.35 -16.92
N ALA C 459 21.56 -17.99 -15.96
CA ALA C 459 22.84 -17.50 -15.47
C ALA C 459 23.90 -17.49 -16.56
N GLU C 460 23.84 -18.43 -17.50
CA GLU C 460 24.85 -18.49 -18.54
C GLU C 460 24.88 -17.21 -19.35
N VAL C 461 23.74 -16.53 -19.47
CA VAL C 461 23.69 -15.28 -20.21
C VAL C 461 24.23 -14.12 -19.39
N GLY C 462 24.52 -14.34 -18.12
CA GLY C 462 25.06 -13.30 -17.27
C GLY C 462 24.02 -12.45 -16.57
N VAL C 463 22.75 -12.84 -16.62
CA VAL C 463 21.74 -12.10 -15.89
C VAL C 463 21.91 -12.35 -14.40
N LYS C 464 21.99 -11.28 -13.63
CA LYS C 464 22.07 -11.34 -12.17
C LYS C 464 20.84 -10.65 -11.63
N ALA C 465 20.04 -11.39 -10.87
CA ALA C 465 18.71 -10.93 -10.52
C ALA C 465 18.56 -10.82 -9.02
N HIS C 466 17.77 -9.85 -8.60
CA HIS C 466 17.37 -9.75 -7.21
C HIS C 466 15.99 -9.13 -7.12
N HIS C 467 15.34 -9.35 -5.99
CA HIS C 467 13.99 -8.87 -5.75
C HIS C 467 14.04 -7.71 -4.76
N LEU C 468 13.29 -6.66 -5.06
CA LEU C 468 13.22 -5.45 -4.24
C LEU C 468 11.77 -5.18 -3.89
N ILE C 469 11.47 -5.13 -2.60
CA ILE C 469 10.12 -4.84 -2.11
C ILE C 469 10.23 -3.91 -0.91
N GLY C 470 9.09 -3.40 -0.49
CA GLY C 470 9.05 -2.55 0.67
C GLY C 470 9.16 -3.34 1.95
N ALA C 471 9.22 -2.61 3.06
CA ALA C 471 9.36 -3.22 4.37
C ALA C 471 8.04 -3.83 4.81
N GLY C 472 8.03 -4.33 6.05
CA GLY C 472 6.84 -4.87 6.66
C GLY C 472 6.35 -6.19 6.08
N SER C 474 4.82 -10.30 4.32
CA SER C 474 4.12 -10.37 5.61
C SER C 474 3.40 -11.70 5.77
N SER C 475 3.59 -12.33 6.93
CA SER C 475 2.96 -13.62 7.25
C SER C 475 3.24 -14.65 6.16
N GLU C 476 4.51 -14.69 5.74
CA GLU C 476 4.88 -15.43 4.56
C GLU C 476 6.37 -15.75 4.66
N PHE C 477 6.98 -16.09 3.52
CA PHE C 477 8.38 -16.49 3.43
C PHE C 477 9.31 -15.72 4.36
N LYS C 478 9.45 -14.41 4.16
CA LYS C 478 10.33 -13.57 4.96
C LYS C 478 10.12 -12.10 4.60
N PRO C 479 10.05 -11.21 5.59
CA PRO C 479 9.96 -9.78 5.28
C PRO C 479 11.33 -9.17 5.09
N MET C 480 11.56 -8.54 3.94
CA MET C 480 12.83 -7.90 3.68
C MET C 480 12.88 -6.55 4.39
N THR C 481 14.05 -6.22 4.93
CA THR C 481 14.15 -5.04 5.77
C THR C 481 14.88 -3.91 5.04
N GLN C 482 14.74 -2.71 5.62
CA GLN C 482 15.14 -1.49 4.91
C GLN C 482 16.62 -1.49 4.58
N ASN C 483 17.44 -1.92 5.52
CA ASN C 483 18.87 -1.93 5.25
C ASN C 483 19.20 -2.80 4.07
N GLU C 484 18.54 -3.94 3.96
CA GLU C 484 18.82 -4.84 2.85
C GLU C 484 18.47 -4.20 1.51
N GLN C 485 17.32 -3.56 1.41
CA GLN C 485 16.97 -2.96 0.12
C GLN C 485 17.91 -1.81 -0.21
N LYS C 486 18.37 -1.08 0.82
CA LYS C 486 19.31 0.00 0.57
C LYS C 486 20.57 -0.53 -0.08
N GLU C 487 21.13 -1.61 0.46
CA GLU C 487 22.30 -2.18 -0.19
C GLU C 487 21.94 -2.80 -1.54
N VAL C 488 20.70 -3.26 -1.70
CA VAL C 488 20.31 -3.86 -2.98
C VAL C 488 20.38 -2.83 -4.09
N ILE C 489 19.79 -1.65 -3.87
CA ILE C 489 19.88 -0.61 -4.88
C ILE C 489 21.33 -0.21 -5.07
N SER C 490 22.13 -0.24 -4.01
CA SER C 490 23.56 0.03 -4.16
C SER C 490 24.18 -0.95 -5.13
N LYS C 491 23.89 -2.24 -4.96
CA LYS C 491 24.46 -3.25 -5.85
C LYS C 491 23.95 -3.07 -7.27
N PHE C 492 22.68 -2.68 -7.42
CA PHE C 492 22.13 -2.51 -8.75
C PHE C 492 22.82 -1.40 -9.50
N ARG C 493 23.12 -0.29 -8.81
CA ARG C 493 23.83 0.79 -9.46
C ARG C 493 25.22 0.35 -9.90
N THR C 494 25.89 -0.45 -9.08
CA THR C 494 27.19 -0.99 -9.47
C THR C 494 27.07 -1.82 -10.74
N GLY C 495 26.10 -2.71 -10.79
CA GLY C 495 25.96 -3.58 -11.94
C GLY C 495 26.30 -5.05 -11.87
N LYS C 496 26.55 -5.55 -10.67
CA LYS C 496 26.68 -7.00 -10.51
C LYS C 496 25.35 -7.68 -9.94
N ILE C 497 24.31 -6.86 -10.00
CA ILE C 497 22.93 -7.32 -9.97
C ILE C 497 22.36 -6.75 -11.25
N ASN C 498 22.12 -7.62 -12.22
CA ASN C 498 21.84 -7.22 -13.58
C ASN C 498 20.36 -7.06 -13.86
N LEU C 499 19.51 -7.77 -13.14
CA LEU C 499 18.07 -7.76 -13.37
C LEU C 499 17.40 -7.47 -12.04
N LEU C 500 16.55 -6.46 -12.00
CA LEU C 500 15.88 -6.11 -10.77
C LEU C 500 14.37 -6.34 -10.92
N ILE C 501 13.80 -7.08 -9.97
CA ILE C 501 12.37 -7.36 -9.94
C ILE C 501 11.77 -6.51 -8.83
N ALA C 502 10.84 -5.61 -9.19
CA ALA C 502 10.35 -4.61 -8.27
C ALA C 502 8.82 -4.60 -8.26
N THR C 503 8.27 -3.97 -7.24
CA THR C 503 6.85 -3.79 -7.04
C THR C 503 6.54 -2.30 -7.06
N THR C 504 5.29 -1.95 -6.72
CA THR C 504 4.85 -0.56 -6.76
C THR C 504 5.88 0.39 -6.18
N VAL C 505 6.71 -0.08 -5.24
CA VAL C 505 7.52 0.82 -4.43
C VAL C 505 8.41 1.69 -5.30
N ALA C 506 8.91 1.16 -6.41
CA ALA C 506 9.94 1.89 -7.13
C ALA C 506 9.52 2.29 -8.54
N GLU C 507 8.31 2.81 -8.72
CA GLU C 507 7.96 3.37 -10.01
C GLU C 507 8.13 4.86 -10.12
N GLU C 508 8.42 5.56 -9.03
CA GLU C 508 8.49 7.00 -9.05
C GLU C 508 9.78 7.47 -8.37
N GLY C 509 10.82 7.72 -9.16
CA GLY C 509 11.92 8.52 -8.69
C GLY C 509 13.30 7.97 -8.92
N LEU C 510 13.36 6.71 -9.32
CA LEU C 510 14.62 6.06 -9.58
C LEU C 510 15.30 6.71 -10.79
N ASP C 511 16.59 7.00 -10.65
CA ASP C 511 17.34 7.77 -11.62
C ASP C 511 18.54 7.00 -12.14
N ILE C 512 18.38 5.69 -12.34
CA ILE C 512 19.50 4.91 -12.83
C ILE C 512 19.78 5.32 -14.27
N LYS C 513 21.03 5.71 -14.52
CA LYS C 513 21.39 6.26 -15.83
C LYS C 513 21.38 5.21 -16.92
N GLU C 514 21.35 3.94 -16.56
CA GLU C 514 21.40 2.83 -17.52
C GLU C 514 20.22 1.93 -17.24
N CYS C 515 19.13 2.10 -18.00
CA CYS C 515 17.97 1.21 -17.94
C CYS C 515 17.51 0.99 -19.37
N ASN C 516 18.09 -0.01 -20.04
CA ASN C 516 17.70 -0.28 -21.40
C ASN C 516 16.34 -0.97 -21.46
N ILE C 517 15.98 -1.71 -20.42
CA ILE C 517 14.82 -2.58 -20.44
C ILE C 517 13.90 -2.22 -19.29
N VAL C 518 12.64 -1.91 -19.60
CA VAL C 518 11.59 -1.80 -18.60
C VAL C 518 10.45 -2.70 -19.02
N ILE C 519 10.00 -3.54 -18.10
CA ILE C 519 9.10 -4.64 -18.40
C ILE C 519 7.94 -4.61 -17.43
N ARG C 520 6.73 -4.82 -17.94
CA ARG C 520 5.54 -4.88 -17.12
C ARG C 520 4.94 -6.28 -17.22
N TYR C 521 4.74 -6.92 -16.07
CA TYR C 521 4.29 -8.31 -16.02
C TYR C 521 2.85 -8.37 -15.54
N GLY C 522 1.91 -8.38 -16.48
CA GLY C 522 0.51 -8.56 -16.14
C GLY C 522 -0.01 -7.54 -15.15
N LEU C 523 0.36 -6.29 -15.33
CA LEU C 523 -0.03 -5.21 -14.43
C LEU C 523 -1.15 -4.38 -15.06
N VAL C 524 -2.10 -3.98 -14.25
CA VAL C 524 -3.21 -3.13 -14.68
C VAL C 524 -3.28 -1.96 -13.71
N THR C 525 -3.35 -0.75 -14.24
CA THR C 525 -3.27 0.42 -13.37
C THR C 525 -3.73 1.66 -14.10
N ASN C 526 -3.69 2.77 -13.36
CA ASN C 526 -4.09 4.07 -13.87
C ASN C 526 -3.00 4.64 -14.75
N GLU C 527 -3.17 5.87 -15.20
CA GLU C 527 -2.30 6.45 -16.20
C GLU C 527 -0.97 6.92 -15.63
N ILE C 528 -0.94 7.46 -14.42
CA ILE C 528 0.33 7.92 -13.88
C ILE C 528 1.26 6.74 -13.64
N ALA C 529 0.72 5.63 -13.16
CA ALA C 529 1.55 4.46 -12.94
C ALA C 529 1.99 3.81 -14.24
N MET C 530 1.60 4.34 -15.39
CA MET C 530 2.18 3.90 -16.65
C MET C 530 3.14 4.92 -17.23
N VAL C 531 2.82 6.21 -17.09
CA VAL C 531 3.75 7.24 -17.53
C VAL C 531 5.07 7.10 -16.79
N GLN C 532 5.01 6.97 -15.47
CA GLN C 532 6.23 6.84 -14.69
C GLN C 532 7.00 5.59 -15.06
N ALA C 533 6.29 4.48 -15.28
CA ALA C 533 6.97 3.25 -15.64
C ALA C 533 7.75 3.42 -16.93
N ARG C 534 7.14 4.02 -17.96
CA ARG C 534 7.90 4.30 -19.17
C ARG C 534 9.03 5.27 -18.92
N GLY C 535 8.88 6.16 -17.94
CA GLY C 535 9.97 7.08 -17.65
C GLY C 535 11.19 6.40 -17.05
N ARG C 536 11.00 5.27 -16.39
CA ARG C 536 12.13 4.66 -15.68
C ARG C 536 13.26 4.30 -16.62
N ALA C 537 12.95 3.99 -17.86
CA ALA C 537 13.99 3.58 -18.82
C ALA C 537 14.79 4.82 -19.20
N ARG C 538 15.56 5.31 -18.24
CA ARG C 538 16.37 6.51 -18.43
C ARG C 538 17.67 6.11 -19.14
N ALA C 539 17.51 5.68 -20.38
CA ALA C 539 18.64 5.23 -21.18
C ALA C 539 18.29 5.36 -22.66
N ASP C 540 19.32 5.35 -23.50
CA ASP C 540 19.13 5.38 -24.94
C ASP C 540 18.60 4.04 -25.44
N GLU C 541 18.01 4.07 -26.64
CA GLU C 541 17.38 2.92 -27.29
C GLU C 541 16.56 2.12 -26.28
N SER C 542 15.97 2.84 -25.34
CA SER C 542 15.21 2.21 -24.28
C SER C 542 14.02 1.44 -24.85
N THR C 543 13.78 0.26 -24.29
CA THR C 543 12.73 -0.62 -24.76
C THR C 543 11.74 -0.87 -23.63
N TYR C 544 10.47 -0.63 -23.91
CA TYR C 544 9.38 -0.86 -22.97
C TYR C 544 8.56 -2.02 -23.49
N VAL C 545 8.47 -3.08 -22.69
CA VAL C 545 7.80 -4.31 -23.10
C VAL C 545 6.64 -4.56 -22.17
N LEU C 546 5.47 -4.81 -22.76
CA LEU C 546 4.31 -5.22 -21.98
C LEU C 546 4.10 -6.72 -22.22
N VAL C 547 3.92 -7.47 -21.14
CA VAL C 547 3.70 -8.90 -21.22
C VAL C 547 2.37 -9.22 -20.56
N ALA C 548 1.53 -9.96 -21.26
CA ALA C 548 0.26 -10.42 -20.69
C ALA C 548 -0.32 -11.48 -21.60
N HIS C 549 -1.40 -12.10 -21.13
CA HIS C 549 -2.15 -13.04 -21.94
C HIS C 549 -3.54 -12.46 -22.19
N SER C 550 -4.07 -12.74 -23.38
CA SER C 550 -5.30 -12.07 -23.84
C SER C 550 -6.52 -12.46 -23.01
N GLY C 551 -6.35 -13.36 -22.04
CA GLY C 551 -7.48 -13.80 -21.25
C GLY C 551 -8.15 -12.68 -20.49
N SER C 552 -7.35 -11.84 -19.84
CA SER C 552 -7.88 -10.74 -19.05
C SER C 552 -7.90 -9.46 -19.86
N GLY C 553 -8.43 -8.40 -19.24
CA GLY C 553 -8.45 -7.09 -19.84
C GLY C 553 -7.16 -6.33 -19.61
N VAL C 554 -6.11 -6.66 -20.37
CA VAL C 554 -4.84 -5.99 -20.18
C VAL C 554 -4.58 -5.00 -21.31
N ILE C 555 -4.51 -5.50 -22.55
CA ILE C 555 -4.19 -4.64 -23.67
C ILE C 555 -5.25 -3.56 -23.83
N GLU C 556 -6.50 -3.89 -23.52
CA GLU C 556 -7.56 -2.90 -23.56
C GLU C 556 -7.35 -1.83 -22.51
N ARG C 557 -6.88 -2.21 -21.33
CA ARG C 557 -6.49 -1.22 -20.34
C ARG C 557 -5.37 -0.34 -20.88
N GLU C 558 -4.41 -0.94 -21.58
CA GLU C 558 -3.36 -0.15 -22.20
C GLU C 558 -3.92 0.83 -23.20
N THR C 559 -4.89 0.40 -24.01
CA THR C 559 -5.48 1.27 -25.02
C THR C 559 -6.16 2.46 -24.37
N VAL C 560 -7.03 2.20 -23.39
CA VAL C 560 -7.75 3.30 -22.75
C VAL C 560 -6.77 4.20 -22.03
N ASN C 561 -5.72 3.63 -21.44
CA ASN C 561 -4.71 4.45 -20.81
C ASN C 561 -4.07 5.38 -21.83
N ASP C 562 -3.77 4.87 -23.03
CA ASP C 562 -3.18 5.70 -24.07
C ASP C 562 -4.06 6.90 -24.40
N PHE C 563 -5.33 6.63 -24.69
CA PHE C 563 -6.22 7.73 -25.06
C PHE C 563 -6.36 8.71 -23.92
N ARG C 564 -6.41 8.20 -22.68
CA ARG C 564 -6.49 9.07 -21.53
C ARG C 564 -5.27 9.98 -21.44
N GLU C 565 -4.10 9.42 -21.73
CA GLU C 565 -2.89 10.23 -21.74
C GLU C 565 -3.03 11.40 -22.71
N LYS C 566 -3.49 11.12 -23.93
CA LYS C 566 -3.62 12.20 -24.91
C LYS C 566 -4.61 13.25 -24.43
N MET C 567 -5.73 12.82 -23.86
CA MET C 567 -6.65 13.77 -23.25
C MET C 567 -5.93 14.68 -22.29
N MET C 568 -5.04 14.12 -21.48
CA MET C 568 -4.41 14.92 -20.44
C MET C 568 -3.53 16.00 -21.05
N TYR C 569 -2.71 15.63 -22.03
CA TYR C 569 -1.84 16.63 -22.66
C TYR C 569 -2.66 17.75 -23.30
N LYS C 570 -3.71 17.39 -24.05
CA LYS C 570 -4.49 18.43 -24.70
C LYS C 570 -5.13 19.35 -23.67
N ALA C 571 -5.64 18.77 -22.58
CA ALA C 571 -6.34 19.59 -21.59
C ALA C 571 -5.39 20.51 -20.87
N ILE C 572 -4.19 20.04 -20.53
CA ILE C 572 -3.25 20.92 -19.85
C ILE C 572 -2.85 22.05 -20.79
N HIS C 573 -2.79 21.77 -22.09
CA HIS C 573 -2.60 22.85 -23.05
C HIS C 573 -3.79 23.80 -23.05
N CYS C 574 -4.99 23.29 -22.82
CA CYS C 574 -6.18 24.13 -22.77
C CYS C 574 -6.13 25.09 -21.59
N VAL C 575 -5.92 24.56 -20.38
CA VAL C 575 -5.86 25.42 -19.21
C VAL C 575 -4.65 26.33 -19.27
N GLN C 576 -3.57 25.85 -19.87
CA GLN C 576 -2.37 26.66 -20.10
C GLN C 576 -2.71 28.03 -20.68
N ASN C 577 -3.85 28.17 -21.32
CA ASN C 577 -4.23 29.37 -22.06
C ASN C 577 -5.59 29.89 -21.60
N MET C 578 -5.76 30.05 -20.30
CA MET C 578 -6.96 30.69 -19.78
C MET C 578 -6.67 32.14 -19.40
N LYS C 579 -7.74 32.88 -19.15
CA LYS C 579 -7.70 34.31 -18.86
C LYS C 579 -7.51 34.53 -17.36
N PRO C 580 -6.53 35.36 -16.97
CA PRO C 580 -6.09 35.37 -15.57
C PRO C 580 -7.19 35.64 -14.57
N GLU C 581 -8.11 36.57 -14.85
CA GLU C 581 -9.13 36.88 -13.87
C GLU C 581 -10.08 35.71 -13.68
N GLU C 582 -10.52 35.09 -14.78
CA GLU C 582 -11.36 33.91 -14.67
C GLU C 582 -10.61 32.80 -13.95
N TYR C 583 -9.31 32.68 -14.24
CA TYR C 583 -8.47 31.74 -13.52
C TYR C 583 -8.54 31.98 -12.03
N ALA C 584 -8.38 33.24 -11.62
CA ALA C 584 -8.41 33.55 -10.19
C ALA C 584 -9.75 33.23 -9.57
N HIS C 585 -10.84 33.60 -10.26
CA HIS C 585 -12.16 33.34 -9.70
C HIS C 585 -12.39 31.86 -9.50
N LYS C 586 -12.14 31.07 -10.55
CA LYS C 586 -12.35 29.64 -10.46
C LYS C 586 -11.48 29.04 -9.37
N ILE C 587 -10.22 29.46 -9.30
CA ILE C 587 -9.31 28.93 -8.29
C ILE C 587 -9.85 29.19 -6.90
N LEU C 588 -10.21 30.43 -6.62
CA LEU C 588 -10.72 30.79 -5.31
C LEU C 588 -11.94 29.96 -4.94
N GLU C 589 -12.87 29.81 -5.87
CA GLU C 589 -14.08 29.07 -5.59
C GLU C 589 -13.74 27.63 -5.22
N LEU C 590 -12.81 27.02 -5.96
CA LEU C 590 -12.41 25.66 -5.63
C LEU C 590 -11.81 25.58 -4.24
N GLN C 591 -10.98 26.58 -3.88
CA GLN C 591 -10.42 26.62 -2.54
C GLN C 591 -11.51 26.53 -1.51
N MET C 592 -12.56 27.32 -1.69
CA MET C 592 -13.67 27.28 -0.75
C MET C 592 -14.25 25.88 -0.68
N GLN C 593 -14.54 25.30 -1.84
CA GLN C 593 -15.26 24.04 -1.89
C GLN C 593 -14.60 23.00 -1.00
N SER C 594 -13.29 22.86 -1.10
CA SER C 594 -12.61 21.83 -0.32
C SER C 594 -12.83 22.05 1.17
N ILE C 595 -12.77 23.30 1.62
CA ILE C 595 -12.87 23.58 3.04
C ILE C 595 -14.24 23.22 3.56
N MET C 596 -15.30 23.69 2.89
CA MET C 596 -16.64 23.39 3.40
C MET C 596 -16.89 21.90 3.41
N GLU C 597 -16.47 21.19 2.36
CA GLU C 597 -16.67 19.75 2.33
C GLU C 597 -15.92 19.07 3.46
N LYS C 598 -14.72 19.55 3.78
CA LYS C 598 -13.98 18.98 4.89
C LYS C 598 -14.73 19.16 6.20
N LYS C 599 -15.31 20.34 6.41
CA LYS C 599 -16.08 20.57 7.63
C LYS C 599 -17.28 19.63 7.69
N MET C 600 -17.99 19.45 6.58
CA MET C 600 -19.14 18.56 6.57
C MET C 600 -18.72 17.13 6.89
N LYS C 601 -17.63 16.67 6.29
CA LYS C 601 -17.14 15.34 6.61
C LYS C 601 -16.77 15.24 8.08
N THR C 602 -16.26 16.33 8.65
CA THR C 602 -15.88 16.31 10.05
C THR C 602 -17.07 16.03 10.94
N LYS C 603 -18.17 16.76 10.74
CA LYS C 603 -19.35 16.54 11.57
C LYS C 603 -19.93 15.15 11.31
N ARG C 604 -19.90 14.69 10.06
CA ARG C 604 -20.39 13.35 9.76
C ARG C 604 -19.61 12.31 10.53
N ASN C 605 -18.28 12.42 10.55
CA ASN C 605 -17.46 11.43 11.23
C ASN C 605 -17.70 11.46 12.73
N ILE C 606 -17.69 12.66 13.32
CA ILE C 606 -17.80 12.74 14.77
C ILE C 606 -19.17 12.24 15.24
N ALA C 607 -20.22 12.48 14.47
CA ALA C 607 -21.51 11.90 14.81
C ALA C 607 -21.53 10.39 14.55
N LYS C 608 -20.74 9.93 13.58
CA LYS C 608 -20.70 8.49 13.28
C LYS C 608 -20.07 7.69 14.41
N HIS C 609 -19.25 8.33 15.24
CA HIS C 609 -18.51 7.59 16.26
C HIS C 609 -19.43 6.90 17.25
N TYR C 610 -20.58 7.50 17.56
CA TYR C 610 -21.51 6.95 18.53
C TYR C 610 -22.11 5.64 18.02
N ASN C 612 -21.83 3.88 25.17
CA ASN C 612 -21.13 2.68 24.73
C ASN C 612 -20.67 1.85 25.92
N ASN C 613 -21.52 0.92 26.35
CA ASN C 613 -21.22 0.09 27.51
C ASN C 613 -20.00 -0.78 27.22
N PRO C 614 -18.95 -0.72 28.06
CA PRO C 614 -17.84 -1.67 27.91
C PRO C 614 -18.16 -3.07 28.36
N SER C 615 -19.37 -3.35 28.83
CA SER C 615 -19.76 -4.68 29.28
C SER C 615 -20.90 -5.27 28.45
N LEU C 616 -21.42 -4.55 27.47
CA LEU C 616 -22.67 -4.94 26.84
C LEU C 616 -22.52 -6.22 26.02
N ILE C 617 -21.33 -6.46 25.46
CA ILE C 617 -21.16 -7.51 24.49
C ILE C 617 -20.43 -8.71 25.11
N THR C 618 -20.43 -9.82 24.38
CA THR C 618 -19.71 -11.03 24.73
C THR C 618 -19.19 -11.67 23.46
N PHE C 619 -18.10 -12.41 23.58
CA PHE C 619 -17.38 -12.93 22.42
C PHE C 619 -17.52 -14.44 22.31
N LEU C 620 -17.65 -14.93 21.09
CA LEU C 620 -17.87 -16.34 20.80
C LEU C 620 -16.92 -16.78 19.70
N CYS C 621 -16.60 -18.08 19.69
CA CYS C 621 -15.81 -18.64 18.60
C CYS C 621 -16.58 -18.54 17.28
N LYS C 622 -15.86 -18.67 16.17
CA LYS C 622 -16.52 -18.91 14.90
C LYS C 622 -16.62 -20.38 14.57
N ASN C 623 -15.51 -21.12 14.71
CA ASN C 623 -15.55 -22.55 14.42
C ASN C 623 -16.48 -23.27 15.37
N CYS C 624 -16.30 -23.09 16.67
CA CYS C 624 -17.35 -23.40 17.62
C CYS C 624 -18.14 -22.12 17.87
N SER C 625 -19.04 -22.14 18.83
CA SER C 625 -19.72 -20.92 19.23
C SER C 625 -19.68 -20.76 20.74
N VAL C 626 -18.79 -21.50 21.40
CA VAL C 626 -18.71 -21.44 22.86
C VAL C 626 -18.38 -20.02 23.29
N LEU C 627 -19.09 -19.54 24.30
CA LEU C 627 -18.82 -18.21 24.84
C LEU C 627 -17.36 -18.13 25.29
N ALA C 628 -16.70 -17.05 24.92
CA ALA C 628 -15.29 -16.86 25.27
C ALA C 628 -15.13 -16.01 26.51
N CYS C 629 -15.66 -14.79 26.50
CA CYS C 629 -15.59 -13.89 27.64
C CYS C 629 -16.55 -12.73 27.37
N SER C 630 -16.72 -11.90 28.39
CA SER C 630 -17.65 -10.78 28.31
C SER C 630 -16.87 -9.48 28.13
N GLY C 631 -17.61 -8.38 28.10
CA GLY C 631 -17.01 -7.10 27.77
C GLY C 631 -16.02 -6.62 28.83
N GLU C 632 -16.28 -6.93 30.09
CA GLU C 632 -15.47 -6.36 31.16
C GLU C 632 -14.09 -7.00 31.27
N ASP C 633 -13.84 -8.08 30.55
CA ASP C 633 -12.59 -8.82 30.70
C ASP C 633 -11.44 -8.27 29.89
N ILE C 634 -11.69 -7.33 28.98
CA ILE C 634 -10.68 -6.89 28.02
C ILE C 634 -10.10 -5.56 28.46
N HIS C 635 -8.77 -5.46 28.38
CA HIS C 635 -8.05 -4.24 28.72
C HIS C 635 -7.04 -3.96 27.62
N VAL C 636 -6.66 -2.70 27.48
CA VAL C 636 -5.83 -2.25 26.36
C VAL C 636 -4.49 -1.79 26.89
N ILE C 637 -3.45 -2.02 26.10
CA ILE C 637 -2.11 -1.53 26.38
C ILE C 637 -1.83 -0.36 25.46
N GLU C 638 -1.63 0.81 26.06
CA GLU C 638 -1.19 2.01 25.37
C GLU C 638 -2.11 2.35 24.19
N LYS C 639 -3.40 2.13 24.39
CA LYS C 639 -4.40 2.33 23.33
C LYS C 639 -4.07 1.53 22.09
N MET C 640 -3.20 0.53 22.20
CA MET C 640 -2.68 -0.17 21.04
C MET C 640 -3.11 -1.62 20.97
N HIS C 641 -3.02 -2.38 22.07
CA HIS C 641 -3.23 -3.81 21.97
C HIS C 641 -4.26 -4.27 23.00
N HIS C 642 -5.32 -4.89 22.53
CA HIS C 642 -6.33 -5.48 23.40
C HIS C 642 -5.83 -6.81 23.93
N VAL C 643 -6.27 -7.17 25.13
CA VAL C 643 -5.74 -8.35 25.81
C VAL C 643 -6.68 -8.70 26.95
N ASN C 644 -6.62 -9.96 27.40
CA ASN C 644 -7.42 -10.43 28.51
C ASN C 644 -6.54 -11.05 29.59
N MET C 645 -6.86 -10.74 30.85
CA MET C 645 -6.14 -11.20 32.02
C MET C 645 -6.86 -12.30 32.79
N THR C 646 -8.12 -12.57 32.46
CA THR C 646 -8.97 -13.40 33.29
C THR C 646 -8.39 -14.80 33.47
N PRO C 647 -8.30 -15.31 34.71
CA PRO C 647 -7.60 -16.59 34.91
C PRO C 647 -8.36 -17.80 34.41
N GLU C 648 -9.67 -17.87 34.66
CA GLU C 648 -10.44 -18.97 34.10
C GLU C 648 -10.37 -18.94 32.57
N PHE C 649 -10.49 -17.76 31.99
CA PHE C 649 -10.30 -17.61 30.55
C PHE C 649 -8.93 -18.14 30.14
N LYS C 650 -7.93 -18.02 31.02
CA LYS C 650 -6.65 -18.66 30.74
C LYS C 650 -6.81 -20.18 30.66
N GLU C 651 -7.68 -20.74 31.50
CA GLU C 651 -7.87 -22.19 31.45
C GLU C 651 -8.57 -22.62 30.17
N LEU C 652 -9.45 -21.79 29.60
CA LEU C 652 -10.25 -22.23 28.46
C LEU C 652 -9.39 -22.60 27.25
N TYR C 653 -8.42 -21.76 26.88
CA TYR C 653 -7.77 -21.92 25.60
C TYR C 653 -6.60 -22.90 25.69
N ILE C 654 -5.85 -23.00 24.59
CA ILE C 654 -4.65 -23.82 24.52
C ILE C 654 -3.52 -23.01 23.93
N VAL C 655 -2.32 -23.13 24.50
CA VAL C 655 -1.13 -22.55 23.89
C VAL C 655 -0.55 -23.54 22.89
N ARG C 656 0.24 -23.03 21.94
CA ARG C 656 0.93 -23.91 21.02
C ARG C 656 2.17 -23.21 20.51
N GLU C 657 3.23 -23.99 20.28
CA GLU C 657 4.48 -23.48 19.73
C GLU C 657 4.98 -24.40 18.62
N LYS C 658 5.75 -23.82 17.72
CA LYS C 658 6.32 -24.55 16.58
C LYS C 658 7.60 -25.27 17.00
N GLN C 669 8.81 -21.73 21.70
CA GLN C 669 8.88 -20.49 20.96
C GLN C 669 8.71 -19.30 21.89
N ILE C 670 9.21 -18.14 21.45
CA ILE C 670 9.20 -16.94 22.27
C ILE C 670 7.76 -16.49 22.53
N ASN C 671 6.88 -16.67 21.55
CA ASN C 671 5.46 -16.42 21.70
C ASN C 671 4.69 -17.69 21.39
N GLY C 672 3.58 -17.88 22.09
CA GLY C 672 2.67 -18.98 21.84
C GLY C 672 1.43 -18.50 21.11
N GLU C 673 0.89 -19.37 20.27
CA GLU C 673 -0.36 -19.08 19.58
C GLU C 673 -1.51 -19.77 20.28
N ILE C 674 -2.61 -19.05 20.39
CA ILE C 674 -3.79 -19.58 21.07
C ILE C 674 -4.58 -20.44 20.11
N ILE C 675 -5.10 -21.55 20.64
CA ILE C 675 -5.88 -22.49 19.86
C ILE C 675 -7.16 -22.80 20.61
N CYS C 676 -8.28 -22.78 19.88
CA CYS C 676 -9.57 -23.11 20.46
C CYS C 676 -9.69 -24.61 20.66
N LYS C 677 -10.86 -25.03 21.15
CA LYS C 677 -11.16 -26.45 21.17
C LYS C 677 -11.37 -26.97 19.75
N CYS C 678 -11.94 -26.14 18.88
CA CYS C 678 -12.08 -26.49 17.48
C CYS C 678 -10.75 -26.59 16.77
N GLY C 679 -9.73 -25.90 17.29
CA GLY C 679 -8.46 -25.77 16.62
C GLY C 679 -8.23 -24.42 15.98
N GLN C 680 -9.23 -23.56 15.96
CA GLN C 680 -9.07 -22.23 15.40
C GLN C 680 -8.23 -21.36 16.34
N ALA C 681 -7.40 -20.50 15.76
CA ALA C 681 -6.55 -19.63 16.55
C ALA C 681 -7.35 -18.49 17.15
N TRP C 682 -6.90 -18.00 18.29
CA TRP C 682 -7.53 -16.84 18.91
C TRP C 682 -6.59 -15.65 19.05
N GLY C 683 -5.40 -15.85 19.58
CA GLY C 683 -4.50 -14.74 19.84
C GLY C 683 -3.08 -15.23 19.99
N THR C 684 -2.23 -14.35 20.51
CA THR C 684 -0.82 -14.65 20.66
C THR C 684 -0.36 -14.22 22.04
N MET C 685 0.56 -14.99 22.61
CA MET C 685 1.12 -14.65 23.90
C MET C 685 2.03 -13.43 23.74
N MET C 686 1.99 -12.54 24.73
CA MET C 686 2.83 -11.34 24.74
C MET C 686 3.29 -11.10 26.16
N VAL C 687 4.44 -10.47 26.31
CA VAL C 687 4.98 -10.15 27.62
C VAL C 687 5.14 -8.63 27.70
N HIS C 688 4.61 -8.03 28.75
CA HIS C 688 4.57 -6.58 28.85
C HIS C 688 4.75 -6.14 30.28
N LYS C 689 5.69 -5.23 30.48
CA LYS C 689 5.95 -4.62 31.79
C LYS C 689 6.15 -5.67 32.86
N GLY C 690 6.79 -6.76 32.49
CA GLY C 690 7.07 -7.85 33.41
C GLY C 690 5.92 -8.80 33.67
N LEU C 691 4.83 -8.70 32.92
CA LEU C 691 3.68 -9.58 33.08
C LEU C 691 3.60 -10.55 31.91
N ASP C 692 3.04 -11.73 32.15
CA ASP C 692 2.80 -12.71 31.10
C ASP C 692 1.32 -12.77 30.79
N LEU C 693 0.98 -12.69 29.50
CA LEU C 693 -0.39 -12.33 29.16
C LEU C 693 -0.72 -12.62 27.70
N PRO C 694 -1.83 -13.33 27.42
CA PRO C 694 -2.20 -13.59 26.03
C PRO C 694 -3.21 -12.59 25.49
N CYS C 695 -3.01 -12.17 24.24
CA CYS C 695 -3.90 -11.22 23.59
C CYS C 695 -4.85 -11.95 22.66
N LEU C 696 -5.76 -11.18 22.05
CA LEU C 696 -6.76 -11.73 21.15
C LEU C 696 -6.95 -10.79 19.97
N LYS C 697 -7.35 -11.36 18.84
CA LYS C 697 -7.67 -10.61 17.64
C LYS C 697 -9.17 -10.65 17.39
N ILE C 698 -9.77 -9.47 17.20
CA ILE C 698 -11.20 -9.38 17.01
C ILE C 698 -11.66 -10.15 15.79
N ARG C 699 -10.77 -10.33 14.80
CA ARG C 699 -11.12 -11.15 13.65
C ARG C 699 -11.40 -12.58 14.03
N ASN C 700 -10.78 -13.07 15.10
CA ASN C 700 -10.88 -14.46 15.49
C ASN C 700 -12.18 -14.78 16.20
N PHE C 701 -12.99 -13.78 16.52
CA PHE C 701 -14.14 -14.01 17.38
C PHE C 701 -15.44 -13.59 16.72
N VAL C 702 -16.52 -13.57 17.50
CA VAL C 702 -17.83 -13.09 17.07
C VAL C 702 -18.40 -12.25 18.19
N VAL C 703 -18.94 -11.08 17.85
CA VAL C 703 -19.53 -10.18 18.84
C VAL C 703 -20.99 -10.54 19.03
N VAL C 704 -21.46 -10.51 20.27
CA VAL C 704 -22.87 -10.70 20.61
C VAL C 704 -23.27 -9.60 21.58
N PHE C 705 -24.30 -8.85 21.22
CA PHE C 705 -24.83 -7.79 22.06
C PHE C 705 -25.87 -8.37 23.02
N LYS C 706 -26.42 -7.52 23.87
CA LYS C 706 -27.46 -7.94 24.81
C LYS C 706 -28.80 -7.28 24.57
N ASN C 707 -28.85 -6.17 23.83
CA ASN C 707 -30.13 -5.57 23.47
C ASN C 707 -30.70 -6.26 22.23
N ASN C 708 -29.86 -6.51 21.23
CA ASN C 708 -30.25 -7.21 20.02
C ASN C 708 -29.30 -8.38 19.83
N SER C 709 -29.84 -9.58 19.67
CA SER C 709 -29.02 -10.78 19.51
C SER C 709 -28.68 -10.96 18.03
N THR C 710 -27.81 -10.08 17.54
CA THR C 710 -27.26 -10.17 16.20
C THR C 710 -25.82 -10.65 16.26
N LYS C 711 -25.46 -11.47 15.29
CA LYS C 711 -24.12 -12.05 15.22
C LYS C 711 -23.33 -11.28 14.17
N LYS C 712 -22.30 -10.56 14.63
CA LYS C 712 -21.56 -9.66 13.76
C LYS C 712 -20.07 -9.92 13.89
N GLN C 713 -19.33 -9.45 12.88
CA GLN C 713 -17.89 -9.57 12.84
C GLN C 713 -17.29 -8.24 12.40
N TYR C 714 -16.02 -8.05 12.71
CA TYR C 714 -15.29 -6.87 12.27
C TYR C 714 -13.84 -7.26 12.03
N LYS C 715 -13.28 -6.82 10.90
CA LYS C 715 -11.91 -7.19 10.58
C LYS C 715 -10.91 -6.53 11.52
N LYS C 716 -11.20 -5.31 11.98
CA LYS C 716 -10.28 -4.57 12.81
C LYS C 716 -11.03 -4.10 14.06
N TRP C 717 -10.30 -3.49 14.99
CA TRP C 717 -10.95 -3.10 16.25
C TRP C 717 -11.61 -1.74 16.17
N VAL C 718 -11.24 -0.90 15.19
CA VAL C 718 -11.73 0.47 15.22
C VAL C 718 -13.22 0.55 14.92
N GLU C 719 -13.79 -0.44 14.22
CA GLU C 719 -15.21 -0.35 13.91
C GLU C 719 -16.06 -0.45 15.16
N LEU C 720 -15.65 -1.27 16.12
CA LEU C 720 -16.49 -1.53 17.27
C LEU C 720 -16.61 -0.28 18.14
N PRO C 721 -17.81 0.21 18.41
CA PRO C 721 -17.95 1.47 19.16
C PRO C 721 -17.64 1.35 20.64
N ILE C 722 -17.25 0.17 21.11
CA ILE C 722 -16.95 0.00 22.52
C ILE C 722 -15.64 0.68 22.88
N THR C 723 -15.55 1.13 24.13
CA THR C 723 -14.34 1.71 24.67
C THR C 723 -13.93 0.89 25.89
N PHE C 724 -12.65 0.61 26.01
CA PHE C 724 -12.24 -0.29 27.06
C PHE C 724 -11.44 0.43 28.14
N PRO C 725 -11.52 -0.02 29.39
CA PRO C 725 -10.60 0.46 30.40
C PRO C 725 -9.19 -0.03 30.11
N ASN C 726 -8.22 0.74 30.59
CA ASN C 726 -6.82 0.40 30.37
C ASN C 726 -6.37 -0.64 31.38
N LEU C 727 -5.05 -0.80 31.48
CA LEU C 727 -4.47 -1.79 32.38
C LEU C 727 -3.77 -1.10 33.53
N ASP C 728 -5.99 -2.39 35.16
CA ASP C 728 -5.34 -2.16 36.44
C ASP C 728 -4.03 -2.94 36.54
N TYR C 729 -2.92 -2.22 36.60
CA TYR C 729 -1.62 -2.89 36.69
C TYR C 729 -1.31 -3.38 38.10
N SER C 730 -2.14 -3.02 39.09
CA SER C 730 -1.86 -3.45 40.46
C SER C 730 -1.92 -4.95 40.63
N GLU C 731 -2.34 -5.70 39.62
CA GLU C 731 -2.40 -7.15 39.69
C GLU C 731 -1.13 -7.77 39.14
N PRO D 10 16.51 -14.43 -61.56
CA PRO D 10 17.51 -14.75 -62.58
C PRO D 10 18.90 -14.90 -61.99
N LEU D 11 19.28 -13.97 -61.12
CA LEU D 11 20.59 -14.04 -60.49
C LEU D 11 20.74 -15.30 -59.66
N ARG D 12 19.66 -15.75 -59.02
CA ARG D 12 19.73 -16.99 -58.27
C ARG D 12 20.01 -18.18 -59.18
N ARG D 13 19.47 -18.16 -60.41
CA ARG D 13 19.86 -19.15 -61.40
C ARG D 13 21.34 -19.01 -61.76
N LYS D 14 21.78 -17.77 -61.99
CA LYS D 14 23.20 -17.54 -62.29
C LYS D 14 24.08 -18.03 -61.16
N LEU D 15 23.53 -18.14 -59.95
CA LEU D 15 24.30 -18.64 -58.82
C LEU D 15 24.30 -20.15 -58.77
N TRP D 16 23.13 -20.77 -58.91
CA TRP D 16 22.94 -22.14 -58.45
C TRP D 16 23.87 -23.16 -59.10
N GLN D 17 24.64 -22.78 -60.12
CA GLN D 17 25.60 -23.74 -60.64
C GLN D 17 26.82 -23.87 -59.74
N ASN D 18 27.06 -22.91 -58.85
CA ASN D 18 28.05 -23.05 -57.78
C ASN D 18 27.38 -23.29 -56.43
N TYR D 19 26.12 -23.72 -56.46
CA TYR D 19 25.42 -24.16 -55.26
C TYR D 19 26.11 -25.39 -54.68
N ARG D 20 26.15 -25.47 -53.36
CA ARG D 20 26.74 -26.61 -52.65
C ARG D 20 25.80 -27.07 -51.56
N ASN D 21 25.67 -28.39 -51.41
CA ASN D 21 24.84 -28.96 -50.35
C ASN D 21 25.68 -29.21 -49.11
N LEU D 22 25.03 -29.19 -47.94
CA LEU D 22 25.75 -29.20 -46.68
C LEU D 22 25.06 -30.12 -45.67
N THR D 23 25.82 -30.50 -44.63
CA THR D 23 25.29 -31.26 -43.50
C THR D 23 26.22 -31.08 -42.32
N PHE D 24 25.67 -31.30 -41.12
CA PHE D 24 26.31 -30.87 -39.88
C PHE D 24 27.35 -31.90 -39.42
N ASP D 25 27.85 -31.70 -38.19
CA ASP D 25 28.67 -32.67 -37.49
C ASP D 25 28.06 -32.87 -36.11
N PRO D 26 27.69 -34.11 -35.74
CA PRO D 26 27.11 -34.32 -34.41
C PRO D 26 28.07 -34.04 -33.28
N VAL D 27 29.37 -34.22 -33.50
CA VAL D 27 30.33 -33.99 -32.43
C VAL D 27 30.35 -32.53 -32.01
N SER D 28 30.28 -31.62 -32.97
CA SER D 28 30.34 -30.20 -32.68
C SER D 28 29.02 -29.61 -32.22
N ALA D 29 27.94 -30.37 -32.30
CA ALA D 29 26.64 -29.86 -31.85
C ALA D 29 26.65 -29.63 -30.36
N ASN D 30 25.92 -28.61 -29.92
CA ASN D 30 25.89 -28.26 -28.51
C ASN D 30 24.90 -29.15 -27.76
N ARG D 31 24.91 -29.04 -26.44
CA ARG D 31 24.13 -29.94 -25.59
C ARG D 31 22.65 -29.83 -25.90
N HIS D 32 22.06 -28.64 -25.71
CA HIS D 32 20.63 -28.47 -25.92
C HIS D 32 20.23 -28.61 -27.37
N PHE D 33 21.18 -28.64 -28.29
CA PHE D 33 20.86 -28.70 -29.70
C PHE D 33 20.50 -30.13 -30.11
N TYR D 34 19.85 -30.24 -31.28
CA TYR D 34 19.40 -31.53 -31.77
C TYR D 34 19.48 -31.50 -33.29
N LEU D 35 19.91 -32.62 -33.87
CA LEU D 35 20.04 -32.75 -35.30
C LEU D 35 18.97 -33.69 -35.84
N SER D 36 18.55 -33.45 -37.06
CA SER D 36 17.45 -34.20 -37.64
C SER D 36 17.41 -33.97 -39.15
N ARG D 37 16.45 -34.64 -39.80
CA ARG D 37 16.26 -34.59 -41.24
C ARG D 37 17.58 -34.88 -41.97
N GLN D 38 18.05 -36.10 -41.78
CA GLN D 38 19.28 -36.59 -42.42
C GLN D 38 20.42 -35.63 -42.14
N ASP D 39 20.49 -35.14 -40.91
CA ASP D 39 21.51 -34.19 -40.47
C ASP D 39 21.54 -32.96 -41.36
N GLN D 40 20.36 -32.47 -41.72
CA GLN D 40 20.24 -31.23 -42.49
C GLN D 40 19.37 -30.20 -41.79
N GLN D 41 18.85 -30.52 -40.61
CA GLN D 41 18.02 -29.62 -39.82
C GLN D 41 18.51 -29.62 -38.39
N VAL D 42 18.52 -28.46 -37.75
CA VAL D 42 18.95 -28.36 -36.36
C VAL D 42 17.88 -27.61 -35.58
N LYS D 43 17.58 -28.11 -34.39
CA LYS D 43 16.55 -27.55 -33.54
C LYS D 43 17.11 -27.34 -32.13
N HIS D 44 16.55 -26.36 -31.44
CA HIS D 44 16.98 -26.02 -30.10
C HIS D 44 15.86 -26.30 -29.12
N LEU D 45 16.20 -26.93 -28.00
CA LEU D 45 15.23 -27.27 -26.98
C LEU D 45 15.77 -26.92 -25.61
N ARG D 46 14.85 -26.64 -24.69
CA ARG D 46 15.25 -26.35 -23.31
C ARG D 46 15.91 -27.56 -22.67
N GLN D 47 15.39 -28.75 -22.94
CA GLN D 47 15.97 -29.96 -22.39
C GLN D 47 17.33 -30.25 -23.02
N SER D 48 18.24 -30.79 -22.21
CA SER D 48 19.57 -31.12 -22.68
C SER D 48 19.61 -32.52 -23.30
N ARG D 49 20.47 -32.68 -24.28
CA ARG D 49 20.74 -33.99 -24.88
C ARG D 49 21.89 -34.68 -24.16
N GLY D 50 21.78 -34.78 -22.84
CA GLY D 50 22.87 -35.32 -22.04
C GLY D 50 24.00 -34.31 -21.93
N PRO D 51 25.11 -34.72 -21.32
CA PRO D 51 26.26 -33.82 -21.23
C PRO D 51 26.86 -33.56 -22.61
N GLY D 52 27.49 -32.40 -22.74
CA GLY D 52 28.11 -32.01 -23.99
C GLY D 52 29.30 -32.88 -24.36
N GLY D 53 30.36 -32.78 -23.57
CA GLY D 53 31.55 -33.57 -23.81
C GLY D 53 32.50 -32.92 -24.79
N PRO D 54 33.61 -33.60 -25.08
CA PRO D 54 34.63 -33.02 -25.95
C PRO D 54 34.14 -32.89 -27.38
N GLY D 55 34.81 -32.01 -28.12
CA GLY D 55 34.48 -31.80 -29.52
C GLY D 55 33.24 -30.98 -29.76
N SER D 56 32.56 -30.53 -28.71
CA SER D 56 31.33 -29.77 -28.83
C SER D 56 31.58 -28.32 -28.42
N PHE D 57 30.97 -27.41 -29.15
CA PHE D 57 31.13 -25.98 -28.87
C PHE D 57 30.32 -25.61 -27.64
N GLU D 58 30.98 -25.07 -26.63
CA GLU D 58 30.29 -24.67 -25.41
C GLU D 58 29.24 -23.61 -25.72
N LEU D 59 29.61 -22.59 -26.47
CA LEU D 59 28.66 -21.56 -26.86
C LEU D 59 27.75 -22.10 -27.95
N TRP D 60 26.63 -21.41 -28.15
CA TRP D 60 25.51 -21.96 -28.92
C TRP D 60 25.80 -21.85 -30.42
N GLN D 61 26.70 -22.69 -30.90
CA GLN D 61 27.03 -22.72 -32.30
C GLN D 61 27.23 -24.15 -32.77
N VAL D 62 27.00 -24.34 -34.07
CA VAL D 62 27.20 -25.62 -34.72
C VAL D 62 27.89 -25.40 -36.07
N GLN D 63 28.76 -26.32 -36.44
CA GLN D 63 29.48 -26.26 -37.70
C GLN D 63 29.17 -27.49 -38.52
N CYS D 64 29.09 -27.30 -39.83
CA CYS D 64 28.67 -28.38 -40.71
C CYS D 64 29.87 -29.18 -41.21
N ALA D 65 29.60 -30.39 -41.69
CA ALA D 65 30.66 -31.31 -42.09
C ALA D 65 31.48 -30.78 -43.26
N GLN D 66 30.96 -29.82 -44.01
CA GLN D 66 31.63 -29.34 -45.20
C GLN D 66 32.54 -28.16 -44.90
N SER D 67 33.64 -28.09 -45.66
CA SER D 67 34.51 -26.93 -45.68
C SER D 67 35.14 -26.85 -47.06
N PHE D 68 35.67 -25.67 -47.39
CA PHE D 68 36.08 -25.39 -48.77
C PHE D 68 37.55 -25.00 -48.78
N GLN D 69 38.38 -25.87 -49.36
CA GLN D 69 39.80 -25.60 -49.53
C GLN D 69 40.03 -24.61 -50.68
N HIS D 72 33.19 -21.30 -57.52
CA HIS D 72 33.28 -20.88 -56.13
C HIS D 72 32.12 -21.50 -55.36
N HIS D 73 31.65 -20.89 -54.28
CA HIS D 73 30.62 -21.56 -53.48
C HIS D 73 29.44 -20.65 -53.20
N TYR D 74 28.25 -21.24 -53.24
CA TYR D 74 26.99 -20.59 -52.93
C TYR D 74 26.12 -21.55 -52.14
N TRP D 75 25.33 -21.01 -51.23
CA TRP D 75 24.24 -21.84 -50.70
C TRP D 75 23.13 -21.01 -50.08
N GLU D 76 21.99 -21.68 -49.91
CA GLU D 76 20.75 -21.14 -49.37
C GLU D 76 20.47 -21.75 -48.00
N VAL D 77 19.89 -20.94 -47.11
CA VAL D 77 19.56 -21.37 -45.76
CA VAL D 77 19.56 -21.37 -45.76
C VAL D 77 18.23 -20.74 -45.36
N ARG D 78 17.36 -21.52 -44.74
CA ARG D 78 16.10 -21.02 -44.21
C ARG D 78 16.08 -21.14 -42.69
N ALA D 79 15.43 -20.17 -42.04
CA ALA D 79 15.43 -20.09 -40.59
C ALA D 79 14.02 -19.87 -40.07
N SER D 80 13.76 -20.39 -38.87
CA SER D 80 12.44 -20.27 -38.28
C SER D 80 12.11 -18.82 -37.91
N ASP D 81 13.01 -18.15 -37.19
CA ASP D 81 12.76 -16.80 -36.71
C ASP D 81 14.08 -16.08 -36.52
N HIS D 82 13.98 -14.78 -36.20
CA HIS D 82 15.14 -13.90 -36.19
C HIS D 82 15.96 -14.15 -34.93
N SER D 83 16.88 -13.22 -34.64
CA SER D 83 17.75 -13.29 -33.47
C SER D 83 18.71 -14.47 -33.57
N VAL D 84 19.29 -14.65 -34.76
CA VAL D 84 20.17 -15.78 -35.03
C VAL D 84 21.34 -15.29 -35.88
N THR D 85 22.41 -16.07 -35.88
CA THR D 85 23.64 -15.66 -36.53
C THR D 85 24.14 -16.73 -37.48
N LEU D 86 24.64 -16.30 -38.63
CA LEU D 86 25.19 -17.20 -39.64
C LEU D 86 26.56 -16.67 -40.04
N GLY D 87 27.54 -17.56 -40.19
CA GLY D 87 28.83 -17.10 -40.62
C GLY D 87 29.75 -18.24 -40.98
N VAL D 88 31.01 -17.90 -41.23
CA VAL D 88 32.02 -18.89 -41.60
C VAL D 88 33.33 -18.54 -40.89
N SER D 89 34.02 -19.56 -40.41
CA SER D 89 35.24 -19.36 -39.64
C SER D 89 36.35 -20.28 -40.13
N TYR D 90 37.58 -19.94 -39.72
CA TYR D 90 38.70 -20.84 -39.88
C TYR D 90 38.53 -22.03 -38.93
N PRO D 91 39.18 -23.15 -39.23
CA PRO D 91 39.10 -24.32 -38.32
C PRO D 91 39.72 -24.08 -36.95
N GLN D 92 40.37 -22.93 -36.73
CA GLN D 92 40.97 -22.60 -35.45
C GLN D 92 40.04 -21.79 -34.56
N LEU D 93 38.74 -21.86 -34.79
CA LEU D 93 37.80 -21.16 -33.93
C LEU D 93 37.84 -21.74 -32.52
N PRO D 94 37.80 -20.90 -31.49
CA PRO D 94 37.79 -21.42 -30.12
C PRO D 94 36.53 -22.24 -29.85
N ARG D 95 36.69 -23.26 -29.01
CA ARG D 95 35.58 -24.09 -28.59
C ARG D 95 35.20 -23.92 -27.12
N SER D 96 36.11 -23.42 -26.29
CA SER D 96 35.81 -23.17 -24.89
C SER D 96 35.07 -21.85 -24.75
N ARG D 97 34.83 -21.43 -23.51
CA ARG D 97 34.10 -20.20 -23.23
C ARG D 97 34.88 -19.37 -22.23
N LEU D 98 34.90 -18.06 -22.44
CA LEU D 98 35.49 -17.13 -21.50
C LEU D 98 34.62 -15.93 -21.19
N GLY D 99 33.69 -15.56 -22.08
CA GLY D 99 32.85 -14.42 -21.87
C GLY D 99 31.42 -14.83 -21.62
N PRO D 100 30.70 -14.06 -20.80
CA PRO D 100 29.31 -14.43 -20.50
C PRO D 100 28.42 -14.46 -21.73
N HIS D 101 28.66 -13.61 -22.72
CA HIS D 101 27.89 -13.66 -23.95
C HIS D 101 28.17 -14.96 -24.69
N THR D 102 27.11 -15.56 -25.23
CA THR D 102 27.19 -16.91 -25.79
C THR D 102 27.37 -16.90 -27.30
N ASP D 103 28.17 -15.98 -27.82
CA ASP D 103 28.57 -16.00 -29.22
C ASP D 103 30.03 -15.59 -29.35
N ASN D 104 30.79 -16.33 -30.16
CA ASN D 104 32.19 -16.03 -30.41
C ASN D 104 32.47 -15.47 -31.80
N ILE D 105 31.64 -15.79 -32.79
CA ILE D 105 31.97 -15.49 -34.17
C ILE D 105 31.97 -13.98 -34.39
N GLY D 106 32.94 -13.49 -35.16
CA GLY D 106 33.12 -12.09 -35.38
C GLY D 106 33.88 -11.36 -34.29
N ARG D 107 34.05 -11.99 -33.12
CA ARG D 107 34.85 -11.36 -32.07
C ARG D 107 36.31 -11.30 -32.46
N GLY D 108 36.83 -12.39 -33.03
CA GLY D 108 38.20 -12.44 -33.48
C GLY D 108 38.29 -12.35 -34.98
N PRO D 109 39.46 -11.92 -35.49
CA PRO D 109 39.64 -11.81 -36.94
C PRO D 109 39.67 -13.14 -37.68
N SER D 110 39.55 -14.26 -36.97
CA SER D 110 39.60 -15.57 -37.62
C SER D 110 38.26 -16.02 -38.18
N SER D 111 37.21 -15.21 -38.02
CA SER D 111 35.88 -15.59 -38.47
C SER D 111 35.16 -14.37 -39.04
N TRP D 112 34.14 -14.64 -39.83
CA TRP D 112 33.23 -13.62 -40.32
C TRP D 112 31.82 -14.07 -39.96
N GLY D 113 30.99 -13.15 -39.48
CA GLY D 113 29.65 -13.50 -39.08
C GLY D 113 28.67 -12.40 -39.44
N LEU D 114 27.39 -12.78 -39.43
CA LEU D 114 26.29 -11.84 -39.65
C LEU D 114 25.15 -12.27 -38.74
N CYS D 115 24.77 -11.39 -37.82
CA CYS D 115 23.68 -11.63 -36.89
C CYS D 115 22.46 -10.86 -37.36
N VAL D 116 21.34 -11.57 -37.48
CA VAL D 116 20.06 -11.00 -37.86
C VAL D 116 19.19 -10.91 -36.62
N GLN D 117 18.57 -9.74 -36.45
CA GLN D 117 17.66 -9.45 -35.37
C GLN D 117 16.42 -8.81 -35.95
N GLU D 118 15.37 -8.71 -35.13
CA GLU D 118 14.12 -8.12 -35.58
C GLU D 118 14.30 -6.68 -36.03
N ASP D 119 15.34 -6.00 -35.56
CA ASP D 119 15.56 -4.60 -35.88
C ASP D 119 16.51 -4.42 -37.06
N SER D 120 17.73 -4.94 -36.94
CA SER D 120 18.75 -4.62 -37.93
C SER D 120 19.78 -5.73 -38.00
N LEU D 121 20.58 -5.69 -39.07
CA LEU D 121 21.64 -6.65 -39.32
C LEU D 121 22.96 -6.14 -38.75
N GLN D 122 23.81 -7.07 -38.32
CA GLN D 122 25.13 -6.71 -37.81
CA GLN D 122 25.13 -6.71 -37.79
C GLN D 122 26.16 -7.69 -38.33
N ALA D 123 27.17 -7.18 -39.03
CA ALA D 123 28.23 -8.01 -39.60
C ALA D 123 29.45 -7.91 -38.71
N TRP D 124 29.82 -9.02 -38.07
CA TRP D 124 30.87 -9.05 -37.07
C TRP D 124 32.13 -9.68 -37.60
N HIS D 125 33.25 -9.00 -37.42
CA HIS D 125 34.56 -9.57 -37.66
C HIS D 125 35.59 -8.78 -36.87
N ASN D 126 36.55 -9.49 -36.27
CA ASN D 126 37.58 -8.90 -35.43
C ASN D 126 36.97 -8.10 -34.29
N GLY D 127 35.80 -8.51 -33.82
CA GLY D 127 35.11 -7.81 -32.76
C GLY D 127 34.39 -6.55 -33.20
N GLU D 128 34.34 -6.26 -34.49
CA GLU D 128 33.76 -5.03 -34.98
C GLU D 128 32.55 -5.32 -35.86
N ALA D 129 31.53 -4.48 -35.73
CA ALA D 129 30.30 -4.64 -36.48
C ALA D 129 29.63 -3.28 -36.66
N GLN D 130 28.83 -3.18 -37.72
CA GLN D 130 28.08 -1.99 -38.04
C GLN D 130 26.60 -2.33 -38.23
N ARG D 131 25.75 -1.33 -38.03
CA ARG D 131 24.32 -1.52 -38.23
C ARG D 131 24.00 -1.47 -39.71
N LEU D 132 23.21 -2.44 -40.17
CA LEU D 132 22.73 -2.52 -41.53
C LEU D 132 21.21 -2.60 -41.48
N PRO D 133 20.51 -1.95 -42.42
CA PRO D 133 19.04 -1.94 -42.36
C PRO D 133 18.48 -3.35 -42.29
N GLY D 134 17.50 -3.54 -41.42
CA GLY D 134 16.94 -4.85 -41.18
C GLY D 134 16.16 -5.37 -42.38
N VAL D 135 15.79 -6.64 -42.28
CA VAL D 135 15.05 -7.33 -43.34
C VAL D 135 13.86 -8.05 -42.73
N SER D 136 12.94 -8.44 -43.60
CA SER D 136 11.70 -9.11 -43.18
C SER D 136 11.73 -10.61 -43.39
N GLY D 137 12.31 -11.08 -44.48
CA GLY D 137 12.31 -12.50 -44.76
C GLY D 137 13.30 -13.26 -43.90
N ARG D 138 13.17 -14.59 -43.97
CA ARG D 138 14.06 -15.47 -43.24
C ARG D 138 15.01 -16.26 -44.13
N LEU D 139 14.62 -16.55 -45.37
CA LEU D 139 15.51 -17.27 -46.27
C LEU D 139 16.62 -16.37 -46.75
N LEU D 140 17.86 -16.84 -46.63
CA LEU D 140 19.04 -16.08 -46.99
C LEU D 140 19.95 -16.96 -47.84
N GLY D 141 20.91 -16.32 -48.50
CA GLY D 141 21.90 -17.04 -49.25
C GLY D 141 23.25 -16.35 -49.12
N MET D 142 24.30 -17.07 -49.49
CA MET D 142 25.60 -16.45 -49.45
C MET D 142 26.52 -17.02 -50.51
N ASP D 143 27.41 -16.14 -50.98
CA ASP D 143 28.47 -16.43 -51.94
C ASP D 143 29.82 -16.31 -51.25
N LEU D 144 30.73 -17.20 -51.60
CA LEU D 144 32.11 -17.13 -51.18
C LEU D 144 33.00 -17.42 -52.37
N ASP D 145 33.94 -16.49 -52.63
CA ASP D 145 34.92 -16.64 -53.68
C ASP D 145 36.31 -16.68 -53.05
N LEU D 146 36.99 -17.82 -53.20
CA LEU D 146 38.35 -17.94 -52.70
C LEU D 146 39.33 -17.18 -53.58
N ALA D 147 39.10 -17.16 -54.89
CA ALA D 147 40.02 -16.49 -55.80
C ALA D 147 40.12 -15.01 -55.48
N SER D 148 38.98 -14.34 -55.37
CA SER D 148 38.95 -12.92 -55.00
C SER D 148 38.96 -12.71 -53.50
N GLY D 149 38.74 -13.77 -52.71
CA GLY D 149 38.68 -13.65 -51.27
C GLY D 149 37.53 -12.77 -50.82
N CYS D 150 36.34 -13.01 -51.36
CA CYS D 150 35.19 -12.15 -51.09
C CYS D 150 34.00 -12.98 -50.64
N LEU D 151 33.43 -12.61 -49.51
CA LEU D 151 32.27 -13.28 -48.93
C LEU D 151 31.09 -12.31 -48.90
N THR D 152 30.06 -12.59 -49.68
CA THR D 152 28.92 -11.70 -49.76
C THR D 152 27.64 -12.43 -49.34
N PHE D 153 26.70 -11.63 -48.82
CA PHE D 153 25.45 -12.13 -48.27
C PHE D 153 24.30 -11.55 -49.07
N TYR D 154 23.29 -12.39 -49.34
CA TYR D 154 22.15 -12.00 -50.15
C TYR D 154 20.87 -12.44 -49.45
N SER D 155 19.79 -11.70 -49.70
CA SER D 155 18.45 -12.08 -49.25
C SER D 155 17.58 -12.34 -50.47
N LEU D 156 16.66 -13.30 -50.35
CA LEU D 156 15.89 -13.75 -51.49
C LEU D 156 14.44 -13.28 -51.50
N GLU D 157 13.77 -13.32 -50.38
CA GLU D 157 12.35 -13.03 -50.38
C GLU D 157 12.11 -11.58 -49.97
N PRO D 158 11.32 -10.82 -50.73
CA PRO D 158 10.74 -11.27 -52.00
C PRO D 158 11.70 -11.12 -53.18
N GLN D 159 12.73 -10.28 -53.01
CA GLN D 159 13.67 -9.96 -54.06
C GLN D 159 15.10 -10.21 -53.59
N THR D 160 16.04 -10.07 -54.51
CA THR D 160 17.44 -10.39 -54.26
C THR D 160 18.19 -9.14 -53.81
N GLN D 161 18.62 -9.13 -52.56
CA GLN D 161 19.28 -7.96 -51.97
C GLN D 161 20.75 -8.26 -51.71
N PRO D 162 21.66 -7.57 -52.40
CA PRO D 162 23.09 -7.76 -52.12
C PRO D 162 23.51 -7.09 -50.82
N LEU D 163 23.35 -7.81 -49.71
CA LEU D 163 23.38 -7.18 -48.40
C LEU D 163 24.75 -6.60 -48.07
N TYR D 164 25.81 -7.40 -48.17
CA TYR D 164 27.11 -6.90 -47.78
C TYR D 164 28.20 -7.83 -48.29
N THR D 165 29.37 -7.25 -48.55
CA THR D 165 30.53 -7.96 -49.06
C THR D 165 31.72 -7.78 -48.13
N PHE D 166 32.47 -8.86 -47.93
CA PHE D 166 33.66 -8.88 -47.09
C PHE D 166 34.87 -9.20 -47.94
N HIS D 167 35.92 -8.41 -47.81
CA HIS D 167 37.17 -8.63 -48.52
C HIS D 167 38.21 -9.18 -47.54
N ALA D 168 38.88 -10.26 -47.94
CA ALA D 168 39.90 -10.88 -47.10
C ALA D 168 40.72 -11.83 -47.95
N LEU D 169 41.81 -12.31 -47.36
CA LEU D 169 42.66 -13.33 -47.96
C LEU D 169 42.71 -14.53 -47.03
N PHE D 170 42.38 -15.70 -47.56
CA PHE D 170 42.22 -16.91 -46.76
C PHE D 170 43.37 -17.86 -47.03
N ASN D 171 44.04 -18.30 -45.96
CA ASN D 171 45.09 -19.30 -46.06
C ASN D 171 44.67 -20.62 -45.41
N GLN D 172 43.37 -20.84 -45.23
CA GLN D 172 42.87 -22.03 -44.56
C GLN D 172 41.46 -22.27 -45.04
N PRO D 173 41.03 -23.53 -45.15
CA PRO D 173 39.64 -23.80 -45.56
C PRO D 173 38.66 -23.22 -44.54
N LEU D 174 37.49 -22.88 -45.04
CA LEU D 174 36.47 -22.17 -44.27
C LEU D 174 35.30 -23.09 -43.99
N THR D 175 34.82 -23.04 -42.74
CA THR D 175 33.74 -23.90 -42.31
C THR D 175 32.57 -23.08 -41.81
N PRO D 176 31.35 -23.37 -42.27
CA PRO D 176 30.18 -22.61 -41.81
C PRO D 176 29.84 -22.91 -40.37
N VAL D 177 29.53 -21.86 -39.62
CA VAL D 177 29.16 -21.94 -38.22
C VAL D 177 27.91 -21.10 -37.99
N PHE D 178 26.98 -21.66 -37.24
CA PHE D 178 25.66 -21.08 -37.06
C PHE D 178 25.41 -20.93 -35.57
N TRP D 179 24.92 -19.76 -35.17
CA TRP D 179 24.60 -19.47 -33.78
C TRP D 179 23.09 -19.32 -33.65
N LEU D 180 22.52 -20.00 -32.66
CA LEU D 180 21.09 -20.22 -32.58
C LEU D 180 20.58 -19.72 -31.23
N LEU D 181 19.27 -19.53 -31.14
CA LEU D 181 18.59 -19.21 -29.89
C LEU D 181 17.64 -20.34 -29.52
N GLU D 182 17.24 -20.36 -28.24
CA GLU D 182 16.22 -21.30 -27.80
C GLU D 182 14.93 -21.08 -28.56
N GLY D 183 14.22 -22.18 -28.81
CA GLY D 183 12.97 -22.11 -29.55
C GLY D 183 13.18 -21.66 -30.97
N ARG D 184 14.42 -21.70 -31.44
CA ARG D 184 14.76 -21.34 -32.80
C ARG D 184 15.25 -22.57 -33.54
N THR D 185 14.83 -22.70 -34.80
CA THR D 185 15.14 -23.86 -35.62
C THR D 185 15.72 -23.40 -36.95
N LEU D 186 16.67 -24.17 -37.47
CA LEU D 186 17.41 -23.74 -38.65
C LEU D 186 17.55 -24.90 -39.62
N THR D 187 17.26 -24.64 -40.90
CA THR D 187 17.24 -25.70 -41.90
C THR D 187 17.95 -25.25 -43.17
N LEU D 188 18.37 -26.24 -43.93
CA LEU D 188 19.20 -26.08 -45.11
C LEU D 188 18.35 -26.22 -46.37
N CYS D 189 19.00 -26.22 -47.52
CA CYS D 189 18.34 -26.52 -48.77
C CYS D 189 19.25 -27.43 -49.59
N HIS D 190 18.65 -28.18 -50.50
CA HIS D 190 19.40 -29.13 -51.32
C HIS D 190 18.72 -29.25 -52.67
N GLN D 191 19.50 -29.69 -53.65
CA GLN D 191 19.00 -29.80 -55.02
C GLN D 191 19.80 -30.80 -55.84
N GLU E 19 -20.91 -21.56 -39.69
CA GLU E 19 -21.78 -22.08 -40.73
C GLU E 19 -22.76 -21.00 -41.18
N LEU E 20 -22.23 -19.97 -41.81
CA LEU E 20 -23.04 -18.85 -42.28
C LEU E 20 -23.75 -19.21 -43.58
N GLN E 21 -24.47 -20.32 -43.54
CA GLN E 21 -25.20 -20.84 -44.70
C GLN E 21 -26.66 -20.46 -44.55
N LEU E 22 -27.13 -19.58 -45.42
CA LEU E 22 -28.50 -19.09 -45.34
C LEU E 22 -29.48 -20.10 -45.93
N ARG E 23 -30.69 -20.10 -45.40
CA ARG E 23 -31.77 -20.81 -46.05
C ARG E 23 -32.09 -20.10 -47.36
N PRO E 24 -32.67 -20.82 -48.33
CA PRO E 24 -32.85 -20.26 -49.68
C PRO E 24 -33.53 -18.90 -49.72
N TYR E 25 -34.73 -18.79 -49.14
CA TYR E 25 -35.46 -17.53 -49.20
C TYR E 25 -34.65 -16.38 -48.61
N GLN E 26 -33.88 -16.66 -47.56
CA GLN E 26 -33.04 -15.63 -46.98
C GLN E 26 -32.08 -15.07 -48.01
N MET E 27 -31.33 -15.94 -48.67
CA MET E 27 -30.43 -15.48 -49.72
C MET E 27 -31.21 -14.81 -50.83
N GLU E 28 -32.44 -15.25 -51.05
CA GLU E 28 -33.23 -14.74 -52.16
C GLU E 28 -33.52 -13.26 -51.92
N VAL E 29 -34.06 -12.94 -50.73
CA VAL E 29 -34.38 -11.56 -50.36
C VAL E 29 -33.16 -10.76 -50.04
N ALA E 30 -32.03 -11.42 -49.79
CA ALA E 30 -30.79 -10.69 -49.59
C ALA E 30 -30.09 -10.38 -50.90
N GLN E 31 -30.57 -10.92 -52.02
CA GLN E 31 -29.88 -10.72 -53.29
C GLN E 31 -29.70 -9.24 -53.66
N PRO E 32 -30.71 -8.38 -53.63
CA PRO E 32 -30.47 -6.97 -53.96
C PRO E 32 -29.50 -6.31 -53.01
N ALA E 33 -29.48 -6.74 -51.75
CA ALA E 33 -28.66 -6.07 -50.75
C ALA E 33 -27.18 -6.30 -50.96
N LEU E 34 -26.80 -7.40 -51.62
CA LEU E 34 -25.40 -7.77 -51.72
C LEU E 34 -24.57 -6.75 -52.49
N GLU E 35 -25.21 -5.89 -53.28
CA GLU E 35 -24.50 -4.96 -54.16
C GLU E 35 -25.12 -3.57 -54.01
N GLY E 36 -24.58 -2.80 -53.06
CA GLY E 36 -25.14 -1.47 -52.82
C GLY E 36 -26.61 -1.58 -52.50
N LYS E 37 -27.39 -0.68 -53.09
CA LYS E 37 -28.85 -0.76 -53.08
C LYS E 37 -29.37 -0.78 -51.64
N ASN E 38 -29.21 0.36 -50.97
CA ASN E 38 -29.77 0.54 -49.65
C ASN E 38 -31.28 0.34 -49.67
N ILE E 39 -31.72 -0.73 -49.01
CA ILE E 39 -33.07 -1.26 -49.15
C ILE E 39 -33.55 -1.78 -47.80
N ILE E 40 -34.74 -2.38 -47.82
CA ILE E 40 -35.41 -2.88 -46.63
C ILE E 40 -35.74 -4.35 -46.84
N ILE E 41 -35.77 -5.09 -45.74
CA ILE E 41 -36.14 -6.49 -45.73
C ILE E 41 -37.17 -6.71 -44.65
N CYS E 42 -38.30 -7.31 -45.01
CA CYS E 42 -39.35 -7.62 -44.05
C CYS E 42 -39.77 -9.07 -44.23
N LEU E 43 -39.60 -9.87 -43.19
CA LEU E 43 -40.05 -11.24 -43.14
C LEU E 43 -40.88 -11.46 -41.90
N PRO E 44 -41.84 -12.37 -41.93
CA PRO E 44 -42.68 -12.60 -40.75
C PRO E 44 -41.83 -13.04 -39.56
N THR E 45 -42.32 -12.72 -38.37
CA THR E 45 -41.56 -12.91 -37.15
C THR E 45 -41.08 -14.35 -37.01
N GLY E 46 -39.98 -14.52 -36.29
CA GLY E 46 -39.42 -15.84 -36.12
C GLY E 46 -38.69 -16.47 -37.27
N SER E 47 -38.18 -15.67 -38.21
CA SER E 47 -37.52 -16.18 -39.39
C SER E 47 -36.06 -15.63 -39.44
N GLY E 48 -35.53 -15.39 -38.24
CA GLY E 48 -34.12 -15.10 -38.12
C GLY E 48 -33.48 -14.00 -38.94
N LYS E 49 -34.15 -12.86 -39.05
CA LYS E 49 -33.61 -11.77 -39.84
C LYS E 49 -32.22 -11.37 -39.38
N THR E 50 -31.92 -11.57 -38.09
CA THR E 50 -30.61 -11.20 -37.57
C THR E 50 -29.50 -11.92 -38.32
N ARG E 51 -29.75 -13.17 -38.70
CA ARG E 51 -28.73 -13.90 -39.45
C ARG E 51 -28.49 -13.24 -40.80
N VAL E 52 -29.55 -12.73 -41.43
CA VAL E 52 -29.39 -12.00 -42.67
C VAL E 52 -28.49 -10.79 -42.44
N ALA E 53 -28.72 -10.09 -41.34
CA ALA E 53 -27.88 -8.95 -41.03
C ALA E 53 -26.42 -9.37 -40.88
N VAL E 54 -26.18 -10.45 -40.13
CA VAL E 54 -24.81 -10.88 -39.88
C VAL E 54 -24.12 -11.23 -41.19
N TYR E 55 -24.78 -12.02 -42.03
CA TYR E 55 -24.19 -12.45 -43.29
C TYR E 55 -23.92 -11.26 -44.20
N ILE E 56 -24.88 -10.35 -44.31
CA ILE E 56 -24.67 -9.17 -45.15
C ILE E 56 -23.49 -8.37 -44.62
N ALA E 57 -23.39 -8.26 -43.29
CA ALA E 57 -22.28 -7.52 -42.71
C ALA E 57 -20.94 -8.14 -43.09
N LYS E 58 -20.85 -9.46 -43.01
CA LYS E 58 -19.60 -10.11 -43.36
C LYS E 58 -19.21 -9.82 -44.79
N ASP E 59 -20.16 -9.93 -45.72
CA ASP E 59 -19.85 -9.65 -47.11
C ASP E 59 -19.43 -8.20 -47.29
N HIS E 60 -20.12 -7.27 -46.64
CA HIS E 60 -19.76 -5.87 -46.80
C HIS E 60 -18.34 -5.62 -46.35
N LEU E 61 -18.01 -6.04 -45.14
CA LEU E 61 -16.67 -5.77 -44.63
C LEU E 61 -15.60 -6.47 -45.46
N ASP E 62 -15.84 -7.72 -45.83
CA ASP E 62 -14.83 -8.46 -46.58
C ASP E 62 -14.60 -7.81 -47.94
N LYS E 63 -15.66 -7.48 -48.65
CA LYS E 63 -15.50 -6.88 -49.97
C LYS E 63 -14.79 -5.54 -49.87
N LYS E 64 -15.18 -4.71 -48.89
CA LYS E 64 -14.51 -3.43 -48.72
C LYS E 64 -13.05 -3.62 -48.38
N LYS E 65 -12.73 -4.67 -47.62
CA LYS E 65 -11.32 -4.97 -47.35
C LYS E 65 -10.60 -5.40 -48.61
N LYS E 66 -11.27 -6.14 -49.49
CA LYS E 66 -10.66 -6.55 -50.74
C LYS E 66 -10.33 -5.34 -51.60
N ALA E 67 -11.22 -4.36 -51.64
CA ALA E 67 -10.96 -3.14 -52.38
C ALA E 67 -10.20 -2.11 -51.54
N SER E 68 -9.97 -2.39 -50.26
CA SER E 68 -9.11 -1.59 -49.39
C SER E 68 -9.63 -0.15 -49.24
N GLU E 69 -10.79 -0.05 -48.59
CA GLU E 69 -11.31 1.22 -48.14
C GLU E 69 -11.77 1.10 -46.69
N PRO E 70 -11.76 2.21 -45.94
CA PRO E 70 -12.21 2.16 -44.54
C PRO E 70 -13.71 1.92 -44.48
N GLY E 71 -14.08 0.72 -44.08
CA GLY E 71 -15.48 0.33 -44.02
C GLY E 71 -15.87 -0.11 -42.63
N LYS E 72 -17.01 0.37 -42.18
CA LYS E 72 -17.49 0.10 -40.84
C LYS E 72 -18.98 -0.15 -40.88
N VAL E 73 -19.54 -0.58 -39.76
CA VAL E 73 -20.97 -0.80 -39.68
C VAL E 73 -21.43 -0.61 -38.25
N ILE E 74 -22.55 0.07 -38.10
CA ILE E 74 -23.16 0.33 -36.81
C ILE E 74 -24.55 -0.28 -36.79
N VAL E 75 -24.87 -0.97 -35.70
CA VAL E 75 -26.15 -1.62 -35.53
C VAL E 75 -26.91 -0.86 -34.46
N LEU E 76 -28.10 -0.39 -34.82
CA LEU E 76 -28.93 0.39 -33.91
C LEU E 76 -30.08 -0.47 -33.41
N VAL E 77 -30.26 -0.49 -32.10
CA VAL E 77 -31.39 -1.14 -31.47
C VAL E 77 -32.06 -0.12 -30.56
N ASN E 78 -33.35 -0.32 -30.32
CA ASN E 78 -34.12 0.66 -29.56
C ASN E 78 -34.50 0.21 -28.17
N LYS E 79 -34.03 -0.95 -27.71
CA LYS E 79 -34.30 -1.37 -26.34
C LYS E 79 -33.06 -2.01 -25.74
N VAL E 80 -32.75 -1.63 -24.51
CA VAL E 80 -31.44 -1.91 -23.93
C VAL E 80 -31.19 -3.40 -23.87
N LEU E 81 -32.17 -4.16 -23.39
CA LEU E 81 -32.02 -5.60 -23.22
C LEU E 81 -31.52 -6.25 -24.51
N LEU E 82 -32.06 -5.83 -25.65
CA LEU E 82 -31.64 -6.41 -26.92
C LEU E 82 -30.17 -6.15 -27.20
N VAL E 83 -29.59 -5.10 -26.62
CA VAL E 83 -28.19 -4.82 -26.92
C VAL E 83 -27.34 -6.02 -26.56
N GLU E 84 -27.48 -6.50 -25.32
CA GLU E 84 -26.70 -7.65 -24.90
C GLU E 84 -27.14 -8.92 -25.60
N GLN E 85 -28.44 -9.08 -25.83
CA GLN E 85 -28.89 -10.27 -26.55
C GLN E 85 -28.24 -10.37 -27.92
N LEU E 86 -28.52 -9.40 -28.79
CA LEU E 86 -27.97 -9.44 -30.14
C LEU E 86 -26.45 -9.42 -30.13
N PHE E 87 -25.85 -8.85 -29.08
CA PHE E 87 -24.40 -8.83 -28.98
C PHE E 87 -23.84 -10.24 -28.86
N ARG E 88 -24.25 -10.96 -27.81
CA ARG E 88 -23.62 -12.24 -27.50
C ARG E 88 -24.32 -13.43 -28.11
N LYS E 89 -25.35 -13.22 -28.92
CA LYS E 89 -26.06 -14.36 -29.48
C LYS E 89 -25.87 -14.54 -30.97
N GLU E 90 -25.72 -13.46 -31.73
CA GLU E 90 -25.59 -13.59 -33.18
C GLU E 90 -24.32 -12.96 -33.75
N PHE E 91 -23.67 -12.07 -33.01
CA PHE E 91 -22.51 -11.39 -33.58
C PHE E 91 -21.21 -11.95 -33.01
N GLN E 92 -21.15 -12.15 -31.70
CA GLN E 92 -20.02 -12.84 -31.12
C GLN E 92 -19.83 -14.18 -31.81
N PRO E 93 -20.80 -15.09 -31.76
CA PRO E 93 -20.50 -16.47 -32.15
C PRO E 93 -20.08 -16.64 -33.61
N PHE E 94 -20.38 -15.67 -34.47
CA PHE E 94 -20.06 -15.86 -35.88
C PHE E 94 -18.84 -15.08 -36.36
N LEU E 95 -18.31 -14.14 -35.58
CA LEU E 95 -17.21 -13.31 -36.07
C LEU E 95 -16.08 -13.19 -35.07
N LYS E 96 -15.91 -14.19 -34.20
CA LYS E 96 -14.88 -14.10 -33.19
C LYS E 96 -13.48 -14.10 -33.79
N LYS E 97 -13.34 -14.51 -35.05
CA LYS E 97 -12.04 -14.54 -35.71
C LYS E 97 -11.88 -13.45 -36.76
N TRP E 98 -12.97 -12.88 -37.24
CA TRP E 98 -12.88 -12.04 -38.43
C TRP E 98 -12.82 -10.56 -38.13
N TYR E 99 -13.47 -10.07 -37.08
CA TYR E 99 -13.56 -8.64 -36.88
C TYR E 99 -13.65 -8.32 -35.39
N ARG E 100 -13.69 -7.02 -35.08
CA ARG E 100 -13.77 -6.53 -33.71
C ARG E 100 -15.16 -5.95 -33.47
N VAL E 101 -16.02 -6.73 -32.84
CA VAL E 101 -17.38 -6.31 -32.52
C VAL E 101 -17.47 -5.94 -31.05
N ILE E 102 -18.12 -4.82 -30.78
CA ILE E 102 -18.21 -4.30 -29.42
C ILE E 102 -19.66 -3.92 -29.12
N GLY E 103 -20.14 -4.35 -27.96
CA GLY E 103 -21.51 -4.09 -27.56
C GLY E 103 -21.59 -3.04 -26.49
N LEU E 104 -22.24 -1.91 -26.79
CA LEU E 104 -22.23 -0.75 -25.91
C LEU E 104 -23.65 -0.25 -25.69
N SER E 105 -23.97 0.10 -24.46
CA SER E 105 -25.28 0.64 -24.13
C SER E 105 -25.10 1.74 -23.09
N GLY E 106 -26.15 2.53 -22.90
CA GLY E 106 -26.07 3.69 -22.03
C GLY E 106 -25.77 3.37 -20.58
N ASP E 107 -25.94 2.12 -20.16
CA ASP E 107 -25.70 1.74 -18.78
C ASP E 107 -24.27 1.36 -18.51
N THR E 108 -23.60 0.72 -19.46
CA THR E 108 -22.22 0.31 -19.26
C THR E 108 -21.33 1.53 -19.04
N GLN E 109 -20.53 1.48 -17.98
CA GLN E 109 -19.65 2.60 -17.67
C GLN E 109 -18.54 2.66 -18.71
N LEU E 110 -18.68 3.59 -19.65
CA LEU E 110 -17.59 3.89 -20.57
C LEU E 110 -16.39 4.40 -19.81
N LYS E 111 -15.21 4.23 -20.40
CA LYS E 111 -14.00 4.89 -19.92
C LYS E 111 -13.28 5.58 -21.05
N ILE E 112 -13.94 5.77 -22.18
CA ILE E 112 -13.34 6.33 -23.37
C ILE E 112 -14.43 6.97 -24.20
N SER E 113 -14.12 8.09 -24.84
CA SER E 113 -15.13 8.83 -25.57
C SER E 113 -15.65 8.02 -26.74
N PHE E 114 -16.89 8.31 -27.11
CA PHE E 114 -17.54 7.61 -28.21
C PHE E 114 -16.73 7.64 -29.50
N PRO E 115 -16.19 8.78 -29.95
CA PRO E 115 -15.45 8.76 -31.22
C PRO E 115 -14.27 7.81 -31.21
N GLU E 116 -13.60 7.65 -30.07
CA GLU E 116 -12.50 6.70 -30.07
C GLU E 116 -12.99 5.28 -30.00
N VAL E 117 -14.14 5.05 -29.37
CA VAL E 117 -14.73 3.72 -29.38
C VAL E 117 -14.95 3.27 -30.82
N VAL E 118 -15.55 4.15 -31.63
CA VAL E 118 -15.75 3.78 -33.02
C VAL E 118 -14.42 3.67 -33.74
N LYS E 119 -13.47 4.55 -33.44
CA LYS E 119 -12.18 4.51 -34.14
C LYS E 119 -11.39 3.25 -33.84
N SER E 120 -11.73 2.53 -32.77
CA SER E 120 -10.99 1.32 -32.42
C SER E 120 -11.56 0.07 -33.08
N CYS E 121 -12.84 -0.20 -32.87
CA CYS E 121 -13.49 -1.37 -33.44
C CYS E 121 -14.06 -1.03 -34.81
N ASP E 122 -14.81 -1.97 -35.39
CA ASP E 122 -15.44 -1.74 -36.67
C ASP E 122 -16.90 -2.15 -36.73
N ILE E 123 -17.36 -3.07 -35.89
CA ILE E 123 -18.77 -3.43 -35.79
C ILE E 123 -19.27 -2.99 -34.43
N ILE E 124 -20.22 -2.07 -34.42
CA ILE E 124 -20.76 -1.52 -33.18
C ILE E 124 -22.19 -2.00 -33.01
N ILE E 125 -22.57 -2.32 -31.78
CA ILE E 125 -23.95 -2.59 -31.44
C ILE E 125 -24.34 -1.63 -30.34
N SER E 126 -25.23 -0.68 -30.65
CA SER E 126 -25.56 0.36 -29.69
C SER E 126 -27.02 0.76 -29.83
N THR E 127 -27.46 1.55 -28.85
CA THR E 127 -28.80 2.09 -28.83
C THR E 127 -28.80 3.47 -29.48
N ALA E 128 -29.86 3.76 -30.22
CA ALA E 128 -29.85 4.90 -31.13
C ALA E 128 -29.61 6.22 -30.41
N GLN E 129 -30.13 6.36 -29.19
CA GLN E 129 -29.97 7.62 -28.49
C GLN E 129 -28.50 7.98 -28.32
N ILE E 130 -27.64 6.98 -28.18
CA ILE E 130 -26.21 7.25 -28.03
C ILE E 130 -25.68 7.97 -29.25
N LEU E 131 -25.95 7.43 -30.44
CA LEU E 131 -25.45 8.05 -31.66
C LEU E 131 -25.97 9.46 -31.80
N GLU E 132 -27.27 9.66 -31.60
CA GLU E 132 -27.82 10.98 -31.80
C GLU E 132 -27.21 11.98 -30.84
N ASN E 133 -27.01 11.56 -29.59
CA ASN E 133 -26.26 12.42 -28.67
C ASN E 133 -24.92 12.78 -29.26
N SER E 134 -24.20 11.79 -29.78
CA SER E 134 -22.86 12.04 -30.30
C SER E 134 -22.86 12.84 -31.58
N LEU E 135 -24.01 13.04 -32.22
CA LEU E 135 -24.03 13.73 -33.50
C LEU E 135 -24.43 15.19 -33.39
N LEU E 136 -25.09 15.61 -32.31
CA LEU E 136 -25.48 16.99 -32.14
C LEU E 136 -24.52 17.76 -31.24
N ASN E 137 -23.29 17.28 -31.10
CA ASN E 137 -22.33 17.88 -30.19
C ASN E 137 -21.34 18.79 -30.90
N LEU E 138 -21.59 19.13 -32.16
CA LEU E 138 -20.72 20.04 -32.89
C LEU E 138 -20.63 21.38 -32.18
N ALA E 144 -15.13 16.86 -30.67
CA ALA E 144 -15.78 17.37 -31.88
C ALA E 144 -17.03 16.57 -32.19
N GLY E 145 -17.02 15.30 -31.81
CA GLY E 145 -18.15 14.42 -32.06
C GLY E 145 -17.82 13.40 -33.16
N VAL E 146 -18.73 13.25 -34.12
CA VAL E 146 -18.55 12.31 -35.22
C VAL E 146 -19.46 12.75 -36.35
N GLN E 147 -19.14 12.33 -37.57
CA GLN E 147 -19.93 12.63 -38.75
C GLN E 147 -20.50 11.34 -39.32
N LEU E 148 -21.71 11.43 -39.85
CA LEU E 148 -22.36 10.25 -40.41
C LEU E 148 -21.49 9.61 -41.49
N SER E 149 -20.71 10.41 -42.20
CA SER E 149 -19.87 9.91 -43.27
C SER E 149 -18.82 8.93 -42.77
N ASP E 150 -18.50 8.96 -41.47
CA ASP E 150 -17.48 8.06 -40.95
C ASP E 150 -17.92 6.61 -41.06
N PHE E 151 -19.20 6.36 -41.30
CA PHE E 151 -19.70 5.01 -41.38
C PHE E 151 -19.97 4.61 -42.82
N SER E 152 -20.14 3.31 -43.02
CA SER E 152 -20.42 2.74 -44.34
C SER E 152 -21.77 2.04 -44.39
N LEU E 153 -22.04 1.16 -43.43
CA LEU E 153 -23.28 0.41 -43.39
C LEU E 153 -23.99 0.67 -42.08
N ILE E 154 -25.26 1.05 -42.18
CA ILE E 154 -26.07 1.36 -41.00
C ILE E 154 -27.17 0.32 -40.92
N ILE E 155 -26.99 -0.67 -40.04
CA ILE E 155 -28.02 -1.64 -39.76
C ILE E 155 -28.95 -1.04 -38.72
N ILE E 156 -30.24 -1.00 -39.03
CA ILE E 156 -31.23 -0.42 -38.15
C ILE E 156 -32.29 -1.47 -37.91
N ASP E 157 -32.31 -2.04 -36.71
CA ASP E 157 -33.24 -3.12 -36.42
C ASP E 157 -34.52 -2.55 -35.84
N GLU E 158 -35.65 -3.14 -36.25
CA GLU E 158 -36.97 -2.72 -35.80
C GLU E 158 -37.24 -1.27 -36.19
N CYS E 159 -37.05 -0.97 -37.47
CA CYS E 159 -37.08 0.40 -37.95
C CYS E 159 -38.47 0.88 -38.28
N HIS E 160 -39.50 0.10 -37.96
CA HIS E 160 -40.86 0.59 -38.13
C HIS E 160 -41.16 1.78 -37.24
N HIS E 161 -40.37 1.98 -36.18
CA HIS E 161 -40.54 3.15 -35.33
C HIS E 161 -40.17 4.44 -36.01
N THR E 162 -39.77 4.40 -37.27
CA THR E 162 -39.39 5.62 -37.98
C THR E 162 -40.65 6.44 -38.22
N ASN E 163 -40.88 7.44 -37.38
CA ASN E 163 -42.13 8.18 -37.43
C ASN E 163 -41.87 9.62 -37.04
N LYS E 164 -42.94 10.33 -36.70
CA LYS E 164 -42.86 11.75 -36.43
C LYS E 164 -41.97 12.04 -35.22
N GLU E 165 -40.77 12.55 -35.49
CA GLU E 165 -39.82 12.92 -34.45
C GLU E 165 -39.60 11.78 -33.47
N ALA E 166 -39.12 10.66 -34.00
CA ALA E 166 -38.59 9.55 -33.23
C ALA E 166 -37.08 9.55 -33.37
N VAL E 167 -36.43 8.66 -32.61
CA VAL E 167 -34.97 8.68 -32.57
C VAL E 167 -34.41 8.36 -33.94
N TYR E 168 -35.05 7.46 -34.67
CA TYR E 168 -34.58 7.14 -36.01
C TYR E 168 -34.80 8.29 -36.96
N ASN E 169 -35.91 9.01 -36.80
CA ASN E 169 -36.24 10.06 -37.75
C ASN E 169 -35.21 11.17 -37.74
N ASN E 170 -34.69 11.52 -36.57
CA ASN E 170 -33.66 12.56 -36.50
C ASN E 170 -32.44 12.17 -37.32
N ILE E 171 -31.92 10.96 -37.10
CA ILE E 171 -30.73 10.51 -37.79
C ILE E 171 -30.98 10.45 -39.28
N MET E 172 -32.11 9.90 -39.68
CA MET E 172 -32.36 9.81 -41.10
C MET E 172 -32.58 11.19 -41.71
N ARG E 173 -33.03 12.16 -40.93
CA ARG E 173 -33.21 13.49 -41.49
C ARG E 173 -31.88 14.16 -41.76
N HIS E 174 -30.88 13.91 -40.92
CA HIS E 174 -29.54 14.40 -41.26
C HIS E 174 -29.06 13.76 -42.55
N TYR E 175 -29.25 12.45 -42.67
CA TYR E 175 -28.86 11.74 -43.89
C TYR E 175 -29.58 12.31 -45.10
N LEU E 176 -30.89 12.52 -44.98
CA LEU E 176 -31.67 13.02 -46.10
C LEU E 176 -31.23 14.43 -46.48
N MET E 177 -30.96 15.26 -45.47
CA MET E 177 -30.52 16.62 -45.76
C MET E 177 -29.23 16.59 -46.56
N GLN E 178 -28.29 15.75 -46.16
CA GLN E 178 -27.04 15.65 -46.90
C GLN E 178 -27.26 15.16 -48.32
N LYS E 179 -28.18 14.22 -48.51
CA LYS E 179 -28.43 13.71 -49.86
C LYS E 179 -28.91 14.82 -50.77
N LEU E 180 -29.85 15.64 -50.28
CA LEU E 180 -30.31 16.72 -51.13
C LEU E 180 -29.22 17.74 -51.38
N LYS E 181 -28.35 17.98 -50.39
CA LYS E 181 -27.19 18.82 -50.63
C LYS E 181 -26.33 18.24 -51.73
N ASN E 182 -26.15 16.93 -51.74
CA ASN E 182 -25.36 16.29 -52.79
C ASN E 182 -25.99 16.54 -54.15
N ASN E 183 -27.31 16.44 -54.25
CA ASN E 183 -27.96 16.72 -55.52
C ASN E 183 -27.77 18.17 -55.94
N ARG E 184 -27.72 19.08 -54.97
CA ARG E 184 -27.36 20.46 -55.30
C ARG E 184 -25.93 20.54 -55.82
N LEU E 185 -25.03 19.76 -55.24
CA LEU E 185 -23.64 19.73 -55.70
C LEU E 185 -23.56 19.23 -57.14
N LYS E 186 -24.33 18.19 -57.47
CA LYS E 186 -24.18 17.57 -58.78
C LYS E 186 -24.56 18.53 -59.91
N LYS E 187 -25.70 19.21 -59.77
CA LYS E 187 -26.17 20.08 -60.83
C LYS E 187 -25.39 21.39 -60.87
N VAL E 192 -19.14 15.27 -54.57
CA VAL E 192 -20.11 14.88 -53.56
C VAL E 192 -19.42 14.15 -52.41
N ILE E 193 -20.14 13.99 -51.32
CA ILE E 193 -19.69 13.24 -50.16
C ILE E 193 -20.48 11.93 -50.11
N PRO E 194 -19.82 10.79 -49.97
CA PRO E 194 -20.56 9.52 -49.92
C PRO E 194 -21.50 9.47 -48.73
N LEU E 195 -22.68 8.89 -48.95
CA LEU E 195 -23.67 8.69 -47.91
C LEU E 195 -23.80 7.20 -47.62
N PRO E 196 -23.56 6.78 -46.38
CA PRO E 196 -23.42 5.36 -46.11
C PRO E 196 -24.68 4.56 -46.45
N GLN E 197 -24.45 3.33 -46.89
CA GLN E 197 -25.55 2.45 -47.26
C GLN E 197 -26.39 2.13 -46.03
N ILE E 198 -27.69 1.92 -46.24
CA ILE E 198 -28.67 1.83 -45.17
C ILE E 198 -29.41 0.53 -45.28
N LEU E 199 -29.63 -0.13 -44.15
CA LEU E 199 -30.48 -1.30 -44.09
C LEU E 199 -31.38 -1.19 -42.87
N GLY E 200 -32.63 -1.62 -43.03
CA GLY E 200 -33.58 -1.57 -41.93
C GLY E 200 -34.47 -2.78 -41.92
N LEU E 201 -34.73 -3.33 -40.74
CA LEU E 201 -35.47 -4.58 -40.61
C LEU E 201 -36.81 -4.34 -39.94
N THR E 202 -37.87 -4.90 -40.51
CA THR E 202 -39.21 -4.75 -39.97
C THR E 202 -39.93 -6.09 -40.03
N ALA E 203 -40.99 -6.18 -39.23
CA ALA E 203 -41.94 -7.26 -39.32
C ALA E 203 -43.34 -6.78 -39.65
N SER E 204 -43.67 -5.54 -39.38
CA SER E 204 -45.01 -5.02 -39.59
C SER E 204 -44.95 -3.49 -39.66
N PRO E 205 -44.78 -2.93 -40.86
CA PRO E 205 -44.78 -1.47 -40.96
C PRO E 205 -46.05 -0.83 -40.48
N GLY E 206 -47.20 -1.49 -40.63
CA GLY E 206 -48.45 -1.03 -40.08
C GLY E 206 -49.03 0.16 -40.84
N VAL E 207 -50.18 0.61 -40.36
CA VAL E 207 -50.83 1.76 -40.94
C VAL E 207 -51.01 2.82 -39.86
N GLY E 208 -51.02 4.07 -40.29
CA GLY E 208 -51.24 5.16 -39.35
C GLY E 208 -52.69 5.38 -39.03
N GLY E 209 -53.41 4.31 -38.69
CA GLY E 209 -54.82 4.41 -38.36
C GLY E 209 -55.67 4.79 -39.56
N ALA E 210 -55.73 3.92 -40.55
CA ALA E 210 -56.26 4.27 -41.85
C ALA E 210 -57.37 3.32 -42.26
N THR E 211 -58.52 3.89 -42.59
CA THR E 211 -59.61 3.11 -43.13
C THR E 211 -59.73 3.29 -44.64
N LYS E 212 -58.70 3.80 -45.29
CA LYS E 212 -58.65 3.88 -46.73
C LYS E 212 -57.51 3.02 -47.24
N GLN E 213 -57.72 2.44 -48.42
CA GLN E 213 -56.58 1.81 -49.06
C GLN E 213 -55.52 2.84 -49.41
N ALA E 214 -55.95 4.06 -49.75
CA ALA E 214 -54.99 5.09 -50.12
C ALA E 214 -54.11 5.48 -48.94
N LYS E 215 -54.71 5.69 -47.77
CA LYS E 215 -53.90 6.09 -46.62
C LYS E 215 -52.94 5.00 -46.21
N ALA E 216 -53.36 3.74 -46.32
CA ALA E 216 -52.43 2.66 -46.00
C ALA E 216 -51.22 2.72 -46.91
N GLU E 217 -51.44 2.66 -48.21
CA GLU E 217 -50.32 2.63 -49.14
C GLU E 217 -49.49 3.90 -49.04
N GLU E 218 -50.15 5.03 -48.82
CA GLU E 218 -49.43 6.26 -48.53
C GLU E 218 -48.51 6.08 -47.34
N HIS E 219 -49.02 5.47 -46.26
CA HIS E 219 -48.23 5.35 -45.05
C HIS E 219 -46.99 4.49 -45.29
N ILE E 220 -47.16 3.40 -46.02
CA ILE E 220 -46.00 2.59 -46.38
C ILE E 220 -44.99 3.42 -47.14
N LEU E 221 -45.48 4.25 -48.07
CA LEU E 221 -44.56 5.09 -48.83
C LEU E 221 -43.84 6.06 -47.92
N LYS E 222 -44.54 6.64 -46.95
CA LYS E 222 -43.91 7.61 -46.05
C LYS E 222 -42.78 6.95 -45.28
N LEU E 223 -43.01 5.74 -44.78
CA LEU E 223 -41.93 5.01 -44.12
C LEU E 223 -40.79 4.76 -45.08
N CYS E 224 -41.11 4.34 -46.30
CA CYS E 224 -40.06 4.03 -47.26
C CYS E 224 -39.20 5.26 -47.54
N ALA E 225 -39.84 6.38 -47.82
CA ALA E 225 -39.09 7.59 -48.14
C ALA E 225 -38.24 8.01 -46.95
N ASN E 226 -38.82 8.03 -45.76
CA ASN E 226 -38.07 8.40 -44.58
C ASN E 226 -36.91 7.45 -44.32
N LEU E 227 -36.98 6.23 -44.83
CA LEU E 227 -35.85 5.33 -44.81
C LEU E 227 -34.95 5.49 -46.02
N ASP E 228 -35.38 6.27 -47.01
CA ASP E 228 -34.67 6.40 -48.28
C ASP E 228 -34.37 5.02 -48.86
N ALA E 229 -35.41 4.21 -48.92
CA ALA E 229 -35.25 2.86 -49.42
C ALA E 229 -35.36 2.85 -50.94
N PHE E 230 -35.20 1.68 -51.52
CA PHE E 230 -35.32 1.49 -52.95
C PHE E 230 -36.40 0.51 -53.33
N THR E 231 -36.62 -0.52 -52.52
CA THR E 231 -37.59 -1.55 -52.82
C THR E 231 -37.84 -2.38 -51.57
N ILE E 232 -39.10 -2.68 -51.31
CA ILE E 232 -39.45 -3.44 -50.11
C ILE E 232 -38.85 -4.83 -50.16
N LYS E 233 -38.98 -5.51 -51.30
CA LYS E 233 -38.28 -6.78 -51.55
C LYS E 233 -38.65 -7.84 -50.51
N THR E 234 -39.91 -8.23 -50.51
CA THR E 234 -40.40 -9.29 -49.65
C THR E 234 -40.66 -10.55 -50.47
N VAL E 235 -40.55 -11.70 -49.80
CA VAL E 235 -40.45 -12.99 -50.47
C VAL E 235 -41.61 -13.21 -51.42
N LYS E 236 -41.31 -13.82 -52.57
CA LYS E 236 -42.34 -14.19 -53.54
C LYS E 236 -42.06 -15.53 -54.21
N GLU E 237 -41.05 -16.28 -53.75
CA GLU E 237 -40.69 -17.53 -54.41
C GLU E 237 -40.87 -18.73 -53.50
N ASN E 238 -40.22 -18.75 -52.34
CA ASN E 238 -40.06 -19.96 -51.55
C ASN E 238 -41.13 -20.03 -50.46
N LEU E 239 -42.38 -20.04 -50.89
CA LEU E 239 -43.48 -19.77 -49.97
C LEU E 239 -43.71 -20.91 -48.99
N ASP E 240 -43.78 -22.14 -49.50
CA ASP E 240 -44.23 -23.24 -48.65
C ASP E 240 -43.22 -23.55 -47.56
N GLN E 241 -41.93 -23.61 -47.90
CA GLN E 241 -40.92 -23.84 -46.87
C GLN E 241 -41.01 -22.79 -45.78
N LEU E 242 -41.32 -21.55 -46.17
CA LEU E 242 -41.60 -20.53 -45.18
C LEU E 242 -42.80 -20.92 -44.33
N LYS E 243 -43.87 -21.39 -44.98
CA LYS E 243 -45.04 -21.86 -44.25
C LYS E 243 -44.68 -22.97 -43.28
N ASN E 244 -43.62 -23.70 -43.56
CA ASN E 244 -43.16 -24.77 -42.69
C ASN E 244 -42.32 -24.24 -41.54
N GLN E 245 -41.50 -23.21 -41.79
CA GLN E 245 -40.70 -22.65 -40.72
C GLN E 245 -41.58 -21.96 -39.68
N ILE E 246 -42.28 -20.92 -40.09
CA ILE E 246 -43.10 -20.15 -39.17
C ILE E 246 -44.38 -20.92 -38.89
N GLN E 247 -44.88 -20.80 -37.66
CA GLN E 247 -46.12 -21.43 -37.23
C GLN E 247 -47.09 -20.37 -36.74
N GLU E 248 -48.32 -20.43 -37.20
CA GLU E 248 -49.35 -19.57 -36.64
C GLU E 248 -49.80 -20.16 -35.31
N PRO E 249 -49.71 -19.43 -34.22
CA PRO E 249 -50.19 -19.94 -32.94
C PRO E 249 -51.69 -20.11 -32.92
N CYS E 250 -52.14 -21.01 -32.03
CA CYS E 250 -53.57 -21.20 -31.81
C CYS E 250 -54.09 -20.09 -30.91
N LYS E 251 -55.13 -19.41 -31.36
CA LYS E 251 -55.73 -18.33 -30.58
C LYS E 251 -56.78 -18.90 -29.63
N LYS E 252 -56.78 -18.43 -28.40
CA LYS E 252 -57.79 -18.85 -27.45
C LYS E 252 -58.22 -17.65 -26.61
N PHE E 253 -59.53 -17.56 -26.38
CA PHE E 253 -60.16 -16.40 -25.75
C PHE E 253 -60.58 -16.78 -24.35
N ALA E 254 -60.17 -15.98 -23.38
CA ALA E 254 -60.63 -16.11 -22.01
C ALA E 254 -61.31 -14.80 -21.64
N ILE E 255 -62.64 -14.83 -21.59
CA ILE E 255 -63.43 -13.65 -21.26
C ILE E 255 -64.36 -13.99 -20.11
N ALA E 256 -64.35 -13.13 -19.09
CA ALA E 256 -65.15 -13.35 -17.90
C ALA E 256 -66.03 -12.14 -17.64
N ASP E 257 -67.14 -12.37 -16.95
CA ASP E 257 -68.06 -11.32 -16.54
C ASP E 257 -69.18 -11.91 -15.70
N ARG E 260 -68.78 -12.05 -9.87
CA ARG E 260 -69.20 -12.18 -8.49
C ARG E 260 -69.44 -10.83 -7.85
N GLU E 261 -70.48 -10.74 -7.02
CA GLU E 261 -70.81 -9.52 -6.31
C GLU E 261 -70.10 -9.47 -4.97
N ASP E 262 -69.44 -8.34 -4.69
CA ASP E 262 -68.78 -8.15 -3.43
C ASP E 262 -68.99 -6.72 -3.00
N PRO E 263 -69.34 -6.49 -1.74
CA PRO E 263 -69.67 -5.12 -1.30
C PRO E 263 -68.49 -4.17 -1.37
N PHE E 264 -67.26 -4.68 -1.40
CA PHE E 264 -66.09 -3.81 -1.22
C PHE E 264 -66.09 -2.69 -2.25
N LYS E 265 -66.37 -3.02 -3.51
CA LYS E 265 -66.54 -1.99 -4.53
C LYS E 265 -67.60 -1.00 -4.11
N GLU E 266 -68.79 -1.50 -3.77
CA GLU E 266 -69.86 -0.61 -3.36
C GLU E 266 -69.60 0.00 -1.99
N LYS E 267 -68.81 -0.68 -1.15
CA LYS E 267 -68.44 -0.10 0.14
C LYS E 267 -67.61 1.16 -0.07
N LEU E 268 -66.59 1.08 -0.93
CA LEU E 268 -65.91 2.30 -1.30
C LEU E 268 -66.89 3.29 -1.94
N LEU E 269 -67.91 2.78 -2.64
CA LEU E 269 -68.82 3.66 -3.36
C LEU E 269 -69.52 4.63 -2.44
N GLU E 270 -70.21 4.13 -1.40
CA GLU E 270 -70.99 5.09 -0.62
C GLU E 270 -70.09 5.96 0.23
N ILE E 271 -68.93 5.44 0.65
CA ILE E 271 -67.96 6.31 1.33
C ILE E 271 -67.64 7.51 0.45
N MET E 272 -67.23 7.25 -0.79
CA MET E 272 -66.79 8.34 -1.65
C MET E 272 -67.95 9.20 -2.12
N THR E 273 -69.14 8.63 -2.28
CA THR E 273 -70.29 9.46 -2.63
C THR E 273 -70.61 10.42 -1.50
N ARG E 274 -70.53 9.94 -0.26
CA ARG E 274 -70.65 10.85 0.87
C ARG E 274 -69.60 11.93 0.80
N ILE E 275 -68.38 11.55 0.42
CA ILE E 275 -67.30 12.52 0.29
C ILE E 275 -67.66 13.57 -0.75
N GLN E 276 -68.13 13.13 -1.92
CA GLN E 276 -68.48 14.07 -2.98
C GLN E 276 -69.67 14.92 -2.57
N THR E 277 -70.65 14.32 -1.91
CA THR E 277 -71.85 15.06 -1.53
C THR E 277 -71.57 16.10 -0.47
N TYR E 278 -70.58 15.86 0.40
CA TYR E 278 -70.22 16.87 1.38
C TYR E 278 -69.92 18.21 0.72
N CYS E 279 -69.11 18.19 -0.33
CA CYS E 279 -68.86 19.39 -1.13
C CYS E 279 -69.83 19.49 -2.30
N GLN E 280 -70.82 18.60 -2.37
CA GLN E 280 -71.86 18.58 -3.39
C GLN E 280 -71.31 18.86 -4.78
N MET E 281 -70.37 18.01 -5.20
CA MET E 281 -69.92 17.99 -6.58
C MET E 281 -70.83 17.13 -7.45
N SER E 282 -71.11 17.63 -8.65
CA SER E 282 -71.78 16.85 -9.67
C SER E 282 -70.75 16.01 -10.41
N PRO E 283 -70.90 14.71 -10.47
CA PRO E 283 -69.85 13.89 -11.10
C PRO E 283 -69.82 14.04 -12.60
N MET E 284 -71.00 14.18 -13.22
CA MET E 284 -71.26 14.19 -14.65
C MET E 284 -71.07 12.81 -15.26
N SER E 285 -70.67 11.82 -14.46
CA SER E 285 -70.51 10.44 -14.92
C SER E 285 -70.43 9.54 -13.69
N ASP E 286 -70.56 8.23 -13.94
CA ASP E 286 -70.43 7.27 -12.85
C ASP E 286 -68.98 7.18 -12.38
N PHE E 287 -68.80 6.62 -11.20
CA PHE E 287 -67.49 6.54 -10.59
C PHE E 287 -66.67 5.39 -11.17
N GLY E 288 -65.36 5.46 -10.99
CA GLY E 288 -64.46 4.42 -11.43
C GLY E 288 -64.03 4.50 -12.87
N THR E 289 -64.34 5.59 -13.56
CA THR E 289 -64.08 5.70 -14.98
C THR E 289 -63.03 6.76 -15.27
N GLN E 290 -62.39 6.61 -16.42
CA GLN E 290 -61.34 7.52 -16.87
C GLN E 290 -61.85 8.94 -17.05
N PRO E 291 -63.01 9.17 -17.67
CA PRO E 291 -63.53 10.54 -17.71
C PRO E 291 -63.71 11.14 -16.32
N TYR E 292 -64.13 10.33 -15.35
CA TYR E 292 -64.30 10.84 -13.99
C TYR E 292 -62.96 11.28 -13.42
N GLU E 293 -61.92 10.47 -13.64
CA GLU E 293 -60.59 10.83 -13.14
C GLU E 293 -60.09 12.11 -13.80
N GLN E 294 -60.25 12.21 -15.11
CA GLN E 294 -59.84 13.41 -15.83
C GLN E 294 -60.57 14.64 -15.29
N TRP E 295 -61.88 14.50 -15.09
CA TRP E 295 -62.66 15.61 -14.53
C TRP E 295 -62.19 15.95 -13.12
N ALA E 296 -61.89 14.93 -12.33
CA ALA E 296 -61.44 15.18 -10.97
C ALA E 296 -60.15 15.98 -10.97
N ILE E 297 -59.19 15.59 -11.81
CA ILE E 297 -57.91 16.31 -11.84
C ILE E 297 -58.13 17.74 -12.28
N GLN E 298 -58.88 17.94 -13.37
CA GLN E 298 -59.02 19.29 -13.91
C GLN E 298 -59.77 20.19 -12.94
N MET E 299 -60.81 19.67 -12.31
CA MET E 299 -61.55 20.48 -11.34
C MET E 299 -60.70 20.74 -10.10
N GLU E 300 -59.85 19.78 -9.72
CA GLU E 300 -58.93 20.04 -8.62
C GLU E 300 -57.98 21.16 -8.97
N LYS E 301 -57.52 21.18 -10.22
CA LYS E 301 -56.69 22.30 -10.67
C LYS E 301 -57.45 23.62 -10.57
N LYS E 302 -58.70 23.62 -11.01
CA LYS E 302 -59.50 24.85 -10.93
C LYS E 302 -59.68 25.29 -9.48
N ALA E 303 -59.97 24.35 -8.59
CA ALA E 303 -60.15 24.71 -7.19
C ALA E 303 -58.88 25.30 -6.61
N ALA E 304 -57.73 24.72 -6.94
CA ALA E 304 -56.47 25.29 -6.47
C ALA E 304 -56.22 26.67 -7.08
N LYS E 305 -56.66 26.88 -8.32
CA LYS E 305 -56.56 28.19 -8.93
C LYS E 305 -57.33 29.22 -8.12
N GLU E 306 -58.54 28.88 -7.70
CA GLU E 306 -59.35 29.78 -6.90
C GLU E 306 -58.73 30.06 -5.54
N GLY E 307 -57.87 29.16 -5.06
CA GLY E 307 -57.46 29.17 -3.68
C GLY E 307 -58.44 28.49 -2.77
N ASN E 308 -59.38 27.73 -3.32
CA ASN E 308 -60.47 27.13 -2.56
C ASN E 308 -59.99 25.94 -1.73
N ARG E 309 -59.67 26.19 -0.46
CA ARG E 309 -59.44 25.08 0.45
C ARG E 309 -60.80 24.49 0.86
N LYS E 310 -60.77 23.38 1.59
CA LYS E 310 -61.96 22.66 2.05
C LYS E 310 -62.60 21.93 0.87
N GLU E 311 -62.15 22.24 -0.33
CA GLU E 311 -62.54 21.53 -1.54
C GLU E 311 -61.37 20.85 -2.19
N ARG E 312 -60.25 21.55 -2.33
CA ARG E 312 -59.08 21.00 -2.99
C ARG E 312 -58.68 19.67 -2.39
N VAL E 313 -58.50 19.64 -1.07
CA VAL E 313 -58.06 18.42 -0.41
C VAL E 313 -59.08 17.31 -0.65
N CYS E 314 -60.36 17.63 -0.51
CA CYS E 314 -61.40 16.63 -0.74
C CYS E 314 -61.33 16.08 -2.15
N ALA E 315 -61.11 16.96 -3.13
CA ALA E 315 -61.01 16.51 -4.52
C ALA E 315 -59.86 15.53 -4.69
N GLU E 316 -58.70 15.84 -4.11
CA GLU E 316 -57.57 14.94 -4.26
C GLU E 316 -57.89 13.59 -3.63
N HIS E 317 -58.50 13.59 -2.45
CA HIS E 317 -58.74 12.35 -1.74
C HIS E 317 -59.71 11.46 -2.51
N LEU E 318 -60.80 12.05 -3.02
CA LEU E 318 -61.74 11.26 -3.80
C LEU E 318 -61.06 10.72 -5.06
N ARG E 319 -60.19 11.53 -5.66
CA ARG E 319 -59.38 11.03 -6.77
C ARG E 319 -58.63 9.78 -6.36
N LYS E 320 -58.00 9.82 -5.18
CA LYS E 320 -57.23 8.67 -4.70
C LYS E 320 -58.09 7.44 -4.60
N TYR E 321 -59.30 7.61 -4.08
CA TYR E 321 -60.26 6.52 -4.06
C TYR E 321 -60.49 5.98 -5.46
N ASN E 322 -60.61 6.87 -6.45
CA ASN E 322 -60.92 6.42 -7.80
C ASN E 322 -59.82 5.55 -8.36
N GLU E 323 -58.57 6.01 -8.27
CA GLU E 323 -57.47 5.19 -8.77
C GLU E 323 -57.35 3.90 -7.97
N ALA E 324 -57.60 3.97 -6.67
CA ALA E 324 -57.60 2.75 -5.87
C ALA E 324 -58.61 1.75 -6.40
N LEU E 325 -59.81 2.22 -6.76
CA LEU E 325 -60.82 1.34 -7.32
C LEU E 325 -60.35 0.75 -8.63
N GLN E 326 -59.71 1.56 -9.47
CA GLN E 326 -59.27 1.08 -10.76
C GLN E 326 -58.25 -0.05 -10.60
N ILE E 327 -57.26 0.17 -9.74
CA ILE E 327 -56.35 -0.91 -9.39
C ILE E 327 -57.13 -2.08 -8.81
N ASN E 328 -58.16 -1.76 -8.02
CA ASN E 328 -58.93 -2.79 -7.33
C ASN E 328 -59.58 -3.76 -8.31
N ASP E 329 -60.17 -3.23 -9.37
CA ASP E 329 -60.77 -4.13 -10.36
C ASP E 329 -59.69 -4.91 -11.08
N THR E 330 -58.55 -4.28 -11.34
CA THR E 330 -57.49 -4.97 -12.09
C THR E 330 -56.86 -6.09 -11.28
N ILE E 331 -56.50 -5.83 -10.02
CA ILE E 331 -55.70 -6.76 -9.24
C ILE E 331 -56.47 -7.11 -7.97
N ARG E 332 -55.87 -7.91 -7.09
CA ARG E 332 -56.55 -8.36 -5.89
C ARG E 332 -56.90 -7.19 -4.97
N MET E 333 -57.63 -7.50 -3.90
CA MET E 333 -58.11 -6.46 -3.00
C MET E 333 -56.98 -5.91 -2.15
N ILE E 334 -56.06 -6.77 -1.73
CA ILE E 334 -55.12 -6.42 -0.66
C ILE E 334 -54.27 -5.24 -1.06
N ASP E 335 -53.64 -5.32 -2.23
CA ASP E 335 -52.74 -4.25 -2.66
C ASP E 335 -53.48 -2.94 -2.83
N ALA E 336 -54.70 -2.99 -3.36
CA ALA E 336 -55.48 -1.77 -3.54
C ALA E 336 -55.74 -1.12 -2.19
N TYR E 337 -56.07 -1.91 -1.18
CA TYR E 337 -56.22 -1.34 0.15
C TYR E 337 -54.91 -0.79 0.68
N THR E 338 -53.80 -1.50 0.46
CA THR E 338 -52.52 -1.05 0.98
C THR E 338 -52.13 0.29 0.38
N HIS E 339 -52.41 0.48 -0.90
CA HIS E 339 -52.13 1.76 -1.55
C HIS E 339 -52.83 2.89 -0.80
N LEU E 340 -54.13 2.75 -0.59
CA LEU E 340 -54.89 3.78 0.11
C LEU E 340 -54.38 3.96 1.53
N GLU E 341 -54.16 2.84 2.23
CA GLU E 341 -53.73 2.91 3.62
C GLU E 341 -52.38 3.62 3.73
N THR E 342 -51.45 3.30 2.82
CA THR E 342 -50.17 3.98 2.83
C THR E 342 -50.33 5.48 2.64
N PHE E 343 -51.19 5.89 1.70
CA PHE E 343 -51.36 7.31 1.46
C PHE E 343 -51.86 8.03 2.69
N TYR E 344 -52.91 7.48 3.32
CA TYR E 344 -53.49 8.18 4.47
C TYR E 344 -52.57 8.14 5.67
N ASN E 345 -51.82 7.04 5.82
CA ASN E 345 -50.84 6.96 6.90
C ASN E 345 -49.85 8.09 6.81
N GLU E 346 -49.18 8.23 5.66
CA GLU E 346 -48.23 9.31 5.50
C GLU E 346 -48.93 10.66 5.55
N GLU E 347 -50.21 10.69 5.17
CA GLU E 347 -50.95 11.96 5.22
C GLU E 347 -51.02 12.47 6.64
N LYS E 348 -51.49 11.63 7.58
CA LYS E 348 -51.55 12.07 8.96
C LYS E 348 -50.15 12.24 9.54
N ASP E 349 -49.18 11.49 9.04
CA ASP E 349 -47.80 11.66 9.49
C ASP E 349 -47.29 13.04 9.15
N LYS E 350 -47.57 13.52 7.94
CA LYS E 350 -47.20 14.87 7.56
C LYS E 350 -47.97 15.89 8.39
N LYS E 351 -49.24 15.64 8.63
CA LYS E 351 -50.06 16.61 9.34
C LYS E 351 -49.57 16.83 10.76
N PHE E 352 -49.22 15.76 11.47
CA PHE E 352 -48.83 15.90 12.87
C PHE E 352 -47.47 16.53 13.04
N ALA E 353 -46.71 16.70 11.95
CA ALA E 353 -45.39 17.33 12.07
C ALA E 353 -45.51 18.78 12.52
N VAL E 354 -46.49 19.51 11.99
CA VAL E 354 -46.65 20.91 12.34
C VAL E 354 -46.96 21.07 13.82
N ILE E 355 -47.54 20.06 14.46
CA ILE E 355 -47.81 20.13 15.89
C ILE E 355 -46.52 20.34 16.67
N GLU E 356 -45.44 19.68 16.23
CA GLU E 356 -44.14 19.85 16.87
C GLU E 356 -43.60 21.25 16.62
N GLU E 385 -60.09 21.72 9.42
CA GLU E 385 -61.39 21.28 9.91
C GLU E 385 -62.00 20.22 8.99
N THR E 386 -61.96 20.45 7.68
CA THR E 386 -62.34 19.41 6.73
C THR E 386 -61.30 18.32 6.66
N ASP E 387 -60.10 18.59 7.16
CA ASP E 387 -59.02 17.62 7.22
C ASP E 387 -59.46 16.39 8.01
N ARG E 388 -59.69 16.57 9.31
CA ARG E 388 -60.12 15.48 10.17
C ARG E 388 -61.45 14.89 9.71
N PHE E 389 -62.32 15.74 9.15
CA PHE E 389 -63.60 15.31 8.59
C PHE E 389 -63.44 14.07 7.73
N LEU E 390 -62.25 13.85 7.18
CA LEU E 390 -61.97 12.71 6.32
C LEU E 390 -61.49 11.49 7.12
N MET E 391 -60.38 11.64 7.84
CA MET E 391 -59.77 10.48 8.50
C MET E 391 -60.70 9.87 9.52
N THR E 392 -61.51 10.69 10.18
CA THR E 392 -62.42 10.17 11.20
C THR E 392 -63.25 9.03 10.67
N LEU E 393 -63.93 9.24 9.54
CA LEU E 393 -64.74 8.19 8.95
C LEU E 393 -63.89 7.18 8.21
N PHE E 394 -62.81 7.65 7.59
CA PHE E 394 -61.95 6.75 6.83
C PHE E 394 -61.40 5.64 7.71
N PHE E 395 -61.01 5.95 8.93
CA PHE E 395 -60.25 4.98 9.72
C PHE E 395 -61.15 3.87 10.24
N GLU E 396 -62.36 4.20 10.69
CA GLU E 396 -63.32 3.15 11.02
C GLU E 396 -63.62 2.31 9.77
N ASN E 397 -63.87 2.97 8.65
CA ASN E 397 -64.19 2.24 7.44
C ASN E 397 -63.02 1.34 7.02
N ASN E 398 -61.80 1.86 7.10
CA ASN E 398 -60.65 1.09 6.63
C ASN E 398 -60.39 -0.11 7.52
N LYS E 399 -60.59 0.04 8.83
CA LYS E 399 -60.53 -1.12 9.72
C LYS E 399 -61.50 -2.19 9.25
N MET E 400 -62.75 -1.79 8.96
CA MET E 400 -63.71 -2.73 8.41
C MET E 400 -63.24 -3.30 7.09
N LEU E 401 -62.67 -2.46 6.22
CA LEU E 401 -62.25 -2.93 4.90
C LEU E 401 -61.14 -3.97 5.02
N LYS E 402 -60.15 -3.69 5.86
CA LYS E 402 -59.10 -4.68 6.09
C LYS E 402 -59.69 -5.98 6.59
N ARG E 403 -60.74 -5.90 7.40
CA ARG E 403 -61.45 -7.12 7.77
C ARG E 403 -62.10 -7.76 6.57
N LEU E 404 -62.71 -6.95 5.69
CA LEU E 404 -63.34 -7.48 4.49
C LEU E 404 -62.29 -7.87 3.45
N ALA E 405 -61.26 -7.05 3.30
CA ALA E 405 -60.25 -7.33 2.29
C ALA E 405 -59.54 -8.64 2.56
N GLU E 406 -59.29 -8.94 3.84
CA GLU E 406 -58.50 -10.13 4.19
C GLU E 406 -59.17 -11.43 3.75
N ASN E 407 -60.46 -11.40 3.44
CA ASN E 407 -61.16 -12.63 3.14
C ASN E 407 -60.88 -13.07 1.72
N PRO E 408 -60.15 -14.19 1.53
CA PRO E 408 -59.72 -14.57 0.19
C PRO E 408 -60.78 -15.27 -0.63
N GLU E 409 -61.93 -15.61 -0.04
CA GLU E 409 -62.96 -16.28 -0.80
C GLU E 409 -63.50 -15.38 -1.90
N TYR E 410 -63.61 -14.08 -1.64
CA TYR E 410 -64.07 -13.16 -2.66
C TYR E 410 -62.90 -12.78 -3.57
N GLU E 411 -63.15 -12.83 -4.87
CA GLU E 411 -62.05 -12.77 -5.82
C GLU E 411 -62.48 -12.08 -7.10
N ASN E 412 -61.52 -11.43 -7.74
CA ASN E 412 -61.73 -10.81 -9.04
C ASN E 412 -62.07 -11.87 -10.08
N GLU E 413 -62.86 -11.46 -11.08
CA GLU E 413 -63.21 -12.36 -12.17
C GLU E 413 -62.02 -12.63 -13.07
N LYS E 414 -61.25 -11.58 -13.38
CA LYS E 414 -60.13 -11.76 -14.30
C LYS E 414 -59.09 -12.70 -13.72
N LEU E 415 -58.66 -12.43 -12.49
CA LEU E 415 -57.65 -13.25 -11.85
C LEU E 415 -58.08 -14.71 -11.84
N THR E 416 -59.38 -14.96 -11.70
CA THR E 416 -59.89 -16.32 -11.68
C THR E 416 -59.56 -17.03 -12.98
N LYS E 417 -59.94 -16.43 -14.10
CA LYS E 417 -59.67 -17.05 -15.39
C LYS E 417 -58.17 -17.18 -15.61
N LEU E 418 -57.40 -16.21 -15.13
CA LEU E 418 -55.95 -16.32 -15.25
C LEU E 418 -55.45 -17.58 -14.57
N ARG E 419 -55.91 -17.82 -13.35
CA ARG E 419 -55.51 -19.02 -12.63
C ARG E 419 -55.89 -20.26 -13.42
N ASN E 420 -57.09 -20.27 -13.98
CA ASN E 420 -57.53 -21.40 -14.79
C ASN E 420 -56.60 -21.61 -15.97
N THR E 421 -56.25 -20.53 -16.66
CA THR E 421 -55.43 -20.66 -17.86
C THR E 421 -54.05 -21.19 -17.51
N ILE E 422 -53.44 -20.65 -16.46
CA ILE E 422 -52.10 -21.07 -16.10
C ILE E 422 -52.07 -22.55 -15.78
N MET E 423 -52.99 -22.97 -14.91
CA MET E 423 -53.01 -24.37 -14.48
C MET E 423 -53.27 -25.30 -15.65
N GLU E 424 -54.26 -24.95 -16.47
CA GLU E 424 -54.60 -25.78 -17.62
C GLU E 424 -53.40 -25.96 -18.53
N GLN E 425 -52.75 -24.85 -18.90
CA GLN E 425 -51.67 -24.94 -19.87
C GLN E 425 -50.48 -25.70 -19.31
N TYR E 426 -50.00 -25.33 -18.13
CA TYR E 426 -48.82 -26.01 -17.60
C TYR E 426 -49.07 -27.48 -17.35
N THR E 427 -50.22 -27.83 -16.77
CA THR E 427 -50.49 -29.24 -16.51
C THR E 427 -50.58 -30.02 -17.81
N ARG E 428 -51.18 -29.43 -18.84
CA ARG E 428 -51.26 -30.12 -20.11
C ARG E 428 -49.87 -30.33 -20.71
N THR E 429 -48.96 -29.39 -20.46
CA THR E 429 -47.64 -29.47 -21.04
C THR E 429 -46.74 -30.50 -20.35
N GLU E 430 -46.90 -30.67 -19.03
CA GLU E 430 -46.13 -31.63 -18.24
C GLU E 430 -44.62 -31.32 -18.31
N GLU E 431 -44.28 -30.19 -17.69
CA GLU E 431 -42.91 -29.73 -17.40
C GLU E 431 -42.14 -29.25 -18.63
N SER E 432 -42.82 -29.05 -19.75
CA SER E 432 -42.20 -28.47 -20.94
C SER E 432 -43.05 -27.27 -21.36
N ALA E 433 -42.81 -26.12 -20.74
CA ALA E 433 -43.69 -24.97 -20.92
C ALA E 433 -43.00 -23.72 -20.41
N ARG E 434 -42.82 -22.75 -21.30
CA ARG E 434 -42.43 -21.40 -20.89
C ARG E 434 -43.55 -20.44 -21.26
N GLY E 435 -44.00 -19.64 -20.30
CA GLY E 435 -45.08 -18.72 -20.53
C GLY E 435 -44.74 -17.28 -20.22
N ILE E 436 -45.13 -16.37 -21.11
CA ILE E 436 -44.87 -14.95 -20.95
C ILE E 436 -46.22 -14.25 -20.84
N ILE E 437 -46.39 -13.49 -19.77
CA ILE E 437 -47.62 -12.73 -19.54
C ILE E 437 -47.30 -11.26 -19.73
N PHE E 438 -48.04 -10.59 -20.60
CA PHE E 438 -47.80 -9.18 -20.87
C PHE E 438 -48.89 -8.34 -20.22
N THR E 439 -48.46 -7.31 -19.50
CA THR E 439 -49.34 -6.46 -18.71
C THR E 439 -49.16 -5.01 -19.13
N LYS E 440 -49.70 -4.10 -18.34
CA LYS E 440 -49.69 -2.68 -18.65
C LYS E 440 -48.86 -1.87 -17.66
N THR E 441 -49.17 -1.92 -16.39
CA THR E 441 -48.53 -1.07 -15.40
C THR E 441 -47.55 -1.86 -14.57
N ARG E 442 -46.46 -1.21 -14.16
CA ARG E 442 -45.38 -1.92 -13.48
C ARG E 442 -45.87 -2.60 -12.21
N GLN E 443 -46.59 -1.86 -11.37
CA GLN E 443 -47.09 -2.44 -10.14
C GLN E 443 -48.04 -3.60 -10.41
N SER E 444 -48.73 -3.57 -11.55
CA SER E 444 -49.51 -4.75 -11.91
C SER E 444 -48.60 -5.96 -12.02
N ALA E 445 -47.46 -5.78 -12.68
CA ALA E 445 -46.52 -6.89 -12.83
C ALA E 445 -46.05 -7.39 -11.47
N TYR E 446 -45.66 -6.46 -10.61
CA TYR E 446 -45.07 -6.85 -9.33
C TYR E 446 -46.11 -7.49 -8.42
N ALA E 447 -47.32 -6.93 -8.38
CA ALA E 447 -48.35 -7.52 -7.54
C ALA E 447 -48.74 -8.90 -8.03
N LEU E 448 -48.84 -9.06 -9.35
CA LEU E 448 -49.16 -10.38 -9.88
C LEU E 448 -48.07 -11.37 -9.52
N SER E 449 -46.83 -10.92 -9.46
CA SER E 449 -45.77 -11.79 -8.96
C SER E 449 -46.04 -12.24 -7.53
N GLN E 450 -46.44 -11.29 -6.67
CA GLN E 450 -46.78 -11.67 -5.31
C GLN E 450 -47.93 -12.65 -5.28
N TRP E 451 -48.94 -12.42 -6.11
CA TRP E 451 -50.10 -13.29 -6.15
C TRP E 451 -49.68 -14.70 -6.54
N ILE E 452 -48.74 -14.82 -7.47
CA ILE E 452 -48.17 -16.12 -7.77
C ILE E 452 -47.50 -16.71 -6.53
N THR E 453 -46.76 -15.86 -5.80
CA THR E 453 -45.97 -16.35 -4.68
C THR E 453 -46.84 -16.94 -3.59
N GLU E 454 -47.98 -16.31 -3.30
CA GLU E 454 -48.70 -16.60 -2.06
C GLU E 454 -49.42 -17.95 -2.11
N ASN E 455 -50.38 -18.10 -3.02
CA ASN E 455 -51.17 -19.32 -3.06
C ASN E 455 -50.30 -20.50 -3.45
N GLU E 456 -50.14 -21.44 -2.52
CA GLU E 456 -49.23 -22.56 -2.72
C GLU E 456 -49.69 -23.47 -3.86
N LYS E 457 -50.94 -23.35 -4.29
CA LYS E 457 -51.43 -24.17 -5.38
C LYS E 457 -50.68 -23.92 -6.67
N PHE E 458 -50.10 -22.74 -6.84
CA PHE E 458 -49.31 -22.49 -8.02
C PHE E 458 -48.02 -23.31 -7.99
N ALA E 459 -47.28 -23.22 -6.88
CA ALA E 459 -45.95 -23.82 -6.83
C ALA E 459 -45.99 -25.32 -7.02
N GLU E 460 -47.05 -25.98 -6.55
CA GLU E 460 -47.12 -27.43 -6.66
C GLU E 460 -47.05 -27.88 -8.11
N VAL E 461 -47.54 -27.04 -9.03
CA VAL E 461 -47.49 -27.37 -10.46
C VAL E 461 -46.11 -27.13 -11.04
N GLY E 462 -45.21 -26.53 -10.28
CA GLY E 462 -43.86 -26.29 -10.75
C GLY E 462 -43.67 -24.98 -11.47
N VAL E 463 -44.66 -24.09 -11.46
CA VAL E 463 -44.49 -22.78 -12.06
C VAL E 463 -43.54 -21.95 -11.22
N LYS E 464 -42.51 -21.42 -11.86
CA LYS E 464 -41.55 -20.53 -11.22
C LYS E 464 -41.66 -19.19 -11.91
N ALA E 465 -42.01 -18.16 -11.14
CA ALA E 465 -42.39 -16.88 -11.73
C ALA E 465 -41.46 -15.78 -11.28
N HIS E 466 -41.27 -14.82 -12.18
CA HIS E 466 -40.56 -13.60 -11.81
C HIS E 466 -41.08 -12.46 -12.66
N HIS E 467 -40.86 -11.25 -12.17
CA HIS E 467 -41.32 -10.04 -12.82
C HIS E 467 -40.15 -9.32 -13.46
N LEU E 468 -40.33 -8.85 -14.69
CA LEU E 468 -39.32 -8.16 -15.47
C LEU E 468 -39.87 -6.82 -15.91
N ILE E 469 -39.19 -5.74 -15.53
CA ILE E 469 -39.59 -4.40 -15.91
C ILE E 469 -38.34 -3.60 -16.25
N GLY E 470 -38.55 -2.42 -16.81
CA GLY E 470 -37.44 -1.55 -17.13
C GLY E 470 -36.89 -0.86 -15.90
N ALA E 471 -35.82 -0.11 -16.10
CA ALA E 471 -35.16 0.58 -15.01
C ALA E 471 -35.96 1.83 -14.60
N GLY E 472 -35.40 2.58 -13.68
CA GLY E 472 -35.99 3.84 -13.25
C GLY E 472 -37.25 3.69 -12.42
N SER E 474 -41.17 3.33 -9.80
CA SER E 474 -40.79 4.68 -9.40
C SER E 474 -41.74 5.21 -8.32
N SER E 475 -41.16 5.78 -7.27
CA SER E 475 -41.92 6.35 -6.15
C SER E 475 -42.90 5.32 -5.59
N GLU E 476 -42.41 4.10 -5.41
CA GLU E 476 -43.27 2.97 -5.12
C GLU E 476 -42.42 1.90 -4.44
N PHE E 477 -42.93 0.66 -4.44
CA PHE E 477 -42.29 -0.48 -3.79
C PHE E 477 -40.77 -0.49 -3.90
N LYS E 478 -40.24 -0.62 -5.11
CA LYS E 478 -38.80 -0.67 -5.34
C LYS E 478 -38.50 -0.62 -6.83
N PRO E 479 -37.51 0.17 -7.26
CA PRO E 479 -37.13 0.16 -8.67
C PRO E 479 -36.12 -0.94 -8.97
N MET E 480 -36.44 -1.81 -9.93
CA MET E 480 -35.54 -2.88 -10.30
C MET E 480 -34.45 -2.32 -11.21
N THR E 481 -33.22 -2.81 -11.02
CA THR E 481 -32.09 -2.23 -11.72
C THR E 481 -31.61 -3.15 -12.84
N GLN E 482 -30.79 -2.56 -13.72
CA GLN E 482 -30.46 -3.21 -14.98
C GLN E 482 -29.76 -4.54 -14.76
N ASN E 483 -28.82 -4.58 -13.82
CA ASN E 483 -28.11 -5.82 -13.58
C ASN E 483 -29.07 -6.93 -13.19
N GLU E 484 -30.06 -6.61 -12.37
CA GLU E 484 -30.99 -7.62 -11.93
C GLU E 484 -31.79 -8.19 -13.10
N GLN E 485 -32.28 -7.34 -13.99
CA GLN E 485 -33.06 -7.86 -15.10
C GLN E 485 -32.18 -8.68 -16.03
N LYS E 486 -30.91 -8.30 -16.17
CA LYS E 486 -30.00 -9.06 -17.01
C LYS E 486 -29.87 -10.48 -16.50
N GLU E 487 -29.65 -10.64 -15.20
CA GLU E 487 -29.61 -11.99 -14.67
C GLU E 487 -30.97 -12.66 -14.71
N VAL E 488 -32.06 -11.88 -14.66
CA VAL E 488 -33.39 -12.48 -14.71
C VAL E 488 -33.61 -13.17 -16.06
N ILE E 489 -33.29 -12.49 -17.15
CA ILE E 489 -33.43 -13.13 -18.45
C ILE E 489 -32.47 -14.31 -18.55
N SER E 490 -31.31 -14.20 -17.91
CA SER E 490 -30.40 -15.34 -17.87
C SER E 490 -31.07 -16.54 -17.23
N LYS E 491 -31.72 -16.32 -16.08
CA LYS E 491 -32.39 -17.42 -15.40
C LYS E 491 -33.55 -17.96 -16.23
N PHE E 492 -34.25 -17.07 -16.93
CA PHE E 492 -35.38 -17.53 -17.74
C PHE E 492 -34.92 -18.45 -18.85
N ARG E 493 -33.81 -18.11 -19.50
CA ARG E 493 -33.30 -18.98 -20.56
C ARG E 493 -32.92 -20.34 -20.00
N THR E 494 -32.33 -20.38 -18.80
CA THR E 494 -32.02 -21.65 -18.18
C THR E 494 -33.28 -22.47 -17.96
N GLY E 495 -34.31 -21.86 -17.41
CA GLY E 495 -35.52 -22.58 -17.13
C GLY E 495 -35.93 -22.92 -15.70
N LYS E 496 -35.22 -22.37 -14.73
CA LYS E 496 -35.68 -22.49 -13.35
C LYS E 496 -36.45 -21.18 -12.83
N ILE E 497 -36.76 -20.37 -13.83
CA ILE E 497 -37.81 -19.36 -13.73
C ILE E 497 -38.73 -19.72 -14.87
N ASN E 498 -39.89 -20.26 -14.52
CA ASN E 498 -40.77 -20.91 -15.49
C ASN E 498 -41.78 -19.97 -16.09
N LEU E 499 -42.18 -18.93 -15.37
CA LEU E 499 -43.21 -18.00 -15.82
C LEU E 499 -42.63 -16.59 -15.71
N LEU E 500 -42.69 -15.85 -16.80
CA LEU E 500 -42.17 -14.50 -16.79
C LEU E 500 -43.29 -13.50 -17.00
N ILE E 501 -43.37 -12.51 -16.11
CA ILE E 501 -44.36 -11.45 -16.19
C ILE E 501 -43.64 -10.19 -16.66
N ALA E 502 -44.05 -9.66 -17.81
CA ALA E 502 -43.32 -8.59 -18.46
C ALA E 502 -44.26 -7.44 -18.82
N THR E 503 -43.65 -6.31 -19.12
CA THR E 503 -44.33 -5.09 -19.54
C THR E 503 -43.87 -4.74 -20.95
N THR E 504 -44.26 -3.56 -21.41
CA THR E 504 -43.95 -3.12 -22.78
C THR E 504 -42.50 -3.42 -23.15
N VAL E 505 -41.61 -3.46 -22.17
CA VAL E 505 -40.18 -3.47 -22.45
C VAL E 505 -39.79 -4.62 -23.36
N ALA E 506 -40.43 -5.77 -23.21
CA ALA E 506 -39.94 -6.95 -23.90
C ALA E 506 -40.92 -7.53 -24.91
N GLU E 507 -41.56 -6.70 -25.73
CA GLU E 507 -42.36 -7.24 -26.81
C GLU E 507 -41.66 -7.31 -28.14
N GLU E 508 -40.47 -6.74 -28.26
CA GLU E 508 -39.78 -6.68 -29.55
C GLU E 508 -38.34 -7.16 -29.39
N GLY E 509 -38.10 -8.43 -29.67
CA GLY E 509 -36.75 -8.86 -29.95
C GLY E 509 -36.29 -10.10 -29.22
N LEU E 510 -37.08 -10.52 -28.24
CA LEU E 510 -36.75 -11.70 -27.46
C LEU E 510 -36.82 -12.94 -28.35
N ASP E 511 -35.80 -13.78 -28.24
CA ASP E 511 -35.61 -14.91 -29.14
C ASP E 511 -35.55 -16.22 -28.37
N ILE E 512 -36.35 -16.35 -27.32
CA ILE E 512 -36.33 -17.59 -26.54
C ILE E 512 -36.90 -18.70 -27.41
N LYS E 513 -36.11 -19.77 -27.57
CA LYS E 513 -36.49 -20.85 -28.47
C LYS E 513 -37.66 -21.66 -27.96
N GLU E 514 -38.02 -21.51 -26.69
CA GLU E 514 -39.10 -22.27 -26.07
C GLU E 514 -40.05 -21.28 -25.44
N CYS E 515 -41.14 -20.96 -26.14
CA CYS E 515 -42.22 -20.14 -25.60
C CYS E 515 -43.53 -20.75 -26.07
N ASN E 516 -44.04 -21.72 -25.31
CA ASN E 516 -45.29 -22.34 -25.68
C ASN E 516 -46.47 -21.44 -25.41
N ILE E 517 -46.35 -20.54 -24.44
CA ILE E 517 -47.48 -19.76 -23.95
C ILE E 517 -47.14 -18.28 -24.04
N VAL E 518 -47.99 -17.52 -24.72
CA VAL E 518 -47.95 -16.07 -24.68
C VAL E 518 -49.33 -15.57 -24.32
N ILE E 519 -49.39 -14.70 -23.31
CA ILE E 519 -50.65 -14.33 -22.66
C ILE E 519 -50.72 -12.82 -22.58
N ARG E 520 -51.89 -12.27 -22.88
CA ARG E 520 -52.14 -10.85 -22.79
C ARG E 520 -53.18 -10.59 -21.72
N TYR E 521 -52.87 -9.74 -20.76
CA TYR E 521 -53.73 -9.50 -19.60
C TYR E 521 -54.34 -8.10 -19.70
N GLY E 522 -55.52 -8.03 -20.29
CA GLY E 522 -56.26 -6.77 -20.32
C GLY E 522 -55.50 -5.64 -20.96
N LEU E 523 -54.82 -5.92 -22.07
CA LEU E 523 -54.01 -4.94 -22.77
C LEU E 523 -54.73 -4.45 -24.01
N VAL E 524 -54.62 -3.16 -24.28
CA VAL E 524 -55.19 -2.55 -25.47
C VAL E 524 -54.10 -1.75 -26.15
N THR E 525 -53.94 -1.94 -27.45
CA THR E 525 -52.81 -1.33 -28.13
C THR E 525 -53.02 -1.35 -29.63
N ASN E 526 -52.03 -0.79 -30.32
CA ASN E 526 -52.03 -0.71 -31.77
C ASN E 526 -51.66 -2.07 -32.36
N GLU E 527 -51.50 -2.10 -33.68
CA GLU E 527 -51.35 -3.37 -34.38
C GLU E 527 -49.95 -3.95 -34.26
N ILE E 528 -48.90 -3.12 -34.25
CA ILE E 528 -47.56 -3.68 -34.15
C ILE E 528 -47.36 -4.32 -32.81
N ALA E 529 -47.88 -3.69 -31.75
CA ALA E 529 -47.74 -4.28 -30.43
C ALA E 529 -48.60 -5.52 -30.25
N MET E 530 -49.35 -5.94 -31.26
CA MET E 530 -49.99 -7.24 -31.22
C MET E 530 -49.33 -8.24 -32.13
N VAL E 531 -48.85 -7.80 -33.30
CA VAL E 531 -48.10 -8.70 -34.17
C VAL E 531 -46.86 -9.21 -33.45
N GLN E 532 -46.11 -8.31 -32.82
CA GLN E 532 -44.91 -8.72 -32.13
C GLN E 532 -45.23 -9.65 -30.97
N ALA E 533 -46.30 -9.36 -30.24
CA ALA E 533 -46.65 -10.22 -29.12
C ALA E 533 -46.93 -11.64 -29.59
N ARG E 534 -47.70 -11.79 -30.67
CA ARG E 534 -47.89 -13.13 -31.21
C ARG E 534 -46.59 -13.73 -31.71
N GLY E 535 -45.65 -12.90 -32.16
CA GLY E 535 -44.39 -13.44 -32.60
C GLY E 535 -43.55 -14.01 -31.48
N ARG E 536 -43.73 -13.54 -30.25
CA ARG E 536 -42.85 -13.97 -29.18
C ARG E 536 -42.91 -15.47 -28.95
N ALA E 537 -44.06 -16.09 -29.23
CA ALA E 537 -44.20 -17.52 -29.00
C ALA E 537 -43.40 -18.26 -30.05
N ARG E 538 -42.08 -18.16 -29.94
CA ARG E 538 -41.17 -18.79 -30.89
C ARG E 538 -41.00 -20.26 -30.51
N ALA E 539 -42.09 -21.00 -30.64
CA ALA E 539 -42.11 -22.41 -30.28
C ALA E 539 -43.22 -23.11 -31.06
N ASP E 540 -43.12 -24.43 -31.13
CA ASP E 540 -44.16 -25.23 -31.76
C ASP E 540 -45.40 -25.30 -30.88
N GLU E 541 -46.52 -25.64 -31.52
CA GLU E 541 -47.85 -25.68 -30.90
C GLU E 541 -48.08 -24.48 -29.98
N SER E 542 -47.51 -23.36 -30.40
CA SER E 542 -47.58 -22.15 -29.60
C SER E 542 -49.02 -21.71 -29.43
N THR E 543 -49.34 -21.27 -28.22
CA THR E 543 -50.68 -20.87 -27.86
C THR E 543 -50.69 -19.41 -27.43
N TYR E 544 -51.55 -18.62 -28.05
CA TYR E 544 -51.72 -17.21 -27.73
C TYR E 544 -53.08 -17.04 -27.10
N VAL E 545 -53.10 -16.54 -25.87
CA VAL E 545 -54.32 -16.43 -25.10
C VAL E 545 -54.56 -14.96 -24.79
N LEU E 546 -55.77 -14.50 -25.06
CA LEU E 546 -56.19 -13.16 -24.67
C LEU E 546 -57.13 -13.29 -23.48
N VAL E 547 -56.88 -12.51 -22.43
CA VAL E 547 -57.72 -12.54 -21.24
C VAL E 547 -58.24 -11.13 -21.01
N ALA E 548 -59.56 -11.02 -20.83
CA ALA E 548 -60.17 -9.75 -20.49
C ALA E 548 -61.59 -10.00 -20.04
N HIS E 549 -62.25 -8.95 -19.55
CA HIS E 549 -63.66 -8.99 -19.21
C HIS E 549 -64.41 -8.08 -20.16
N SER E 550 -65.63 -8.48 -20.51
CA SER E 550 -66.39 -7.80 -21.54
C SER E 550 -66.79 -6.38 -21.18
N GLY E 551 -66.47 -5.96 -19.96
CA GLY E 551 -66.85 -4.62 -19.52
C GLY E 551 -66.28 -3.53 -20.39
N SER E 552 -64.99 -3.62 -20.69
CA SER E 552 -64.33 -2.60 -21.50
C SER E 552 -64.28 -3.01 -22.95
N GLY E 553 -63.74 -2.12 -23.77
CA GLY E 553 -63.55 -2.38 -25.18
C GLY E 553 -62.27 -3.13 -25.46
N VAL E 554 -62.25 -4.44 -25.23
CA VAL E 554 -61.04 -5.21 -25.44
C VAL E 554 -61.16 -6.05 -26.71
N ILE E 555 -62.14 -6.95 -26.72
CA ILE E 555 -62.28 -7.86 -27.86
C ILE E 555 -62.57 -7.09 -29.13
N GLU E 556 -63.29 -5.98 -29.01
CA GLU E 556 -63.53 -5.12 -30.16
C GLU E 556 -62.24 -4.49 -30.65
N ARG E 557 -61.36 -4.09 -29.73
CA ARG E 557 -60.04 -3.65 -30.15
C ARG E 557 -59.30 -4.76 -30.87
N GLU E 558 -59.43 -5.99 -30.38
CA GLU E 558 -58.82 -7.13 -31.08
C GLU E 558 -59.38 -7.26 -32.49
N THR E 559 -60.69 -7.11 -32.63
CA THR E 559 -61.30 -7.26 -33.94
C THR E 559 -60.79 -6.22 -34.91
N VAL E 560 -60.82 -4.95 -34.50
CA VAL E 560 -60.37 -3.89 -35.40
C VAL E 560 -58.89 -4.06 -35.70
N ASN E 561 -58.12 -4.51 -34.71
CA ASN E 561 -56.72 -4.79 -34.97
C ASN E 561 -56.55 -5.85 -36.04
N ASP E 562 -57.37 -6.91 -35.96
CA ASP E 562 -57.29 -7.96 -36.97
C ASP E 562 -57.52 -7.41 -38.37
N PHE E 563 -58.62 -6.69 -38.55
CA PHE E 563 -58.93 -6.15 -39.88
C PHE E 563 -57.84 -5.21 -40.34
N ARG E 564 -57.30 -4.41 -39.43
CA ARG E 564 -56.22 -3.50 -39.77
C ARG E 564 -55.00 -4.28 -40.25
N GLU E 565 -54.71 -5.40 -39.60
CA GLU E 565 -53.60 -6.25 -40.04
C GLU E 565 -53.79 -6.67 -41.48
N LYS E 566 -54.99 -7.15 -41.82
CA LYS E 566 -55.22 -7.59 -43.19
C LYS E 566 -55.06 -6.45 -44.18
N MET E 567 -55.58 -5.28 -43.83
CA MET E 567 -55.33 -4.11 -44.67
C MET E 567 -53.86 -3.94 -44.93
N MET E 568 -53.04 -4.10 -43.91
CA MET E 568 -51.62 -3.83 -44.07
C MET E 568 -50.98 -4.79 -45.06
N TYR E 569 -51.27 -6.08 -44.92
CA TYR E 569 -50.69 -7.05 -45.85
C TYR E 569 -51.11 -6.76 -47.28
N LYS E 570 -52.40 -6.51 -47.50
CA LYS E 570 -52.84 -6.26 -48.86
C LYS E 570 -52.17 -5.02 -49.43
N ALA E 571 -52.05 -3.97 -48.62
CA ALA E 571 -51.48 -2.73 -49.11
C ALA E 571 -50.01 -2.87 -49.44
N ILE E 572 -49.27 -3.60 -48.61
CA ILE E 572 -47.84 -3.76 -48.91
C ILE E 572 -47.69 -4.58 -50.17
N HIS E 573 -48.62 -5.52 -50.42
CA HIS E 573 -48.65 -6.19 -51.71
C HIS E 573 -48.94 -5.21 -52.84
N CYS E 574 -49.78 -4.21 -52.58
CA CYS E 574 -50.11 -3.22 -53.59
C CYS E 574 -48.89 -2.39 -53.98
N VAL E 575 -48.22 -1.81 -52.99
CA VAL E 575 -47.04 -0.99 -53.28
C VAL E 575 -45.93 -1.86 -53.83
N GLN E 576 -45.85 -3.11 -53.38
CA GLN E 576 -44.90 -4.07 -53.91
C GLN E 576 -44.86 -4.08 -55.43
N ASN E 577 -45.93 -3.63 -56.08
CA ASN E 577 -46.11 -3.73 -57.52
C ASN E 577 -46.42 -2.37 -58.13
N MET E 578 -45.62 -1.37 -57.81
CA MET E 578 -45.74 -0.08 -58.45
C MET E 578 -44.67 0.07 -59.53
N LYS E 579 -44.85 1.11 -60.35
CA LYS E 579 -43.99 1.40 -61.50
C LYS E 579 -42.81 2.27 -61.07
N PRO E 580 -41.58 1.87 -61.42
CA PRO E 580 -40.40 2.46 -60.78
C PRO E 580 -40.32 3.98 -60.89
N GLU E 581 -40.65 4.55 -62.04
CA GLU E 581 -40.52 5.99 -62.19
C GLU E 581 -41.51 6.73 -61.30
N GLU E 582 -42.76 6.27 -61.28
CA GLU E 582 -43.74 6.87 -60.37
C GLU E 582 -43.31 6.67 -58.93
N TYR E 583 -42.74 5.51 -58.63
CA TYR E 583 -42.18 5.26 -57.30
C TYR E 583 -41.15 6.32 -56.97
N ALA E 584 -40.23 6.59 -57.88
CA ALA E 584 -39.18 7.56 -57.61
C ALA E 584 -39.76 8.95 -57.41
N HIS E 585 -40.70 9.35 -58.26
CA HIS E 585 -41.29 10.68 -58.14
C HIS E 585 -41.97 10.85 -56.79
N LYS E 586 -42.84 9.90 -56.44
CA LYS E 586 -43.55 10.00 -55.17
C LYS E 586 -42.58 10.01 -54.00
N ILE E 587 -41.55 9.15 -54.05
CA ILE E 587 -40.58 9.08 -52.97
C ILE E 587 -39.90 10.43 -52.79
N LEU E 588 -39.39 11.00 -53.88
CA LEU E 588 -38.69 12.27 -53.81
C LEU E 588 -39.58 13.35 -53.21
N GLU E 589 -40.83 13.41 -53.66
CA GLU E 589 -41.73 14.44 -53.17
C GLU E 589 -41.93 14.30 -51.67
N LEU E 590 -42.10 13.06 -51.19
CA LEU E 590 -42.25 12.85 -49.76
C LEU E 590 -41.01 13.32 -49.01
N GLN E 591 -39.83 13.02 -49.56
CA GLN E 591 -38.59 13.48 -48.95
C GLN E 591 -38.64 14.98 -48.72
N MET E 592 -39.06 15.72 -49.75
CA MET E 592 -39.16 17.16 -49.60
C MET E 592 -40.10 17.51 -48.46
N GLN E 593 -41.28 16.91 -48.47
CA GLN E 593 -42.33 17.30 -47.53
C GLN E 593 -41.82 17.31 -46.10
N SER E 594 -41.13 16.25 -45.71
CA SER E 594 -40.65 16.17 -44.33
C SER E 594 -39.74 17.33 -43.99
N ILE E 595 -38.85 17.69 -44.93
CA ILE E 595 -37.86 18.72 -44.65
C ILE E 595 -38.55 20.07 -44.45
N MET E 596 -39.43 20.46 -45.38
CA MET E 596 -40.06 21.77 -45.22
C MET E 596 -40.89 21.83 -43.95
N GLU E 597 -41.60 20.75 -43.64
CA GLU E 597 -42.40 20.77 -42.41
C GLU E 597 -41.50 20.89 -41.19
N LYS E 598 -40.34 20.24 -41.21
CA LYS E 598 -39.42 20.36 -40.09
C LYS E 598 -38.95 21.81 -39.92
N LYS E 599 -38.65 22.47 -41.03
CA LYS E 599 -38.25 23.87 -40.93
C LYS E 599 -39.37 24.74 -40.36
N MET E 600 -40.61 24.51 -40.81
CA MET E 600 -41.73 25.29 -40.28
C MET E 600 -41.89 25.06 -38.79
N LYS E 601 -41.81 23.81 -38.36
CA LYS E 601 -41.90 23.53 -36.93
C LYS E 601 -40.76 24.22 -36.19
N THR E 602 -39.59 24.30 -36.82
CA THR E 602 -38.46 24.94 -36.16
C THR E 602 -38.76 26.40 -35.84
N LYS E 603 -39.23 27.14 -36.83
CA LYS E 603 -39.54 28.56 -36.57
C LYS E 603 -40.68 28.70 -35.58
N ARG E 604 -41.67 27.81 -35.65
CA ARG E 604 -42.76 27.85 -34.70
C ARG E 604 -42.25 27.70 -33.28
N ASN E 605 -41.37 26.71 -33.07
CA ASN E 605 -40.85 26.46 -31.72
C ASN E 605 -40.02 27.63 -31.23
N ILE E 606 -39.10 28.13 -32.06
CA ILE E 606 -38.20 29.17 -31.59
C ILE E 606 -38.96 30.45 -31.29
N ALA E 607 -40.02 30.75 -32.05
CA ALA E 607 -40.85 31.89 -31.70
C ALA E 607 -41.71 31.60 -30.47
N LYS E 608 -42.05 30.33 -30.24
CA LYS E 608 -42.85 29.97 -29.08
C LYS E 608 -42.10 30.18 -27.78
N HIS E 609 -40.76 30.17 -27.83
CA HIS E 609 -39.98 30.22 -26.60
C HIS E 609 -40.22 31.50 -25.81
N TYR E 610 -40.46 32.61 -26.50
CA TYR E 610 -40.66 33.89 -25.85
C TYR E 610 -41.95 33.89 -25.02
N ASN E 612 -37.95 38.23 -20.61
CA ASN E 612 -38.33 37.31 -19.55
C ASN E 612 -37.65 37.68 -18.23
N ASN E 613 -38.32 38.50 -17.45
CA ASN E 613 -37.76 38.97 -16.18
C ASN E 613 -37.57 37.80 -15.23
N PRO E 614 -36.36 37.57 -14.71
CA PRO E 614 -36.19 36.55 -13.66
C PRO E 614 -36.72 36.97 -12.31
N SER E 615 -37.29 38.16 -12.18
CA SER E 615 -37.83 38.63 -10.91
C SER E 615 -39.33 38.89 -10.97
N LEU E 616 -39.97 38.69 -12.12
CA LEU E 616 -41.32 39.17 -12.31
C LEU E 616 -42.32 38.40 -11.45
N ILE E 617 -42.06 37.14 -11.17
CA ILE E 617 -43.05 36.27 -10.57
C ILE E 617 -42.73 36.03 -9.10
N THR E 618 -43.69 35.44 -8.40
CA THR E 618 -43.57 35.04 -7.01
C THR E 618 -44.35 33.75 -6.81
N PHE E 619 -43.93 32.94 -5.85
CA PHE E 619 -44.46 31.60 -5.66
C PHE E 619 -45.28 31.50 -4.39
N LEU E 620 -46.38 30.75 -4.46
CA LEU E 620 -47.32 30.60 -3.36
C LEU E 620 -47.65 29.12 -3.17
N CYS E 621 -48.04 28.76 -1.95
CA CYS E 621 -48.49 27.39 -1.69
C CYS E 621 -49.77 27.12 -2.47
N LYS E 622 -50.10 25.83 -2.62
CA LYS E 622 -51.44 25.47 -3.05
C LYS E 622 -52.37 25.18 -1.89
N ASN E 623 -51.91 24.39 -0.92
CA ASN E 623 -52.77 24.10 0.23
C ASN E 623 -53.06 25.37 1.03
N CYS E 624 -52.03 26.10 1.41
CA CYS E 624 -52.21 27.48 1.81
C CYS E 624 -51.96 28.34 0.58
N SER E 625 -51.92 29.65 0.76
CA SER E 625 -51.53 30.54 -0.34
C SER E 625 -50.46 31.51 0.11
N VAL E 626 -49.81 31.22 1.23
CA VAL E 626 -48.79 32.11 1.77
C VAL E 626 -47.68 32.28 0.75
N LEU E 627 -47.25 33.52 0.55
CA LEU E 627 -46.15 33.79 -0.35
C LEU E 627 -44.92 33.01 0.09
N ALA E 628 -44.25 32.36 -0.86
CA ALA E 628 -43.07 31.56 -0.55
C ALA E 628 -41.79 32.34 -0.79
N CYS E 629 -41.59 32.82 -2.01
CA CYS E 629 -40.41 33.61 -2.36
C CYS E 629 -40.66 34.26 -3.71
N SER E 630 -39.75 35.12 -4.10
CA SER E 630 -39.86 35.86 -5.35
C SER E 630 -38.92 35.27 -6.39
N GLY E 631 -38.91 35.91 -7.57
CA GLY E 631 -38.17 35.36 -8.69
C GLY E 631 -36.67 35.36 -8.47
N GLU E 632 -36.15 36.36 -7.77
CA GLU E 632 -34.71 36.51 -7.66
C GLU E 632 -34.07 35.49 -6.72
N ASP E 633 -34.86 34.73 -5.98
CA ASP E 633 -34.31 33.84 -4.96
C ASP E 633 -33.88 32.48 -5.50
N ILE E 634 -34.20 32.16 -6.75
CA ILE E 634 -33.99 30.81 -7.28
C ILE E 634 -32.76 30.79 -8.15
N HIS E 635 -31.94 29.75 -7.97
CA HIS E 635 -30.73 29.55 -8.75
C HIS E 635 -30.69 28.09 -9.19
N VAL E 636 -29.98 27.82 -10.28
CA VAL E 636 -29.98 26.52 -10.91
C VAL E 636 -28.60 25.89 -10.81
N ILE E 637 -28.56 24.57 -10.65
CA ILE E 637 -27.34 23.80 -10.66
C ILE E 637 -27.24 23.09 -12.00
N GLU E 638 -26.20 23.45 -12.77
CA GLU E 638 -25.84 22.77 -14.00
C GLU E 638 -27.01 22.71 -14.98
N LYS E 639 -27.80 23.78 -15.01
CA LYS E 639 -29.00 23.84 -15.84
C LYS E 639 -29.96 22.72 -15.53
N MET E 640 -29.79 22.06 -14.39
CA MET E 640 -30.53 20.84 -14.09
C MET E 640 -31.49 20.98 -12.92
N HIS E 641 -31.07 21.56 -11.81
CA HIS E 641 -31.90 21.54 -10.62
C HIS E 641 -32.08 22.93 -10.05
N HIS E 642 -33.32 23.36 -9.93
CA HIS E 642 -33.64 24.65 -9.31
C HIS E 642 -33.58 24.50 -7.80
N VAL E 643 -33.24 25.59 -7.11
CA VAL E 643 -33.00 25.54 -5.68
C VAL E 643 -33.01 26.96 -5.14
N ASN E 644 -33.22 27.09 -3.83
CA ASN E 644 -33.22 28.39 -3.17
C ASN E 644 -32.27 28.38 -1.99
N MET E 645 -31.51 29.47 -1.86
CA MET E 645 -30.52 29.66 -0.81
C MET E 645 -30.96 30.61 0.29
N THR E 646 -32.08 31.31 0.11
CA THR E 646 -32.44 32.43 0.97
C THR E 646 -32.59 31.98 2.43
N PRO E 647 -31.97 32.68 3.38
CA PRO E 647 -31.96 32.18 4.77
C PRO E 647 -33.29 32.32 5.48
N GLU E 648 -33.98 33.44 5.31
CA GLU E 648 -35.31 33.55 5.90
C GLU E 648 -36.24 32.50 5.30
N PHE E 649 -36.16 32.32 3.98
CA PHE E 649 -36.90 31.23 3.35
C PHE E 649 -36.56 29.90 3.97
N LYS E 650 -35.32 29.74 4.45
CA LYS E 650 -35.00 28.54 5.22
C LYS E 650 -35.82 28.48 6.49
N GLU E 651 -36.06 29.62 7.12
CA GLU E 651 -36.85 29.60 8.33
C GLU E 651 -38.32 29.25 8.06
N LEU E 652 -38.85 29.60 6.89
CA LEU E 652 -40.28 29.40 6.66
C LEU E 652 -40.69 27.93 6.72
N TYR E 653 -39.96 27.05 6.05
CA TYR E 653 -40.45 25.70 5.85
C TYR E 653 -40.11 24.80 7.04
N ILE E 654 -40.39 23.51 6.88
CA ILE E 654 -40.06 22.49 7.86
C ILE E 654 -39.38 21.33 7.17
N VAL E 655 -38.32 20.79 7.79
CA VAL E 655 -37.71 19.56 7.32
C VAL E 655 -38.44 18.37 7.95
N ARG E 656 -38.32 17.21 7.31
CA ARG E 656 -38.88 16.01 7.90
C ARG E 656 -38.14 14.80 7.37
N GLU E 657 -37.97 13.79 8.22
CA GLU E 657 -37.32 12.55 7.85
C GLU E 657 -38.14 11.37 8.35
N LYS E 658 -37.99 10.23 7.67
CA LYS E 658 -38.69 9.00 8.02
C LYS E 658 -37.96 8.24 9.12
N GLN E 669 -32.59 10.76 8.08
CA GLN E 669 -32.47 10.33 6.70
C GLN E 669 -31.44 11.18 5.95
N ILE E 670 -30.89 10.61 4.88
CA ILE E 670 -29.84 11.27 4.12
C ILE E 670 -30.37 12.56 3.48
N ASN E 671 -31.62 12.55 3.06
CA ASN E 671 -32.29 13.73 2.56
C ASN E 671 -33.54 14.00 3.38
N GLY E 672 -33.86 15.28 3.57
CA GLY E 672 -35.07 15.69 4.24
C GLY E 672 -36.11 16.17 3.22
N GLU E 673 -37.37 15.95 3.56
CA GLU E 673 -38.46 16.44 2.73
C GLU E 673 -39.02 17.71 3.34
N ILE E 674 -39.32 18.67 2.49
CA ILE E 674 -39.84 19.95 2.94
C ILE E 674 -41.34 19.84 3.15
N ILE E 675 -41.83 20.47 4.21
CA ILE E 675 -43.24 20.46 4.57
C ILE E 675 -43.68 21.88 4.84
N CYS E 676 -44.83 22.24 4.28
CA CYS E 676 -45.41 23.55 4.49
C CYS E 676 -46.03 23.65 5.88
N LYS E 677 -46.62 24.80 6.17
CA LYS E 677 -47.44 24.91 7.36
C LYS E 677 -48.71 24.10 7.22
N CYS E 678 -49.25 24.02 6.00
CA CYS E 678 -50.41 23.18 5.75
C CYS E 678 -50.07 21.70 5.87
N GLY E 679 -48.80 21.34 5.71
CA GLY E 679 -48.39 19.96 5.63
C GLY E 679 -48.05 19.49 4.23
N GLN E 680 -48.30 20.30 3.21
CA GLN E 680 -47.97 19.93 1.86
C GLN E 680 -46.45 20.00 1.64
N ALA E 681 -45.93 19.07 0.85
CA ALA E 681 -44.51 19.04 0.58
C ALA E 681 -44.11 20.13 -0.40
N TRP E 682 -42.87 20.59 -0.28
CA TRP E 682 -42.35 21.57 -1.22
C TRP E 682 -41.15 21.07 -2.01
N GLY E 683 -40.15 20.50 -1.33
CA GLY E 683 -38.94 20.10 -2.02
C GLY E 683 -38.17 19.10 -1.19
N THR E 684 -36.92 18.90 -1.57
CA THR E 684 -36.07 17.91 -0.92
C THR E 684 -34.71 18.52 -0.64
N MET E 685 -34.11 18.12 0.48
CA MET E 685 -32.78 18.59 0.81
C MET E 685 -31.77 17.91 -0.12
N MET E 686 -30.76 18.67 -0.55
CA MET E 686 -29.71 18.16 -1.40
C MET E 686 -28.39 18.78 -0.96
N VAL E 687 -27.30 18.06 -1.19
CA VAL E 687 -25.98 18.55 -0.84
C VAL E 687 -25.16 18.62 -2.11
N HIS E 688 -24.54 19.76 -2.37
CA HIS E 688 -23.86 19.98 -3.63
C HIS E 688 -22.62 20.84 -3.43
N LYS E 689 -21.49 20.34 -3.95
CA LYS E 689 -20.23 21.06 -3.93
C LYS E 689 -19.88 21.53 -2.51
N GLY E 690 -20.20 20.71 -1.53
CA GLY E 690 -19.93 21.01 -0.15
C GLY E 690 -20.90 21.95 0.53
N LEU E 691 -22.02 22.28 -0.10
CA LEU E 691 -23.01 23.17 0.47
C LEU E 691 -24.25 22.37 0.86
N ASP E 692 -24.97 22.84 1.87
CA ASP E 692 -26.23 22.24 2.29
C ASP E 692 -27.38 23.14 1.87
N LEU E 693 -28.39 22.55 1.21
CA LEU E 693 -29.30 23.38 0.44
C LEU E 693 -30.57 22.65 0.04
N PRO E 694 -31.75 23.21 0.30
CA PRO E 694 -33.01 22.56 -0.09
C PRO E 694 -33.53 23.06 -1.43
N CYS E 695 -34.03 22.12 -2.24
CA CYS E 695 -34.56 22.44 -3.55
C CYS E 695 -36.08 22.47 -3.49
N LEU E 696 -36.69 22.81 -4.62
CA LEU E 696 -38.15 22.93 -4.72
C LEU E 696 -38.61 22.38 -6.06
N LYS E 697 -39.85 21.89 -6.09
CA LYS E 697 -40.48 21.40 -7.30
C LYS E 697 -41.58 22.35 -7.71
N ILE E 698 -41.55 22.77 -8.97
CA ILE E 698 -42.52 23.74 -9.46
C ILE E 698 -43.94 23.20 -9.37
N ARG E 699 -44.11 21.88 -9.39
CA ARG E 699 -45.43 21.30 -9.18
C ARG E 699 -46.00 21.64 -7.81
N ASN E 700 -45.13 21.82 -6.83
CA ASN E 700 -45.58 22.03 -5.46
C ASN E 700 -46.07 23.45 -5.21
N PHE E 701 -45.92 24.35 -6.16
CA PHE E 701 -46.18 25.76 -5.89
C PHE E 701 -47.22 26.34 -6.83
N VAL E 702 -47.39 27.66 -6.79
CA VAL E 702 -48.26 28.39 -7.70
C VAL E 702 -47.51 29.64 -8.15
N VAL E 703 -47.54 29.92 -9.46
CA VAL E 703 -46.87 31.08 -10.00
C VAL E 703 -47.83 32.28 -9.95
N VAL E 704 -47.29 33.44 -9.62
CA VAL E 704 -48.03 34.70 -9.64
C VAL E 704 -47.18 35.74 -10.34
N PHE E 705 -47.72 36.34 -11.40
CA PHE E 705 -47.02 37.39 -12.13
C PHE E 705 -47.31 38.74 -11.50
N LYS E 706 -46.72 39.79 -12.05
CA LYS E 706 -46.95 41.14 -11.56
C LYS E 706 -47.64 42.05 -12.56
N ASN E 707 -47.65 41.71 -13.83
CA ASN E 707 -48.42 42.46 -14.81
C ASN E 707 -49.87 42.03 -14.82
N ASN E 708 -50.10 40.72 -14.78
CA ASN E 708 -51.45 40.14 -14.72
C ASN E 708 -51.50 39.20 -13.53
N SER E 709 -52.48 39.40 -12.65
CA SER E 709 -52.60 38.57 -11.46
C SER E 709 -53.43 37.32 -11.78
N THR E 710 -52.81 36.44 -12.56
CA THR E 710 -53.38 35.14 -12.87
C THR E 710 -52.65 34.05 -12.08
N LYS E 711 -53.42 33.06 -11.63
CA LYS E 711 -52.90 31.97 -10.83
C LYS E 711 -52.73 30.77 -11.74
N LYS E 712 -51.49 30.35 -11.96
CA LYS E 712 -51.17 29.31 -12.92
C LYS E 712 -50.29 28.25 -12.29
N GLN E 713 -50.26 27.09 -12.92
CA GLN E 713 -49.45 25.97 -12.50
C GLN E 713 -48.78 25.35 -13.71
N TYR E 714 -47.69 24.63 -13.46
CA TYR E 714 -47.01 23.90 -14.51
C TYR E 714 -46.43 22.61 -13.91
N LYS E 715 -46.61 21.50 -14.61
CA LYS E 715 -46.12 20.22 -14.08
C LYS E 715 -44.61 20.16 -14.07
N LYS E 716 -43.95 20.78 -15.04
CA LYS E 716 -42.51 20.72 -15.17
C LYS E 716 -41.97 22.13 -15.28
N TRP E 717 -40.65 22.26 -15.28
CA TRP E 717 -40.06 23.59 -15.29
C TRP E 717 -39.91 24.16 -16.69
N VAL E 718 -39.93 23.33 -17.73
CA VAL E 718 -39.62 23.83 -19.06
C VAL E 718 -40.70 24.76 -19.59
N GLU E 719 -41.94 24.63 -19.13
CA GLU E 719 -42.99 25.49 -19.66
C GLU E 719 -42.74 26.94 -19.28
N LEU E 720 -42.24 27.19 -18.09
CA LEU E 720 -42.14 28.57 -17.60
C LEU E 720 -41.09 29.32 -18.41
N PRO E 721 -41.45 30.45 -19.03
CA PRO E 721 -40.50 31.16 -19.89
C PRO E 721 -39.40 31.90 -19.13
N ILE E 722 -39.38 31.80 -17.81
CA ILE E 722 -38.37 32.49 -17.03
C ILE E 722 -37.01 31.81 -17.20
N THR E 723 -35.95 32.61 -17.08
CA THR E 723 -34.58 32.12 -17.10
C THR E 723 -33.91 32.54 -15.80
N PHE E 724 -33.17 31.63 -15.21
CA PHE E 724 -32.63 31.93 -13.90
C PHE E 724 -31.13 32.11 -13.93
N PRO E 725 -30.58 32.95 -13.06
CA PRO E 725 -29.13 32.97 -12.88
C PRO E 725 -28.65 31.69 -12.22
N ASN E 726 -27.41 31.34 -12.50
CA ASN E 726 -26.83 30.12 -11.96
C ASN E 726 -26.37 30.35 -10.52
N LEU E 727 -25.55 29.43 -10.02
CA LEU E 727 -25.06 29.50 -8.67
C LEU E 727 -23.56 29.79 -8.67
N ASP E 728 -24.47 32.41 -7.41
CA ASP E 728 -23.14 32.79 -6.95
C ASP E 728 -22.62 31.80 -5.92
N TYR E 729 -21.56 31.07 -6.27
CA TYR E 729 -20.99 30.10 -5.33
C TYR E 729 -20.11 30.75 -4.28
N SER E 730 -19.83 32.05 -4.40
CA SER E 730 -18.97 32.72 -3.43
C SER E 730 -19.56 32.74 -2.03
N GLU E 731 -20.81 32.31 -1.87
CA GLU E 731 -21.44 32.28 -0.57
C GLU E 731 -21.29 30.91 0.08
N PRO F 10 -78.21 -48.96 -29.33
CA PRO F 10 -78.46 -50.40 -29.19
C PRO F 10 -77.32 -51.12 -28.49
N LEU F 11 -76.08 -50.82 -28.88
CA LEU F 11 -74.93 -51.46 -28.27
C LEU F 11 -74.86 -51.15 -26.78
N ARG F 12 -75.20 -49.92 -26.41
CA ARG F 12 -75.28 -49.54 -25.01
C ARG F 12 -76.24 -50.47 -24.26
N ARG F 13 -77.36 -50.82 -24.90
CA ARG F 13 -78.28 -51.79 -24.30
C ARG F 13 -77.63 -53.16 -24.19
N LYS F 14 -76.90 -53.57 -25.22
CA LYS F 14 -76.17 -54.83 -25.14
C LYS F 14 -75.11 -54.77 -24.05
N LEU F 15 -74.63 -53.58 -23.72
CA LEU F 15 -73.61 -53.48 -22.68
C LEU F 15 -74.22 -53.60 -21.30
N TRP F 16 -75.38 -52.99 -21.06
CA TRP F 16 -75.74 -52.66 -19.69
C TRP F 16 -76.04 -53.88 -18.83
N GLN F 17 -76.12 -55.08 -19.41
CA GLN F 17 -76.24 -56.26 -18.55
C GLN F 17 -74.94 -56.56 -17.79
N ASN F 18 -73.81 -56.01 -18.22
CA ASN F 18 -72.58 -56.05 -17.44
C ASN F 18 -72.25 -54.69 -16.85
N TYR F 19 -73.23 -53.81 -16.78
CA TYR F 19 -73.11 -52.54 -16.07
C TYR F 19 -72.84 -52.78 -14.59
N ARG F 20 -71.99 -51.94 -14.00
CA ARG F 20 -71.66 -52.03 -12.59
C ARG F 20 -71.74 -50.65 -11.96
N ASN F 21 -72.32 -50.56 -10.77
CA ASN F 21 -72.40 -49.31 -10.03
C ASN F 21 -71.18 -49.16 -9.13
N LEU F 22 -70.82 -47.90 -8.84
CA LEU F 22 -69.56 -47.61 -8.16
C LEU F 22 -69.74 -46.52 -7.12
N THR F 23 -68.78 -46.44 -6.20
CA THR F 23 -68.71 -45.36 -5.21
C THR F 23 -67.28 -45.25 -4.71
N PHE F 24 -66.95 -44.08 -4.16
CA PHE F 24 -65.57 -43.71 -3.89
C PHE F 24 -65.08 -44.26 -2.56
N ASP F 25 -63.89 -43.82 -2.16
CA ASP F 25 -63.36 -44.06 -0.81
C ASP F 25 -62.95 -42.71 -0.24
N PRO F 26 -63.49 -42.30 0.91
CA PRO F 26 -63.10 -41.01 1.47
C PRO F 26 -61.64 -40.97 1.90
N VAL F 27 -61.05 -42.11 2.27
CA VAL F 27 -59.67 -42.10 2.73
C VAL F 27 -58.72 -41.72 1.60
N SER F 28 -58.99 -42.21 0.38
CA SER F 28 -58.12 -41.94 -0.76
C SER F 28 -58.39 -40.59 -1.40
N ALA F 29 -59.45 -39.90 -1.00
CA ALA F 29 -59.74 -38.60 -1.58
C ALA F 29 -58.65 -37.61 -1.21
N ASN F 30 -58.34 -36.72 -2.14
CA ASN F 30 -57.29 -35.73 -1.90
C ASN F 30 -57.82 -34.61 -1.03
N ARG F 31 -56.90 -33.77 -0.56
CA ARG F 31 -57.25 -32.75 0.43
C ARG F 31 -58.28 -31.77 -0.12
N HIS F 32 -57.99 -31.20 -1.30
CA HIS F 32 -58.86 -30.21 -1.90
C HIS F 32 -60.15 -30.79 -2.44
N PHE F 33 -60.25 -32.12 -2.53
CA PHE F 33 -61.40 -32.76 -3.13
C PHE F 33 -62.55 -32.88 -2.12
N TYR F 34 -63.74 -33.16 -2.65
CA TYR F 34 -64.92 -33.26 -1.81
C TYR F 34 -65.85 -34.31 -2.39
N LEU F 35 -66.44 -35.11 -1.51
CA LEU F 35 -67.37 -36.18 -1.89
C LEU F 35 -68.79 -35.80 -1.51
N SER F 36 -69.74 -36.27 -2.30
CA SER F 36 -71.14 -35.88 -2.13
C SER F 36 -72.03 -36.84 -2.90
N ARG F 37 -73.33 -36.61 -2.81
CA ARG F 37 -74.35 -37.42 -3.47
C ARG F 37 -74.12 -38.90 -3.20
N GLN F 38 -74.24 -39.25 -1.91
CA GLN F 38 -74.11 -40.63 -1.45
C GLN F 38 -72.79 -41.22 -1.94
N ASP F 39 -71.73 -40.41 -1.88
CA ASP F 39 -70.39 -40.81 -2.31
C ASP F 39 -70.40 -41.31 -3.75
N GLN F 40 -71.16 -40.62 -4.61
CA GLN F 40 -71.18 -40.92 -6.02
C GLN F 40 -70.79 -39.71 -6.87
N GLN F 41 -70.52 -38.57 -6.24
CA GLN F 41 -70.12 -37.35 -6.93
C GLN F 41 -68.93 -36.75 -6.20
N VAL F 42 -67.96 -36.25 -6.96
CA VAL F 42 -66.76 -35.64 -6.40
C VAL F 42 -66.55 -34.28 -7.04
N LYS F 43 -66.19 -33.30 -6.21
CA LYS F 43 -66.02 -31.93 -6.65
C LYS F 43 -64.70 -31.39 -6.12
N HIS F 44 -64.16 -30.42 -6.86
CA HIS F 44 -62.86 -29.83 -6.54
C HIS F 44 -63.13 -28.35 -6.32
N LEU F 45 -62.45 -27.78 -5.35
CA LEU F 45 -62.58 -26.39 -5.02
C LEU F 45 -61.29 -25.85 -4.48
N ARG F 46 -61.11 -24.53 -4.57
CA ARG F 46 -59.92 -23.91 -4.03
C ARG F 46 -59.67 -24.06 -2.53
N GLN F 47 -60.71 -24.29 -1.75
CA GLN F 47 -60.52 -24.46 -0.31
C GLN F 47 -60.19 -25.90 0.04
N SER F 48 -59.27 -26.08 0.97
CA SER F 48 -58.85 -27.40 1.40
C SER F 48 -59.80 -27.98 2.43
N ARG F 49 -59.96 -29.29 2.39
CA ARG F 49 -60.75 -29.99 3.40
C ARG F 49 -59.87 -30.43 4.56
N GLY F 50 -59.14 -29.48 5.14
CA GLY F 50 -58.19 -29.80 6.18
C GLY F 50 -56.96 -30.47 5.60
N PRO F 51 -56.08 -30.94 6.47
CA PRO F 51 -54.91 -31.68 5.98
C PRO F 51 -55.31 -33.00 5.36
N GLY F 52 -54.51 -33.45 4.40
CA GLY F 52 -54.77 -34.71 3.73
C GLY F 52 -54.63 -35.91 4.64
N GLY F 53 -53.42 -36.18 5.11
CA GLY F 53 -53.17 -37.30 5.99
C GLY F 53 -52.91 -38.59 5.25
N PRO F 54 -52.72 -39.67 5.99
CA PRO F 54 -52.39 -40.96 5.37
C PRO F 54 -53.57 -41.52 4.59
N GLY F 55 -53.25 -42.44 3.69
CA GLY F 55 -54.25 -43.10 2.88
C GLY F 55 -54.81 -42.26 1.75
N SER F 56 -54.36 -41.01 1.61
CA SER F 56 -54.86 -40.10 0.59
C SER F 56 -53.80 -39.91 -0.48
N PHE F 57 -54.24 -39.87 -1.73
CA PHE F 57 -53.33 -39.66 -2.85
C PHE F 57 -52.90 -38.20 -2.90
N GLU F 58 -51.58 -37.97 -2.80
CA GLU F 58 -51.07 -36.61 -2.85
C GLU F 58 -51.44 -35.95 -4.18
N LEU F 59 -51.14 -36.62 -5.28
CA LEU F 59 -51.50 -36.10 -6.58
C LEU F 59 -53.02 -36.19 -6.76
N TRP F 60 -53.54 -35.37 -7.68
CA TRP F 60 -54.97 -35.09 -7.75
C TRP F 60 -55.70 -36.28 -8.38
N GLN F 61 -55.84 -37.33 -7.58
CA GLN F 61 -56.55 -38.52 -8.04
C GLN F 61 -57.39 -39.09 -6.91
N VAL F 62 -58.43 -39.81 -7.30
CA VAL F 62 -59.31 -40.51 -6.37
C VAL F 62 -59.66 -41.87 -6.95
N GLN F 63 -59.81 -42.86 -6.08
CA GLN F 63 -60.15 -44.21 -6.47
C GLN F 63 -61.43 -44.64 -5.77
N CYS F 64 -62.24 -45.42 -6.47
CA CYS F 64 -63.55 -45.82 -5.97
C CYS F 64 -63.45 -47.09 -5.14
N ALA F 65 -64.48 -47.31 -4.31
CA ALA F 65 -64.47 -48.44 -3.39
C ALA F 65 -64.48 -49.78 -4.10
N GLN F 66 -64.87 -49.81 -5.37
CA GLN F 66 -65.02 -51.07 -6.08
C GLN F 66 -63.74 -51.45 -6.82
N SER F 67 -63.50 -52.76 -6.90
CA SER F 67 -62.46 -53.33 -7.74
C SER F 67 -62.94 -54.69 -8.21
N PHE F 68 -62.31 -55.19 -9.26
CA PHE F 68 -62.81 -56.37 -9.96
C PHE F 68 -61.73 -57.44 -9.97
N GLN F 69 -61.96 -58.52 -9.24
CA GLN F 69 -61.07 -59.68 -9.21
C GLN F 69 -61.24 -60.51 -10.47
N HIS F 72 -68.20 -59.71 -17.35
CA HIS F 72 -67.26 -58.58 -17.39
C HIS F 72 -67.91 -57.34 -16.81
N HIS F 73 -67.28 -56.18 -16.99
CA HIS F 73 -67.68 -54.97 -16.29
C HIS F 73 -67.77 -53.79 -17.24
N TYR F 74 -68.77 -52.95 -16.98
CA TYR F 74 -69.05 -51.74 -17.74
C TYR F 74 -69.61 -50.68 -16.81
N TRP F 75 -69.32 -49.42 -17.12
CA TRP F 75 -70.01 -48.34 -16.43
C TRP F 75 -69.94 -47.06 -17.25
N GLU F 76 -70.87 -46.17 -16.93
CA GLU F 76 -70.99 -44.86 -17.55
C GLU F 76 -70.50 -43.79 -16.60
N VAL F 77 -69.85 -42.77 -17.14
CA VAL F 77 -69.32 -41.66 -16.35
CA VAL F 77 -69.32 -41.66 -16.35
C VAL F 77 -69.60 -40.36 -17.09
N ARG F 78 -70.11 -39.37 -16.37
CA ARG F 78 -70.35 -38.03 -16.90
C ARG F 78 -69.44 -37.04 -16.17
N ALA F 79 -68.93 -36.06 -16.92
CA ALA F 79 -67.99 -35.10 -16.38
C ALA F 79 -68.43 -33.68 -16.71
N SER F 80 -68.07 -32.76 -15.82
CA SER F 80 -68.46 -31.36 -16.01
C SER F 80 -67.78 -30.75 -17.23
N ASP F 81 -66.46 -30.90 -17.33
CA ASP F 81 -65.70 -30.27 -18.39
C ASP F 81 -64.43 -31.07 -18.67
N HIS F 82 -63.69 -30.63 -19.68
CA HIS F 82 -62.52 -31.35 -20.16
C HIS F 82 -61.35 -31.11 -19.21
N SER F 83 -60.15 -31.48 -19.65
CA SER F 83 -58.92 -31.35 -18.85
C SER F 83 -58.97 -32.25 -17.62
N VAL F 84 -59.45 -33.48 -17.82
CA VAL F 84 -59.53 -34.48 -16.77
C VAL F 84 -59.07 -35.82 -17.32
N THR F 85 -58.82 -36.76 -16.41
CA THR F 85 -58.28 -38.05 -16.79
C THR F 85 -59.04 -39.17 -16.09
N LEU F 86 -59.31 -40.24 -16.84
CA LEU F 86 -60.05 -41.40 -16.35
C LEU F 86 -59.20 -42.64 -16.59
N GLY F 87 -59.16 -43.53 -15.61
CA GLY F 87 -58.37 -44.73 -15.78
C GLY F 87 -58.51 -45.70 -14.63
N VAL F 88 -57.82 -46.83 -14.78
CA VAL F 88 -57.84 -47.93 -13.81
C VAL F 88 -56.41 -48.40 -13.60
N SER F 89 -56.09 -48.80 -12.37
CA SER F 89 -54.73 -49.22 -12.02
C SER F 89 -54.76 -50.43 -11.11
N TYR F 90 -53.59 -51.05 -10.97
CA TYR F 90 -53.40 -52.08 -9.96
C TYR F 90 -53.42 -51.43 -8.58
N PRO F 91 -53.73 -52.20 -7.54
CA PRO F 91 -53.72 -51.64 -6.17
C PRO F 91 -52.35 -51.21 -5.70
N GLN F 92 -51.29 -51.46 -6.47
CA GLN F 92 -49.95 -51.04 -6.12
C GLN F 92 -49.58 -49.69 -6.69
N LEU F 93 -50.57 -48.86 -7.03
CA LEU F 93 -50.28 -47.53 -7.53
C LEU F 93 -49.59 -46.70 -6.45
N PRO F 94 -48.56 -45.93 -6.79
CA PRO F 94 -47.92 -45.06 -5.80
C PRO F 94 -48.89 -44.02 -5.26
N ARG F 95 -48.70 -43.67 -4.00
CA ARG F 95 -49.49 -42.61 -3.37
C ARG F 95 -48.70 -41.36 -3.05
N SER F 96 -47.37 -41.45 -2.96
CA SER F 96 -46.55 -40.28 -2.69
C SER F 96 -46.32 -39.51 -3.98
N ARG F 97 -45.50 -38.47 -3.90
CA ARG F 97 -45.21 -37.62 -5.05
C ARG F 97 -43.71 -37.52 -5.25
N LEU F 98 -43.29 -37.55 -6.51
CA LEU F 98 -41.90 -37.30 -6.85
C LEU F 98 -41.71 -36.32 -8.00
N GLY F 99 -42.69 -36.19 -8.90
CA GLY F 99 -42.58 -35.28 -10.01
C GLY F 99 -43.51 -34.10 -9.85
N PRO F 100 -43.07 -32.93 -10.31
CA PRO F 100 -43.93 -31.73 -10.17
C PRO F 100 -45.27 -31.86 -10.87
N HIS F 101 -45.34 -32.61 -11.96
CA HIS F 101 -46.64 -32.86 -12.60
C HIS F 101 -47.50 -33.68 -11.66
N THR F 102 -48.80 -33.35 -11.61
CA THR F 102 -49.71 -33.88 -10.61
C THR F 102 -50.57 -35.01 -11.16
N ASP F 103 -50.02 -35.87 -12.00
CA ASP F 103 -50.70 -37.09 -12.43
C ASP F 103 -49.70 -38.22 -12.53
N ASN F 104 -50.10 -39.40 -12.04
CA ASN F 104 -49.25 -40.58 -12.07
C ASN F 104 -49.72 -41.65 -13.05
N ILE F 105 -51.01 -41.72 -13.34
CA ILE F 105 -51.54 -42.83 -14.12
C ILE F 105 -50.94 -42.82 -15.51
N GLY F 106 -50.65 -44.01 -16.02
CA GLY F 106 -50.03 -44.16 -17.31
C GLY F 106 -48.53 -43.95 -17.34
N ARG F 107 -47.96 -43.35 -16.30
CA ARG F 107 -46.50 -43.21 -16.24
C ARG F 107 -45.83 -44.56 -16.09
N GLY F 108 -46.36 -45.42 -15.23
CA GLY F 108 -45.83 -46.75 -15.04
C GLY F 108 -46.70 -47.79 -15.69
N PRO F 109 -46.13 -48.96 -15.99
CA PRO F 109 -46.90 -50.03 -16.62
C PRO F 109 -47.94 -50.66 -15.72
N SER F 110 -48.05 -50.24 -14.45
CA SER F 110 -49.03 -50.80 -13.55
C SER F 110 -50.41 -50.18 -13.69
N SER F 111 -50.57 -49.21 -14.58
CA SER F 111 -51.85 -48.53 -14.75
C SER F 111 -52.11 -48.28 -16.22
N TRP F 112 -53.39 -48.07 -16.54
CA TRP F 112 -53.82 -47.65 -17.86
C TRP F 112 -54.62 -46.37 -17.71
N GLY F 113 -54.27 -45.37 -18.52
CA GLY F 113 -54.90 -44.07 -18.40
C GLY F 113 -55.41 -43.58 -19.74
N LEU F 114 -56.33 -42.61 -19.64
CA LEU F 114 -56.84 -41.88 -20.79
C LEU F 114 -57.18 -40.47 -20.33
N CYS F 115 -56.45 -39.49 -20.84
CA CYS F 115 -56.66 -38.10 -20.48
C CYS F 115 -57.38 -37.38 -21.60
N VAL F 116 -58.46 -36.69 -21.26
CA VAL F 116 -59.25 -35.94 -22.23
C VAL F 116 -58.89 -34.47 -22.13
N GLN F 117 -58.68 -33.83 -23.27
CA GLN F 117 -58.41 -32.41 -23.34
C GLN F 117 -59.25 -31.79 -24.43
N GLU F 118 -59.33 -30.46 -24.39
CA GLU F 118 -60.15 -29.73 -25.35
C GLU F 118 -59.71 -29.99 -26.78
N ASP F 119 -58.46 -30.42 -26.98
CA ASP F 119 -57.92 -30.64 -28.31
C ASP F 119 -58.00 -32.10 -28.73
N SER F 120 -57.41 -33.00 -27.95
CA SER F 120 -57.25 -34.38 -28.41
C SER F 120 -57.18 -35.32 -27.21
N LEU F 121 -57.30 -36.61 -27.51
CA LEU F 121 -57.29 -37.66 -26.51
C LEU F 121 -55.91 -38.28 -26.40
N GLN F 122 -55.53 -38.65 -25.18
CA GLN F 122 -54.25 -39.28 -24.92
CA GLN F 122 -54.24 -39.28 -24.91
C GLN F 122 -54.44 -40.44 -23.95
N ALA F 123 -53.99 -41.63 -24.36
CA ALA F 123 -54.09 -42.84 -23.55
C ALA F 123 -52.70 -43.18 -23.04
N TRP F 124 -52.51 -43.13 -21.73
CA TRP F 124 -51.19 -43.26 -21.12
C TRP F 124 -51.04 -44.63 -20.47
N HIS F 125 -49.92 -45.28 -20.77
CA HIS F 125 -49.52 -46.49 -20.06
C HIS F 125 -48.03 -46.67 -20.23
N ASN F 126 -47.36 -47.06 -19.13
CA ASN F 126 -45.91 -47.23 -19.11
C ASN F 126 -45.20 -45.95 -19.53
N GLY F 127 -45.79 -44.81 -19.23
CA GLY F 127 -45.23 -43.52 -19.62
C GLY F 127 -45.41 -43.15 -21.07
N GLU F 128 -46.17 -43.93 -21.83
CA GLU F 128 -46.30 -43.71 -23.27
C GLU F 128 -47.74 -43.41 -23.62
N ALA F 129 -47.92 -42.49 -24.58
CA ALA F 129 -49.24 -42.08 -25.02
C ALA F 129 -49.16 -41.57 -26.45
N GLN F 130 -50.28 -41.68 -27.16
CA GLN F 130 -50.41 -41.20 -28.53
C GLN F 130 -51.59 -40.25 -28.65
N ARG F 131 -51.54 -39.40 -29.65
CA ARG F 131 -52.63 -38.47 -29.90
C ARG F 131 -53.79 -39.19 -30.58
N LEU F 132 -54.98 -39.02 -30.00
CA LEU F 132 -56.21 -39.56 -30.56
C LEU F 132 -57.17 -38.40 -30.81
N PRO F 133 -57.90 -38.41 -31.92
CA PRO F 133 -58.75 -37.27 -32.25
C PRO F 133 -59.70 -36.94 -31.12
N GLY F 134 -59.83 -35.64 -30.84
CA GLY F 134 -60.62 -35.20 -29.71
C GLY F 134 -62.10 -35.45 -29.91
N VAL F 135 -62.85 -35.21 -28.84
CA VAL F 135 -64.30 -35.40 -28.83
C VAL F 135 -64.96 -34.17 -28.23
N SER F 136 -66.27 -34.08 -28.44
CA SER F 136 -67.06 -32.94 -27.98
C SER F 136 -67.85 -33.23 -26.71
N GLY F 137 -68.38 -34.43 -26.57
CA GLY F 137 -69.20 -34.75 -25.43
C GLY F 137 -68.38 -35.00 -24.18
N ARG F 138 -69.08 -35.13 -23.06
CA ARG F 138 -68.45 -35.39 -21.78
C ARG F 138 -68.80 -36.76 -21.20
N LEU F 139 -69.97 -37.29 -21.51
CA LEU F 139 -70.34 -38.61 -21.01
C LEU F 139 -69.54 -39.69 -21.72
N LEU F 140 -68.94 -40.58 -20.93
CA LEU F 140 -68.06 -41.61 -21.46
C LEU F 140 -68.38 -42.96 -20.83
N GLY F 141 -68.04 -44.01 -21.56
CA GLY F 141 -68.18 -45.36 -21.06
C GLY F 141 -66.97 -46.18 -21.45
N MET F 142 -66.82 -47.32 -20.79
CA MET F 142 -65.64 -48.14 -21.04
C MET F 142 -65.91 -49.58 -20.62
N ASP F 143 -65.37 -50.51 -21.41
CA ASP F 143 -65.47 -51.93 -21.15
C ASP F 143 -64.14 -52.47 -20.64
N LEU F 144 -64.23 -53.50 -19.79
CA LEU F 144 -63.05 -54.23 -19.34
C LEU F 144 -63.42 -55.70 -19.30
N ASP F 145 -62.62 -56.53 -19.95
CA ASP F 145 -62.82 -57.97 -19.98
C ASP F 145 -61.59 -58.62 -19.35
N LEU F 146 -61.77 -59.25 -18.18
CA LEU F 146 -60.66 -59.95 -17.56
C LEU F 146 -60.29 -61.19 -18.33
N ALA F 147 -61.27 -61.87 -18.93
CA ALA F 147 -60.99 -63.10 -19.67
C ALA F 147 -60.05 -62.84 -20.84
N SER F 148 -60.35 -61.82 -21.63
CA SER F 148 -59.52 -61.47 -22.78
C SER F 148 -58.42 -60.49 -22.42
N GLY F 149 -58.43 -59.92 -21.22
CA GLY F 149 -57.45 -58.93 -20.84
C GLY F 149 -57.51 -57.70 -21.73
N CYS F 150 -58.72 -57.22 -21.99
CA CYS F 150 -58.94 -56.14 -22.94
C CYS F 150 -59.69 -55.00 -22.26
N LEU F 151 -59.11 -53.80 -22.33
CA LEU F 151 -59.71 -52.58 -21.83
C LEU F 151 -59.99 -51.66 -23.01
N THR F 152 -61.26 -51.29 -23.18
CA THR F 152 -61.64 -50.39 -24.27
C THR F 152 -62.45 -49.23 -23.73
N PHE F 153 -62.46 -48.15 -24.50
CA PHE F 153 -63.09 -46.90 -24.13
C PHE F 153 -64.11 -46.50 -25.19
N TYR F 154 -65.27 -46.03 -24.75
CA TYR F 154 -66.35 -45.66 -25.65
C TYR F 154 -66.82 -44.25 -25.32
N SER F 155 -67.44 -43.60 -26.31
CA SER F 155 -68.11 -42.33 -26.11
C SER F 155 -69.56 -42.47 -26.57
N LEU F 156 -70.47 -41.80 -25.87
CA LEU F 156 -71.89 -42.00 -26.10
C LEU F 156 -72.57 -40.87 -26.88
N GLU F 157 -72.28 -39.65 -26.54
CA GLU F 157 -73.03 -38.56 -27.17
C GLU F 157 -72.26 -37.99 -28.35
N PRO F 158 -72.91 -37.82 -29.51
CA PRO F 158 -74.29 -38.24 -29.72
C PRO F 158 -74.40 -39.72 -30.09
N GLN F 159 -73.29 -40.31 -30.53
CA GLN F 159 -73.25 -41.68 -31.00
C GLN F 159 -72.16 -42.45 -30.26
N THR F 160 -72.11 -43.76 -30.50
CA THR F 160 -71.21 -44.66 -29.80
C THR F 160 -69.91 -44.80 -30.58
N GLN F 161 -68.82 -44.31 -30.01
CA GLN F 161 -67.52 -44.30 -30.66
C GLN F 161 -66.57 -45.26 -29.97
N PRO F 162 -66.14 -46.33 -30.64
CA PRO F 162 -65.13 -47.22 -30.04
C PRO F 162 -63.75 -46.61 -30.06
N LEU F 163 -63.46 -45.81 -29.03
CA LEU F 163 -62.32 -44.91 -29.07
C LEU F 163 -60.99 -45.65 -29.17
N TYR F 164 -60.76 -46.59 -28.26
CA TYR F 164 -59.49 -47.30 -28.24
C TYR F 164 -59.60 -48.54 -27.36
N THR F 165 -58.76 -49.54 -27.67
CA THR F 165 -58.73 -50.81 -26.97
C THR F 165 -57.33 -51.10 -26.45
N PHE F 166 -57.25 -51.56 -25.20
CA PHE F 166 -55.99 -51.91 -24.57
C PHE F 166 -55.93 -53.42 -24.37
N HIS F 167 -54.78 -54.01 -24.67
CA HIS F 167 -54.54 -55.43 -24.48
C HIS F 167 -53.48 -55.63 -23.41
N ALA F 168 -53.78 -56.50 -22.45
CA ALA F 168 -52.87 -56.78 -21.35
C ALA F 168 -53.34 -58.04 -20.64
N LEU F 169 -52.51 -58.52 -19.72
CA LEU F 169 -52.85 -59.65 -18.84
C LEU F 169 -52.75 -59.18 -17.41
N PHE F 170 -53.82 -59.38 -16.64
CA PHE F 170 -53.93 -58.84 -15.30
C PHE F 170 -53.81 -59.96 -14.28
N ASN F 171 -52.91 -59.79 -13.32
CA ASN F 171 -52.75 -60.73 -12.21
C ASN F 171 -53.18 -60.12 -10.89
N GLN F 172 -53.97 -59.05 -10.92
CA GLN F 172 -54.38 -58.36 -9.73
C GLN F 172 -55.68 -57.64 -10.03
N PRO F 173 -56.58 -57.50 -9.06
CA PRO F 173 -57.82 -56.75 -9.30
C PRO F 173 -57.53 -55.30 -9.64
N LEU F 174 -58.44 -54.72 -10.40
CA LEU F 174 -58.27 -53.38 -10.95
C LEU F 174 -59.24 -52.41 -10.30
N THR F 175 -58.75 -51.24 -9.94
CA THR F 175 -59.54 -50.23 -9.25
C THR F 175 -59.55 -48.93 -10.05
N PRO F 176 -60.72 -48.44 -10.44
CA PRO F 176 -60.77 -47.17 -11.19
C PRO F 176 -60.21 -46.02 -10.37
N VAL F 177 -59.47 -45.14 -11.06
CA VAL F 177 -58.84 -43.98 -10.47
C VAL F 177 -59.10 -42.80 -11.39
N PHE F 178 -59.39 -41.64 -10.81
CA PHE F 178 -59.83 -40.50 -11.60
C PHE F 178 -58.96 -39.30 -11.28
N TRP F 179 -58.46 -38.63 -12.32
CA TRP F 179 -57.65 -37.45 -12.15
C TRP F 179 -58.47 -36.23 -12.55
N LEU F 180 -58.41 -35.18 -11.74
CA LEU F 180 -59.34 -34.07 -11.82
C LEU F 180 -58.56 -32.76 -11.86
N LEU F 181 -59.26 -31.70 -12.23
CA LEU F 181 -58.73 -30.34 -12.20
C LEU F 181 -59.56 -29.48 -11.27
N GLU F 182 -58.99 -28.35 -10.86
CA GLU F 182 -59.75 -27.37 -10.09
C GLU F 182 -60.94 -26.87 -10.89
N GLY F 183 -62.03 -26.60 -10.17
CA GLY F 183 -63.24 -26.13 -10.82
C GLY F 183 -63.83 -27.17 -11.73
N ARG F 184 -63.38 -28.41 -11.60
CA ARG F 184 -63.89 -29.53 -12.38
C ARG F 184 -64.61 -30.49 -11.45
N THR F 185 -65.76 -30.97 -11.89
CA THR F 185 -66.60 -31.87 -11.10
C THR F 185 -66.87 -33.13 -11.88
N LEU F 186 -66.92 -34.25 -11.17
CA LEU F 186 -67.09 -35.55 -11.81
C LEU F 186 -68.13 -36.36 -11.06
N THR F 187 -69.05 -36.97 -11.80
CA THR F 187 -70.14 -37.72 -11.22
C THR F 187 -70.34 -39.02 -11.98
N LEU F 188 -71.03 -39.95 -11.33
CA LEU F 188 -71.21 -41.31 -11.79
C LEU F 188 -72.61 -41.49 -12.36
N CYS F 189 -72.94 -42.74 -12.69
CA CYS F 189 -74.29 -43.12 -13.08
C CYS F 189 -74.64 -44.42 -12.39
N HIS F 190 -75.95 -44.66 -12.24
CA HIS F 190 -76.44 -45.85 -11.55
C HIS F 190 -77.78 -46.24 -12.12
N GLN F 191 -78.13 -47.51 -11.93
CA GLN F 191 -79.38 -48.02 -12.49
C GLN F 191 -79.89 -49.23 -11.71
N GLU G 19 33.24 23.60 62.32
CA GLU G 19 32.31 24.64 61.86
C GLU G 19 31.30 24.06 60.89
N LEU G 20 30.44 23.18 61.39
CA LEU G 20 29.44 22.52 60.57
C LEU G 20 28.25 23.46 60.32
N GLN G 21 28.56 24.64 59.81
CA GLN G 21 27.56 25.67 59.54
C GLN G 21 27.27 25.65 58.04
N LEU G 22 26.05 25.26 57.70
CA LEU G 22 25.66 25.13 56.30
C LEU G 22 25.32 26.49 55.71
N ARG G 23 25.56 26.64 54.42
CA ARG G 23 25.02 27.76 53.70
C ARG G 23 23.49 27.63 53.64
N PRO G 24 22.78 28.75 53.47
CA PRO G 24 21.31 28.72 53.59
C PRO G 24 20.63 27.66 52.74
N TYR G 25 20.87 27.69 51.42
CA TYR G 25 20.19 26.74 50.54
C TYR G 25 20.45 25.31 50.95
N GLN G 26 21.66 25.01 51.43
CA GLN G 26 21.96 23.67 51.89
C GLN G 26 21.01 23.25 52.99
N MET G 27 20.89 24.07 54.03
CA MET G 27 19.95 23.76 55.11
C MET G 27 18.53 23.71 54.56
N GLU G 28 18.26 24.50 53.53
CA GLU G 28 16.90 24.59 53.02
C GLU G 28 16.51 23.24 52.43
N VAL G 29 17.35 22.71 51.52
CA VAL G 29 17.10 21.41 50.89
C VAL G 29 17.33 20.26 51.84
N ALA G 30 18.03 20.49 52.94
CA ALA G 30 18.19 19.46 53.93
C ALA G 30 17.02 19.42 54.91
N GLN G 31 16.12 20.39 54.85
CA GLN G 31 15.03 20.44 55.82
C GLN G 31 14.19 19.17 55.86
N PRO G 32 13.68 18.64 54.74
CA PRO G 32 12.90 17.40 54.84
C PRO G 32 13.70 16.23 55.38
N ALA G 33 15.01 16.22 55.12
CA ALA G 33 15.82 15.08 55.49
C ALA G 33 16.02 14.98 57.00
N LEU G 34 15.91 16.10 57.72
CA LEU G 34 16.25 16.10 59.14
C LEU G 34 15.33 15.22 59.97
N GLU G 35 14.15 14.86 59.44
CA GLU G 35 13.15 14.11 60.19
C GLU G 35 12.64 12.95 59.34
N GLY G 36 13.31 11.81 59.46
CA GLY G 36 12.92 10.67 58.65
C GLY G 36 12.95 11.02 57.18
N LYS G 37 11.91 10.60 56.46
CA LYS G 37 11.67 11.04 55.09
C LYS G 37 12.88 10.73 54.19
N ASN G 38 13.08 9.43 53.98
CA ASN G 38 14.08 8.98 53.04
C ASN G 38 13.85 9.56 51.65
N ILE G 39 14.75 10.43 51.23
CA ILE G 39 14.56 11.31 50.08
C ILE G 39 15.88 11.47 49.33
N ILE G 40 15.84 12.32 48.32
CA ILE G 40 16.98 12.56 47.43
C ILE G 40 17.29 14.05 47.42
N ILE G 41 18.55 14.37 47.22
CA ILE G 41 19.01 15.75 47.10
C ILE G 41 19.86 15.85 45.85
N CYS G 42 19.55 16.81 44.98
CA CYS G 42 20.32 17.05 43.77
C CYS G 42 20.62 18.54 43.67
N LEU G 43 21.90 18.88 43.68
CA LEU G 43 22.37 20.23 43.46
C LEU G 43 23.41 20.23 42.36
N PRO G 44 23.53 21.33 41.61
CA PRO G 44 24.52 21.36 40.54
C PRO G 44 25.92 21.16 41.07
N THR G 45 26.78 20.61 40.22
CA THR G 45 28.11 20.19 40.65
C THR G 45 28.88 21.34 41.29
N GLY G 46 29.81 20.97 42.16
CA GLY G 46 30.58 21.97 42.87
C GLY G 46 29.94 22.77 43.97
N SER G 47 28.91 22.23 44.60
CA SER G 47 28.19 22.92 45.66
C SER G 47 28.18 22.03 46.95
N GLY G 48 29.29 21.31 47.07
CA GLY G 48 29.57 20.60 48.31
C GLY G 48 28.53 19.69 48.95
N LYS G 49 27.86 18.86 48.16
CA LYS G 49 26.83 17.98 48.72
C LYS G 49 27.39 17.12 49.83
N THR G 50 28.68 16.80 49.79
CA THR G 50 29.28 15.97 50.82
C THR G 50 29.10 16.59 52.20
N ARG G 51 29.18 17.91 52.29
CA ARG G 51 28.98 18.55 53.58
C ARG G 51 27.56 18.33 54.08
N VAL G 52 26.59 18.34 53.16
CA VAL G 52 25.22 18.04 53.54
C VAL G 52 25.14 16.64 54.13
N ALA G 53 25.84 15.70 53.49
CA ALA G 53 25.85 14.34 54.00
C ALA G 53 26.43 14.30 55.41
N VAL G 54 27.56 14.98 55.61
CA VAL G 54 28.22 14.94 56.90
C VAL G 54 27.31 15.51 57.98
N TYR G 55 26.73 16.67 57.71
CA TYR G 55 25.87 17.31 58.70
C TYR G 55 24.65 16.46 59.02
N ILE G 56 24.01 15.91 58.00
CA ILE G 56 22.85 15.05 58.22
C ILE G 56 23.27 13.85 59.06
N ALA G 57 24.45 13.30 58.76
CA ALA G 57 24.91 12.15 59.53
C ALA G 57 25.07 12.49 61.00
N LYS G 58 25.65 13.66 61.29
CA LYS G 58 25.85 14.04 62.68
C LYS G 58 24.52 14.13 63.40
N ASP G 59 23.54 14.79 62.77
CA ASP G 59 22.22 14.90 63.40
C ASP G 59 21.60 13.54 63.62
N HIS G 60 21.70 12.65 62.62
CA HIS G 60 21.09 11.33 62.78
C HIS G 60 21.69 10.59 63.95
N LEU G 61 23.02 10.51 64.00
CA LEU G 61 23.64 9.74 65.07
C LEU G 61 23.37 10.38 66.44
N ASP G 62 23.46 11.70 66.52
CA ASP G 62 23.26 12.35 67.81
C ASP G 62 21.84 12.15 68.31
N LYS G 63 20.85 12.36 67.44
CA LYS G 63 19.46 12.19 67.86
C LYS G 63 19.19 10.75 68.28
N LYS G 64 19.69 9.78 67.50
CA LYS G 64 19.50 8.39 67.87
C LYS G 64 20.17 8.08 69.20
N LYS G 65 21.32 8.70 69.46
CA LYS G 65 21.95 8.54 70.76
C LYS G 65 21.11 9.15 71.87
N LYS G 66 20.48 10.28 71.60
CA LYS G 66 19.62 10.90 72.60
C LYS G 66 18.46 10.00 72.96
N ALA G 67 17.85 9.35 71.96
CA ALA G 67 16.79 8.40 72.20
C ALA G 67 17.30 7.00 72.51
N SER G 68 18.61 6.79 72.43
CA SER G 68 19.27 5.55 72.87
C SER G 68 18.77 4.33 72.09
N GLU G 69 19.08 4.33 70.80
CA GLU G 69 18.90 3.15 69.96
C GLU G 69 20.16 2.90 69.14
N PRO G 70 20.41 1.65 68.77
CA PRO G 70 21.61 1.36 67.95
C PRO G 70 21.46 1.94 66.56
N GLY G 71 22.21 2.99 66.29
CA GLY G 71 22.12 3.69 65.02
C GLY G 71 23.47 3.74 64.34
N LYS G 72 23.46 3.44 63.05
CA LYS G 72 24.68 3.38 62.26
C LYS G 72 24.44 4.01 60.91
N VAL G 73 25.50 4.17 60.15
CA VAL G 73 25.37 4.71 58.80
C VAL G 73 26.50 4.19 57.94
N ILE G 74 26.15 3.82 56.71
CA ILE G 74 27.09 3.32 55.74
C ILE G 74 27.06 4.23 54.53
N VAL G 75 28.25 4.57 54.03
CA VAL G 75 28.40 5.45 52.89
C VAL G 75 28.90 4.59 51.74
N LEU G 76 28.18 4.58 50.64
CA LEU G 76 28.54 3.80 49.47
C LEU G 76 29.08 4.71 48.38
N VAL G 77 30.24 4.34 47.84
CA VAL G 77 30.83 5.03 46.71
C VAL G 77 31.12 3.97 45.66
N ASN G 78 31.17 4.40 44.40
CA ASN G 78 31.32 3.47 43.30
C ASN G 78 32.68 3.53 42.62
N LYS G 79 33.62 4.31 43.13
CA LYS G 79 34.96 4.31 42.56
C LYS G 79 35.99 4.39 43.67
N VAL G 80 37.03 3.55 43.56
CA VAL G 80 37.92 3.30 44.69
C VAL G 80 38.59 4.57 45.15
N LEU G 81 39.12 5.36 44.21
CA LEU G 81 39.83 6.58 44.55
C LEU G 81 39.03 7.46 45.50
N LEU G 82 37.73 7.58 45.23
CA LEU G 82 36.89 8.41 46.08
C LEU G 82 36.82 7.89 47.50
N VAL G 83 37.07 6.61 47.72
CA VAL G 83 36.97 6.08 49.08
C VAL G 83 37.93 6.84 49.98
N GLU G 84 39.18 6.91 49.58
CA GLU G 84 40.17 7.62 50.39
C GLU G 84 39.92 9.12 50.39
N GLN G 85 39.51 9.68 49.24
CA GLN G 85 39.23 11.11 49.21
C GLN G 85 38.15 11.48 50.23
N LEU G 86 36.95 10.94 50.05
CA LEU G 86 35.85 11.28 50.95
C LEU G 86 36.16 10.86 52.38
N PHE G 87 37.02 9.86 52.56
CA PHE G 87 37.39 9.43 53.90
C PHE G 87 38.15 10.53 54.63
N ARG G 88 39.28 10.95 54.07
CA ARG G 88 40.17 11.85 54.80
C ARG G 88 39.93 13.32 54.50
N LYS G 89 38.91 13.66 53.71
CA LYS G 89 38.70 15.06 53.39
C LYS G 89 37.45 15.66 54.02
N GLU G 90 36.38 14.89 54.20
CA GLU G 90 35.16 15.44 54.75
C GLU G 90 34.66 14.73 56.00
N PHE G 91 35.12 13.51 56.26
CA PHE G 91 34.58 12.77 57.40
C PHE G 91 35.56 12.77 58.56
N GLN G 92 36.83 12.51 58.29
CA GLN G 92 37.85 12.65 59.31
C GLN G 92 37.76 14.05 59.91
N PRO G 93 37.98 15.12 59.13
CA PRO G 93 38.20 16.43 59.75
C PRO G 93 37.03 16.94 60.58
N PHE G 94 35.83 16.41 60.38
CA PHE G 94 34.68 16.95 61.10
C PHE G 94 34.20 16.09 62.26
N LEU G 95 34.66 14.85 62.39
CA LEU G 95 34.11 13.98 63.43
C LEU G 95 35.21 13.25 64.20
N LYS G 96 36.40 13.84 64.28
CA LYS G 96 37.49 13.16 64.96
C LYS G 96 37.22 13.00 66.45
N LYS G 97 36.27 13.75 67.01
CA LYS G 97 35.95 13.65 68.42
C LYS G 97 34.62 12.96 68.68
N TRP G 98 33.74 12.88 67.69
CA TRP G 98 32.37 12.48 67.98
C TRP G 98 32.09 11.01 67.70
N TYR G 99 32.73 10.40 66.71
CA TYR G 99 32.35 9.04 66.33
C TYR G 99 33.57 8.30 65.78
N ARG G 100 33.34 7.03 65.43
CA ARG G 100 34.38 6.14 64.89
C ARG G 100 34.10 5.90 63.41
N VAL G 101 34.79 6.63 62.56
CA VAL G 101 34.64 6.50 61.12
C VAL G 101 35.81 5.70 60.56
N ILE G 102 35.51 4.76 59.68
CA ILE G 102 36.51 3.86 59.13
C ILE G 102 36.36 3.80 57.62
N GLY G 103 37.47 3.94 56.90
CA GLY G 103 37.45 3.91 55.45
C GLY G 103 38.02 2.63 54.90
N LEU G 104 37.20 1.87 54.18
CA LEU G 104 37.53 0.53 53.75
C LEU G 104 37.25 0.36 52.27
N SER G 105 38.19 -0.28 51.56
CA SER G 105 38.01 -0.53 50.14
C SER G 105 38.58 -1.92 49.84
N GLY G 106 38.23 -2.44 48.65
CA GLY G 106 38.60 -3.80 48.31
C GLY G 106 40.08 -4.06 48.23
N ASP G 107 40.90 -3.01 48.17
CA ASP G 107 42.34 -3.17 48.06
C ASP G 107 43.02 -3.27 49.41
N THR G 108 42.54 -2.56 50.41
CA THR G 108 43.15 -2.60 51.73
C THR G 108 43.07 -4.01 52.30
N GLN G 109 44.19 -4.52 52.77
CA GLN G 109 44.23 -5.87 53.34
C GLN G 109 43.49 -5.86 54.66
N LEU G 110 42.26 -6.37 54.64
CA LEU G 110 41.54 -6.62 55.88
C LEU G 110 42.28 -7.65 56.71
N LYS G 111 42.04 -7.60 58.02
CA LYS G 111 42.47 -8.66 58.91
C LYS G 111 41.33 -9.11 59.82
N ILE G 112 40.11 -8.75 59.46
CA ILE G 112 38.94 -9.03 60.28
C ILE G 112 37.73 -9.05 59.36
N SER G 113 36.79 -9.95 59.66
CA SER G 113 35.65 -10.13 58.79
C SER G 113 34.79 -8.87 58.75
N PHE G 114 34.09 -8.70 57.63
CA PHE G 114 33.23 -7.54 57.44
C PHE G 114 32.22 -7.36 58.57
N PRO G 115 31.50 -8.39 59.01
CA PRO G 115 30.51 -8.15 60.07
C PRO G 115 31.11 -7.59 61.34
N GLU G 116 32.34 -7.99 61.68
CA GLU G 116 32.91 -7.40 62.88
C GLU G 116 33.42 -6.00 62.63
N VAL G 117 33.84 -5.70 61.41
CA VAL G 117 34.21 -4.34 61.07
C VAL G 117 33.04 -3.41 61.33
N VAL G 118 31.86 -3.79 60.86
CA VAL G 118 30.70 -2.95 61.12
C VAL G 118 30.35 -2.96 62.60
N LYS G 119 30.49 -4.11 63.27
CA LYS G 119 30.13 -4.17 64.67
C LYS G 119 31.04 -3.32 65.55
N SER G 120 32.22 -2.93 65.05
CA SER G 120 33.12 -2.12 65.86
C SER G 120 32.88 -0.63 65.72
N CYS G 121 32.93 -0.12 64.49
CA CYS G 121 32.73 1.30 64.22
C CYS G 121 31.25 1.58 64.01
N ASP G 122 30.94 2.81 63.63
CA ASP G 122 29.55 3.18 63.34
C ASP G 122 29.36 3.95 62.04
N ILE G 123 30.38 4.64 61.54
CA ILE G 123 30.32 5.29 60.23
C ILE G 123 31.28 4.57 59.31
N ILE G 124 30.75 3.97 58.25
CA ILE G 124 31.56 3.21 57.30
C ILE G 124 31.60 3.96 55.98
N ILE G 125 32.76 3.94 55.33
CA ILE G 125 32.90 4.44 53.98
C ILE G 125 33.45 3.30 53.14
N SER G 126 32.63 2.77 52.24
CA SER G 126 33.04 1.60 51.48
C SER G 126 32.47 1.63 50.07
N THR G 127 32.97 0.72 49.25
CA THR G 127 32.50 0.56 47.89
C THR G 127 31.40 -0.48 47.83
N ALA G 128 30.40 -0.23 46.99
CA ALA G 128 29.16 -0.98 47.07
C ALA G 128 29.37 -2.47 46.89
N GLN G 129 30.29 -2.87 46.02
CA GLN G 129 30.49 -4.28 45.77
C GLN G 129 30.80 -5.03 47.05
N ILE G 130 31.49 -4.39 47.99
CA ILE G 130 31.81 -5.05 49.25
C ILE G 130 30.53 -5.45 49.99
N LEU G 131 29.61 -4.49 50.14
CA LEU G 131 28.38 -4.79 50.85
C LEU G 131 27.60 -5.91 50.17
N GLU G 132 27.45 -5.81 48.85
CA GLU G 132 26.65 -6.82 48.16
C GLU G 132 27.28 -8.20 48.31
N ASN G 133 28.60 -8.27 48.22
CA ASN G 133 29.26 -9.54 48.52
C ASN G 133 28.85 -10.02 49.91
N SER G 134 28.90 -9.14 50.89
CA SER G 134 28.61 -9.54 52.25
C SER G 134 27.14 -9.85 52.48
N LEU G 135 26.27 -9.54 51.54
CA LEU G 135 24.85 -9.74 51.77
C LEU G 135 24.31 -11.00 51.11
N LEU G 136 25.00 -11.55 50.12
CA LEU G 136 24.55 -12.78 49.46
C LEU G 136 25.26 -14.00 50.00
N ASN G 137 25.82 -13.93 51.21
CA ASN G 137 26.60 -15.03 51.76
C ASN G 137 25.82 -15.87 52.74
N LEU G 138 24.49 -15.72 52.80
CA LEU G 138 23.67 -16.53 53.67
C LEU G 138 23.82 -18.01 53.33
N ALA G 144 28.00 -15.78 58.87
CA ALA G 144 26.59 -15.69 58.52
C ALA G 144 26.35 -14.53 57.55
N GLY G 145 27.18 -13.51 57.66
CA GLY G 145 27.06 -12.33 56.82
C GLY G 145 26.52 -11.14 57.60
N VAL G 146 25.53 -10.47 57.03
CA VAL G 146 24.93 -9.29 57.66
C VAL G 146 23.56 -9.10 57.04
N GLN G 147 22.68 -8.40 57.76
CA GLN G 147 21.34 -8.08 57.29
C GLN G 147 21.20 -6.58 57.13
N LEU G 148 20.44 -6.18 56.12
CA LEU G 148 20.25 -4.76 55.85
C LEU G 148 19.70 -4.04 57.08
N SER G 149 18.90 -4.74 57.88
CA SER G 149 18.30 -4.15 59.06
C SER G 149 19.33 -3.69 60.07
N ASP G 150 20.55 -4.23 60.02
CA ASP G 150 21.57 -3.84 60.97
C ASP G 150 21.93 -2.37 60.85
N PHE G 151 21.55 -1.73 59.74
CA PHE G 151 21.89 -0.35 59.52
C PHE G 151 20.68 0.55 59.73
N SER G 152 20.95 1.85 59.85
CA SER G 152 19.93 2.86 60.03
C SER G 152 19.87 3.85 58.89
N LEU G 153 21.02 4.42 58.52
CA LEU G 153 21.09 5.42 57.46
C LEU G 153 22.04 4.93 56.37
N ILE G 154 21.56 4.94 55.13
CA ILE G 154 22.34 4.48 53.99
C ILE G 154 22.59 5.69 53.10
N ILE G 155 23.78 6.25 53.20
CA ILE G 155 24.20 7.31 52.30
C ILE G 155 24.72 6.67 51.03
N ILE G 156 24.17 7.05 49.89
CA ILE G 156 24.56 6.50 48.61
C ILE G 156 24.95 7.65 47.72
N ASP G 157 26.24 7.78 47.45
CA ASP G 157 26.73 8.91 46.67
C ASP G 157 26.78 8.53 45.21
N GLU G 158 26.42 9.49 44.36
CA GLU G 158 26.39 9.30 42.91
C GLU G 158 25.44 8.18 42.52
N CYS G 159 24.21 8.27 43.01
CA CYS G 159 23.24 7.18 42.88
C CYS G 159 22.49 7.21 41.57
N HIS G 160 22.87 8.08 40.64
CA HIS G 160 22.25 8.04 39.34
C HIS G 160 22.55 6.74 38.59
N HIS G 161 23.59 6.01 39.02
CA HIS G 161 23.89 4.71 38.43
C HIS G 161 22.85 3.67 38.76
N THR G 162 21.80 4.01 39.49
CA THR G 162 20.78 3.03 39.84
C THR G 162 20.01 2.69 38.59
N ASN G 163 20.34 1.57 37.96
CA ASN G 163 19.75 1.23 36.68
C ASN G 163 19.62 -0.28 36.57
N LYS G 164 19.44 -0.77 35.35
CA LYS G 164 19.17 -2.17 35.11
C LYS G 164 20.33 -3.04 35.56
N GLU G 165 20.13 -3.73 36.67
CA GLU G 165 21.12 -4.65 37.23
C GLU G 165 22.50 -3.99 37.36
N ALA G 166 22.52 -2.92 38.14
CA ALA G 166 23.75 -2.29 38.61
C ALA G 166 23.93 -2.62 40.09
N VAL G 167 25.08 -2.23 40.63
CA VAL G 167 25.41 -2.64 41.99
C VAL G 167 24.40 -2.04 42.96
N TYR G 168 23.95 -0.82 42.71
CA TYR G 168 22.96 -0.22 43.59
C TYR G 168 21.61 -0.91 43.46
N ASN G 169 21.26 -1.33 42.24
CA ASN G 169 19.94 -1.89 42.01
C ASN G 169 19.74 -3.17 42.80
N ASN G 170 20.78 -4.00 42.91
CA ASN G 170 20.64 -5.23 43.68
C ASN G 170 20.29 -4.92 45.14
N ILE G 171 21.05 -4.03 45.76
CA ILE G 171 20.84 -3.69 47.16
C ILE G 171 19.46 -3.10 47.36
N MET G 172 19.09 -2.17 46.49
CA MET G 172 17.78 -1.58 46.66
C MET G 172 16.67 -2.57 46.40
N ARG G 173 16.92 -3.60 45.59
CA ARG G 173 15.88 -4.57 45.35
C ARG G 173 15.64 -5.45 46.57
N HIS G 174 16.70 -5.75 47.33
CA HIS G 174 16.48 -6.42 48.61
C HIS G 174 15.64 -5.54 49.53
N TYR G 175 16.00 -4.26 49.61
CA TYR G 175 15.24 -3.32 50.43
C TYR G 175 13.79 -3.26 49.99
N LEU G 176 13.55 -3.15 48.69
CA LEU G 176 12.20 -3.05 48.19
C LEU G 176 11.41 -4.32 48.47
N MET G 177 12.06 -5.47 48.30
CA MET G 177 11.38 -6.72 48.57
C MET G 177 10.91 -6.78 50.02
N GLN G 178 11.78 -6.38 50.94
CA GLN G 178 11.41 -6.37 52.35
C GLN G 178 10.26 -5.41 52.61
N LYS G 179 10.26 -4.25 51.96
CA LYS G 179 9.19 -3.29 52.18
C LYS G 179 7.85 -3.88 51.79
N LEU G 180 7.78 -4.54 50.64
CA LEU G 180 6.51 -5.13 50.26
C LEU G 180 6.12 -6.27 51.19
N LYS G 181 7.11 -7.02 51.69
CA LYS G 181 6.80 -8.01 52.71
C LYS G 181 6.21 -7.36 53.94
N ASN G 182 6.73 -6.19 54.32
CA ASN G 182 6.17 -5.48 55.47
C ASN G 182 4.72 -5.10 55.22
N ASN G 183 4.41 -4.64 54.01
CA ASN G 183 3.02 -4.31 53.71
C ASN G 183 2.14 -5.54 53.77
N ARG G 184 2.67 -6.71 53.39
CA ARG G 184 1.91 -7.94 53.59
C ARG G 184 1.71 -8.22 55.08
N LEU G 185 2.73 -7.91 55.89
CA LEU G 185 2.58 -8.09 57.33
C LEU G 185 1.50 -7.19 57.90
N LYS G 186 1.44 -5.95 57.45
CA LYS G 186 0.51 -4.99 58.05
C LYS G 186 -0.94 -5.40 57.85
N LYS G 187 -1.31 -5.77 56.63
CA LYS G 187 -2.69 -6.10 56.33
C LYS G 187 -3.06 -7.49 56.85
N VAL G 192 6.21 -5.55 62.03
CA VAL G 192 7.07 -5.28 60.89
C VAL G 192 8.51 -5.16 61.34
N ILE G 193 9.43 -5.19 60.38
CA ILE G 193 10.85 -5.00 60.61
C ILE G 193 11.22 -3.62 60.07
N PRO G 194 11.92 -2.79 60.84
CA PRO G 194 12.30 -1.46 60.33
C PRO G 194 13.20 -1.57 59.12
N LEU G 195 12.98 -0.65 58.17
CA LEU G 195 13.80 -0.56 56.97
C LEU G 195 14.60 0.73 57.01
N PRO G 196 15.92 0.65 56.97
CA PRO G 196 16.74 1.82 57.26
C PRO G 196 16.48 2.98 56.31
N GLN G 197 16.59 4.19 56.83
CA GLN G 197 16.37 5.39 56.04
C GLN G 197 17.44 5.50 54.97
N ILE G 198 17.07 6.08 53.84
CA ILE G 198 17.87 6.06 52.63
C ILE G 198 18.11 7.49 52.17
N LEU G 199 19.34 7.77 51.75
CA LEU G 199 19.67 9.04 51.13
C LEU G 199 20.54 8.78 49.91
N GLY G 200 20.31 9.53 48.85
CA GLY G 200 21.09 9.38 47.64
C GLY G 200 21.39 10.71 46.98
N LEU G 201 22.61 10.89 46.50
CA LEU G 201 23.05 12.17 45.98
C LEU G 201 23.30 12.07 44.48
N THR G 202 22.78 13.04 43.74
CA THR G 202 22.95 13.08 42.29
C THR G 202 23.25 14.50 41.85
N ALA G 203 23.79 14.59 40.64
CA ALA G 203 23.93 15.85 39.94
C ALA G 203 23.17 15.89 38.63
N SER G 204 22.89 14.74 38.04
CA SER G 204 22.23 14.67 36.75
C SER G 204 21.60 13.30 36.57
N PRO G 205 20.34 13.14 36.97
CA PRO G 205 19.69 11.83 36.76
C PRO G 205 19.63 11.42 35.31
N GLY G 206 19.51 12.38 34.39
CA GLY G 206 19.59 12.08 32.97
C GLY G 206 18.33 11.40 32.43
N VAL G 207 18.36 11.13 31.13
CA VAL G 207 17.27 10.43 30.48
C VAL G 207 17.82 9.17 29.85
N GLY G 208 16.95 8.17 29.73
CA GLY G 208 17.35 6.93 29.10
C GLY G 208 17.26 7.00 27.59
N GLY G 209 17.83 8.05 27.00
CA GLY G 209 17.80 8.21 25.55
C GLY G 209 16.41 8.47 25.01
N ALA G 210 15.83 9.60 25.39
CA ALA G 210 14.41 9.84 25.19
C ALA G 210 14.17 11.11 24.42
N THR G 211 13.45 10.99 23.33
CA THR G 211 13.02 12.17 22.58
C THR G 211 11.57 12.52 22.84
N LYS G 212 10.99 12.00 23.92
CA LYS G 212 9.67 12.38 24.37
C LYS G 212 9.76 13.05 25.73
N GLN G 213 8.86 14.00 25.96
CA GLN G 213 8.77 14.51 27.31
C GLN G 213 8.27 13.40 28.24
N ALA G 214 7.42 12.50 27.73
CA ALA G 214 6.89 11.45 28.57
C ALA G 214 7.98 10.49 29.01
N LYS G 215 8.83 10.06 28.08
CA LYS G 215 9.88 9.12 28.45
C LYS G 215 10.87 9.74 29.43
N ALA G 216 11.16 11.03 29.28
CA ALA G 216 12.04 11.66 30.24
C ALA G 216 11.44 11.59 31.63
N GLU G 217 10.23 12.13 31.79
CA GLU G 217 9.64 12.18 33.13
C GLU G 217 9.42 10.78 33.66
N GLU G 218 9.04 9.84 32.79
CA GLU G 218 9.00 8.44 33.19
C GLU G 218 10.32 7.99 33.76
N HIS G 219 11.42 8.32 33.07
CA HIS G 219 12.73 7.84 33.50
C HIS G 219 13.07 8.38 34.88
N ILE G 220 12.79 9.66 35.11
CA ILE G 220 13.01 10.21 36.44
C ILE G 220 12.21 9.44 37.47
N LEU G 221 10.95 9.12 37.13
CA LEU G 221 10.14 8.36 38.07
C LEU G 221 10.73 6.98 38.34
N LYS G 222 11.25 6.33 37.30
CA LYS G 222 11.82 5.00 37.50
C LYS G 222 12.99 5.06 38.46
N LEU G 223 13.86 6.05 38.30
CA LEU G 223 14.95 6.23 39.25
C LEU G 223 14.41 6.47 40.64
N CYS G 224 13.40 7.33 40.75
CA CYS G 224 12.86 7.66 42.07
C CYS G 224 12.32 6.42 42.76
N ALA G 225 11.51 5.64 42.04
CA ALA G 225 10.92 4.47 42.64
C ALA G 225 12.00 3.47 43.03
N ASN G 226 12.96 3.22 42.15
CA ASN G 226 14.03 2.30 42.48
C ASN G 226 14.86 2.78 43.65
N LEU G 227 14.84 4.09 43.92
CA LEU G 227 15.43 4.61 45.14
C LEU G 227 14.45 4.62 46.31
N ASP G 228 13.18 4.34 46.05
CA ASP G 228 12.12 4.45 47.06
C ASP G 228 12.19 5.82 47.73
N ALA G 229 12.23 6.84 46.90
CA ALA G 229 12.32 8.19 47.41
C ALA G 229 10.93 8.72 47.73
N PHE G 230 10.88 9.94 48.24
CA PHE G 230 9.63 10.61 48.56
C PHE G 230 9.45 11.91 47.81
N THR G 231 10.52 12.64 47.55
CA THR G 231 10.45 13.93 46.88
C THR G 231 11.84 14.33 46.44
N ILE G 232 11.93 14.84 45.22
CA ILE G 232 13.24 15.23 44.68
C ILE G 232 13.84 16.36 45.49
N LYS G 233 13.04 17.39 45.80
CA LYS G 233 13.44 18.44 46.74
C LYS G 233 14.71 19.17 46.29
N THR G 234 14.59 19.84 45.15
CA THR G 234 15.68 20.65 44.62
C THR G 234 15.36 22.13 44.83
N VAL G 235 16.43 22.93 44.92
CA VAL G 235 16.32 24.29 45.42
C VAL G 235 15.32 25.11 44.63
N LYS G 236 14.57 25.96 45.32
CA LYS G 236 13.63 26.87 44.69
C LYS G 236 13.59 28.24 45.37
N GLU G 237 14.48 28.52 46.32
CA GLU G 237 14.43 29.77 47.05
C GLU G 237 15.68 30.62 46.83
N ASN G 238 16.86 30.09 47.12
CA ASN G 238 18.07 30.90 47.25
C ASN G 238 18.87 30.88 45.94
N LEU G 239 18.22 31.35 44.88
CA LEU G 239 18.74 31.08 43.54
C LEU G 239 20.00 31.87 43.24
N ASP G 240 20.00 33.17 43.52
CA ASP G 240 21.09 34.01 43.05
C ASP G 240 22.40 33.68 43.75
N GLN G 241 22.37 33.51 45.07
CA GLN G 241 23.59 33.14 45.78
C GLN G 241 24.16 31.84 45.20
N LEU G 242 23.27 30.92 44.82
CA LEU G 242 23.73 29.75 44.11
C LEU G 242 24.40 30.13 42.80
N LYS G 243 23.78 31.05 42.05
CA LYS G 243 24.38 31.53 40.81
C LYS G 243 25.74 32.14 41.07
N ASN G 244 25.98 32.64 42.28
CA ASN G 244 27.27 33.20 42.65
C ASN G 244 28.27 32.13 43.03
N GLN G 245 27.83 31.06 43.70
CA GLN G 245 28.75 30.00 44.07
C GLN G 245 29.24 29.25 42.83
N ILE G 246 28.34 28.62 42.12
CA ILE G 246 28.71 27.83 40.94
C ILE G 246 29.00 28.77 39.79
N GLN G 247 29.96 28.39 38.95
CA GLN G 247 30.35 29.14 37.76
C GLN G 247 30.20 28.26 36.53
N GLU G 248 29.55 28.79 35.51
CA GLU G 248 29.53 28.08 34.24
C GLU G 248 30.87 28.31 33.53
N PRO G 249 31.59 27.26 33.19
CA PRO G 249 32.85 27.44 32.48
C PRO G 249 32.63 27.97 31.07
N CYS G 250 33.67 28.61 30.55
CA CYS G 250 33.66 29.08 29.17
C CYS G 250 33.95 27.92 28.24
N LYS G 251 33.08 27.70 27.26
CA LYS G 251 33.25 26.63 26.30
C LYS G 251 34.11 27.10 25.14
N LYS G 252 35.05 26.26 24.72
CA LYS G 252 35.87 26.60 23.56
C LYS G 252 36.08 25.36 22.72
N PHE G 253 35.99 25.53 21.41
CA PHE G 253 36.00 24.43 20.45
C PHE G 253 37.33 24.43 19.71
N ALA G 254 37.99 23.29 19.71
CA ALA G 254 39.19 23.06 18.91
C ALA G 254 38.88 21.94 17.94
N ILE G 255 38.68 22.28 16.68
CA ILE G 255 38.36 21.31 15.65
C ILE G 255 39.35 21.47 14.50
N ALA G 256 39.94 20.37 14.07
CA ALA G 256 40.95 20.38 13.02
C ALA G 256 40.53 19.42 11.91
N ASP G 257 41.04 19.69 10.72
CA ASP G 257 40.81 18.84 9.55
C ASP G 257 41.58 19.39 8.35
N ARG G 260 46.97 17.53 7.13
CA ARG G 260 48.19 17.30 6.36
C ARG G 260 48.20 15.92 5.73
N GLU G 261 48.72 15.84 4.51
CA GLU G 261 48.83 14.58 3.80
C GLU G 261 50.17 13.92 4.08
N ASP G 262 50.11 12.64 4.44
CA ASP G 262 51.33 11.89 4.69
C ASP G 262 51.13 10.49 4.13
N PRO G 263 52.11 9.96 3.39
CA PRO G 263 51.92 8.66 2.74
C PRO G 263 51.74 7.52 3.71
N PHE G 264 52.15 7.67 4.97
CA PHE G 264 52.21 6.52 5.88
C PHE G 264 50.86 5.84 5.99
N LYS G 265 49.78 6.62 6.13
CA LYS G 265 48.45 6.06 6.09
C LYS G 265 48.23 5.29 4.79
N GLU G 266 48.49 5.94 3.66
CA GLU G 266 48.31 5.27 2.39
C GLU G 266 49.38 4.20 2.15
N LYS G 267 50.55 4.35 2.77
CA LYS G 267 51.57 3.31 2.67
C LYS G 267 51.07 2.01 3.30
N LEU G 268 50.53 2.11 4.52
CA LEU G 268 49.87 0.94 5.06
C LEU G 268 48.72 0.50 4.15
N LEU G 269 48.08 1.45 3.47
CA LEU G 269 46.91 1.12 2.67
C LEU G 269 47.24 0.11 1.58
N GLU G 270 48.22 0.40 0.73
CA GLU G 270 48.40 -0.52 -0.40
C GLU G 270 49.03 -1.82 0.08
N ILE G 271 49.84 -1.77 1.14
CA ILE G 271 50.31 -3.04 1.72
C ILE G 271 49.12 -3.93 2.07
N MET G 272 48.19 -3.40 2.85
CA MET G 272 47.09 -4.23 3.33
C MET G 272 46.10 -4.56 2.22
N THR G 273 45.94 -3.67 1.23
CA THR G 273 45.08 -4.03 0.10
C THR G 273 45.67 -5.18 -0.67
N ARG G 274 46.99 -5.18 -0.88
CA ARG G 274 47.66 -6.33 -1.45
C ARG G 274 47.39 -7.57 -0.61
N ILE G 275 47.43 -7.41 0.71
CA ILE G 275 47.16 -8.53 1.60
C ILE G 275 45.75 -9.05 1.39
N GLN G 276 44.78 -8.15 1.34
CA GLN G 276 43.39 -8.57 1.15
C GLN G 276 43.19 -9.19 -0.23
N THR G 277 43.83 -8.60 -1.24
CA THR G 277 43.64 -9.08 -2.61
C THR G 277 44.26 -10.45 -2.81
N TYR G 278 45.33 -10.76 -2.08
CA TYR G 278 45.92 -12.10 -2.18
C TYR G 278 44.87 -13.16 -1.94
N CYS G 279 44.09 -13.03 -0.87
CA CYS G 279 42.96 -13.91 -0.62
C CYS G 279 41.68 -13.38 -1.22
N GLN G 280 41.75 -12.30 -1.98
CA GLN G 280 40.63 -11.67 -2.68
C GLN G 280 39.36 -11.62 -1.82
N MET G 281 39.51 -10.96 -0.67
CA MET G 281 38.35 -10.61 0.14
C MET G 281 37.71 -9.31 -0.34
N SER G 282 36.38 -9.31 -0.34
CA SER G 282 35.62 -8.08 -0.57
C SER G 282 35.48 -7.35 0.75
N PRO G 283 35.89 -6.10 0.85
CA PRO G 283 35.85 -5.42 2.15
C PRO G 283 34.42 -5.08 2.57
N MET G 284 33.59 -4.70 1.60
CA MET G 284 32.23 -4.18 1.75
C MET G 284 32.25 -2.78 2.34
N SER G 285 33.43 -2.23 2.67
CA SER G 285 33.56 -0.87 3.17
C SER G 285 35.02 -0.47 3.06
N ASP G 286 35.28 0.82 3.21
CA ASP G 286 36.64 1.31 3.19
C ASP G 286 37.39 0.87 4.44
N PHE G 287 38.71 0.97 4.38
CA PHE G 287 39.54 0.49 5.47
C PHE G 287 39.62 1.52 6.59
N GLY G 288 40.03 1.06 7.76
CA GLY G 288 40.21 1.91 8.91
C GLY G 288 38.96 2.20 9.70
N THR G 289 37.86 1.52 9.42
CA THR G 289 36.58 1.81 10.05
C THR G 289 36.14 0.67 10.95
N GLN G 290 35.27 1.02 11.90
CA GLN G 290 34.74 0.08 12.86
C GLN G 290 33.94 -1.04 12.21
N PRO G 291 33.06 -0.74 11.24
CA PRO G 291 32.41 -1.86 10.52
C PRO G 291 33.40 -2.80 9.87
N TYR G 292 34.49 -2.27 9.33
CA TYR G 292 35.49 -3.14 8.72
C TYR G 292 36.11 -4.06 9.75
N GLU G 293 36.43 -3.52 10.93
CA GLU G 293 37.01 -4.35 11.99
C GLU G 293 36.03 -5.42 12.42
N GLN G 294 34.77 -5.05 12.62
CA GLN G 294 33.75 -6.01 13.01
C GLN G 294 33.63 -7.13 11.98
N TRP G 295 33.60 -6.74 10.70
CA TRP G 295 33.53 -7.71 9.62
C TRP G 295 34.77 -8.60 9.62
N ALA G 296 35.94 -8.01 9.85
CA ALA G 296 37.16 -8.79 9.85
C ALA G 296 37.11 -9.86 10.95
N ILE G 297 36.69 -9.47 12.14
CA ILE G 297 36.65 -10.44 13.24
C ILE G 297 35.66 -11.54 12.92
N GLN G 298 34.45 -11.18 12.49
CA GLN G 298 33.43 -12.20 12.28
C GLN G 298 33.80 -13.14 11.15
N MET G 299 34.37 -12.60 10.07
CA MET G 299 34.79 -13.47 8.97
C MET G 299 35.98 -14.33 9.39
N GLU G 300 36.86 -13.79 10.24
CA GLU G 300 37.94 -14.61 10.75
C GLU G 300 37.39 -15.77 11.57
N LYS G 301 36.34 -15.51 12.36
CA LYS G 301 35.68 -16.60 13.08
C LYS G 301 35.13 -17.63 12.12
N LYS G 302 34.47 -17.17 11.05
CA LYS G 302 33.92 -18.11 10.07
C LYS G 302 35.02 -18.94 9.42
N ALA G 303 36.12 -18.30 9.05
CA ALA G 303 37.22 -19.02 8.43
C ALA G 303 37.77 -20.08 9.37
N ALA G 304 37.93 -19.75 10.65
CA ALA G 304 38.39 -20.74 11.61
C ALA G 304 37.37 -21.85 11.79
N LYS G 305 36.07 -21.53 11.68
CA LYS G 305 35.05 -22.56 11.74
C LYS G 305 35.23 -23.56 10.62
N GLU G 306 35.51 -23.07 9.40
CA GLU G 306 35.72 -23.94 8.26
C GLU G 306 36.98 -24.80 8.42
N GLY G 307 37.91 -24.36 9.26
CA GLY G 307 39.24 -24.92 9.25
C GLY G 307 40.13 -24.34 8.18
N ASN G 308 39.73 -23.24 7.56
CA ASN G 308 40.43 -22.65 6.43
C ASN G 308 41.72 -21.96 6.85
N ARG G 309 42.84 -22.68 6.76
CA ARG G 309 44.13 -22.03 6.90
C ARG G 309 44.45 -21.29 5.61
N LYS G 310 45.54 -20.52 5.61
CA LYS G 310 45.99 -19.70 4.49
C LYS G 310 45.07 -18.48 4.33
N GLU G 311 43.95 -18.49 5.03
CA GLU G 311 43.05 -17.35 5.12
C GLU G 311 42.95 -16.82 6.53
N ARG G 312 42.80 -17.71 7.51
CA ARG G 312 42.63 -17.29 8.89
C ARG G 312 43.76 -16.37 9.33
N VAL G 313 45.00 -16.82 9.13
CA VAL G 313 46.14 -16.03 9.56
C VAL G 313 46.15 -14.68 8.85
N CYS G 314 45.89 -14.69 7.54
CA CYS G 314 45.86 -13.44 6.80
C CYS G 314 44.80 -12.50 7.34
N ALA G 315 43.63 -13.05 7.68
CA ALA G 315 42.57 -12.21 8.23
C ALA G 315 43.02 -11.55 9.53
N GLU G 316 43.65 -12.32 10.42
CA GLU G 316 44.09 -11.73 11.68
C GLU G 316 45.10 -10.63 11.43
N HIS G 317 46.04 -10.86 10.51
CA HIS G 317 47.11 -9.89 10.30
C HIS G 317 46.55 -8.59 9.74
N LEU G 318 45.65 -8.69 8.76
CA LEU G 318 45.04 -7.48 8.23
C LEU G 318 44.26 -6.75 9.30
N ARG G 319 43.57 -7.51 10.16
CA ARG G 319 42.92 -6.91 11.31
C ARG G 319 43.93 -6.09 12.11
N LYS G 320 45.10 -6.67 12.37
CA LYS G 320 46.12 -5.98 13.16
C LYS G 320 46.51 -4.67 12.52
N TYR G 321 46.67 -4.68 11.21
CA TYR G 321 46.91 -3.45 10.48
C TYR G 321 45.81 -2.44 10.74
N ASN G 322 44.56 -2.90 10.76
CA ASN G 322 43.43 -1.98 10.91
C ASN G 322 43.48 -1.28 12.26
N GLU G 323 43.63 -2.05 13.34
CA GLU G 323 43.72 -1.42 14.66
C GLU G 323 44.95 -0.54 14.76
N ALA G 324 46.06 -0.96 14.13
CA ALA G 324 47.24 -0.11 14.12
C ALA G 324 46.93 1.24 13.48
N LEU G 325 46.19 1.22 12.38
CA LEU G 325 45.81 2.47 11.72
C LEU G 325 44.94 3.31 12.63
N GLN G 326 44.01 2.67 13.33
CA GLN G 326 43.11 3.43 14.19
C GLN G 326 43.89 4.14 15.29
N ILE G 327 44.78 3.41 15.96
CA ILE G 327 45.69 4.04 16.90
C ILE G 327 46.49 5.12 16.19
N ASN G 328 46.88 4.84 14.95
CA ASN G 328 47.75 5.75 14.20
C ASN G 328 47.09 7.11 14.01
N ASP G 329 45.82 7.13 13.66
CA ASP G 329 45.15 8.41 13.52
C ASP G 329 45.01 9.09 14.88
N THR G 330 44.76 8.31 15.92
CA THR G 330 44.56 8.90 17.25
C THR G 330 45.84 9.51 17.81
N ILE G 331 46.95 8.76 17.76
CA ILE G 331 48.17 9.15 18.45
C ILE G 331 49.29 9.27 17.42
N ARG G 332 50.51 9.54 17.87
CA ARG G 332 51.63 9.74 16.97
C ARG G 332 51.95 8.47 16.19
N MET G 333 52.89 8.60 15.25
CA MET G 333 53.21 7.49 14.37
C MET G 333 53.99 6.40 15.11
N ILE G 334 54.89 6.81 16.01
CA ILE G 334 55.91 5.92 16.54
C ILE G 334 55.27 4.74 17.26
N ASP G 335 54.37 5.04 18.20
CA ASP G 335 53.76 3.98 18.98
C ASP G 335 52.96 3.02 18.12
N ALA G 336 52.25 3.56 17.12
CA ALA G 336 51.48 2.71 16.23
C ALA G 336 52.40 1.74 15.50
N TYR G 337 53.55 2.21 15.04
CA TYR G 337 54.50 1.30 14.42
C TYR G 337 55.03 0.29 15.43
N THR G 338 55.33 0.74 16.66
CA THR G 338 55.88 -0.17 17.65
C THR G 338 54.91 -1.30 17.96
N HIS G 339 53.63 -0.98 18.02
CA HIS G 339 52.61 -2.01 18.25
C HIS G 339 52.71 -3.10 17.20
N LEU G 340 52.70 -2.71 15.93
CA LEU G 340 52.79 -3.69 14.85
C LEU G 340 54.12 -4.43 14.90
N GLU G 341 55.21 -3.70 15.10
CA GLU G 341 56.52 -4.34 15.11
C GLU G 341 56.62 -5.36 16.24
N THR G 342 56.11 -5.01 17.41
CA THR G 342 56.13 -5.96 18.52
C THR G 342 55.36 -7.21 18.17
N PHE G 343 54.18 -7.06 17.55
CA PHE G 343 53.38 -8.24 17.22
C PHE G 343 54.13 -9.16 16.28
N TYR G 344 54.69 -8.61 15.21
CA TYR G 344 55.34 -9.46 14.22
C TYR G 344 56.64 -10.05 14.76
N ASN G 345 57.33 -9.30 15.62
CA ASN G 345 58.54 -9.82 16.24
C ASN G 345 58.23 -11.07 17.03
N GLU G 346 57.27 -10.99 17.95
CA GLU G 346 56.91 -12.17 18.72
C GLU G 346 56.29 -13.23 17.82
N GLU G 347 55.69 -12.81 16.71
CA GLU G 347 55.12 -13.79 15.79
C GLU G 347 56.18 -14.72 15.23
N LYS G 348 57.25 -14.12 14.68
CA LYS G 348 58.33 -14.96 14.16
C LYS G 348 59.06 -15.67 15.29
N ASP G 349 59.08 -15.06 16.48
CA ASP G 349 59.71 -15.71 17.62
C ASP G 349 58.98 -17.00 17.97
N LYS G 350 57.65 -16.96 17.96
CA LYS G 350 56.87 -18.16 18.20
C LYS G 350 57.08 -19.17 17.08
N LYS G 351 57.14 -18.69 15.84
CA LYS G 351 57.24 -19.60 14.69
C LYS G 351 58.55 -20.38 14.73
N PHE G 352 59.66 -19.72 15.04
CA PHE G 352 60.95 -20.41 14.99
C PHE G 352 61.14 -21.39 16.14
N ALA G 353 60.25 -21.39 17.13
CA ALA G 353 60.38 -22.34 18.23
C ALA G 353 60.22 -23.77 17.76
N VAL G 354 59.27 -24.01 16.85
CA VAL G 354 59.02 -25.36 16.37
C VAL G 354 60.23 -25.92 15.63
N ILE G 355 61.07 -25.04 15.08
CA ILE G 355 62.29 -25.50 14.42
C ILE G 355 63.17 -26.28 15.39
N GLU G 356 63.25 -25.81 16.63
CA GLU G 356 64.00 -26.50 17.65
C GLU G 356 63.36 -27.84 18.00
N GLU G 385 53.37 -21.71 4.35
CA GLU G 385 53.72 -21.14 3.05
C GLU G 385 53.17 -19.71 2.91
N THR G 386 51.90 -19.51 3.28
CA THR G 386 51.37 -18.16 3.35
C THR G 386 51.93 -17.40 4.54
N ASP G 387 52.51 -18.13 5.49
CA ASP G 387 53.15 -17.53 6.65
C ASP G 387 54.24 -16.56 6.22
N ARG G 388 55.30 -17.10 5.61
CA ARG G 388 56.40 -16.26 5.15
C ARG G 388 55.95 -15.25 4.12
N PHE G 389 54.95 -15.61 3.31
CA PHE G 389 54.34 -14.71 2.33
C PHE G 389 54.06 -13.34 2.92
N LEU G 390 53.89 -13.27 4.25
CA LEU G 390 53.61 -12.02 4.94
C LEU G 390 54.88 -11.29 5.36
N MET G 391 55.71 -11.95 6.19
CA MET G 391 56.85 -11.27 6.77
C MET G 391 57.82 -10.79 5.71
N THR G 392 57.95 -11.55 4.62
CA THR G 392 58.89 -11.18 3.57
C THR G 392 58.67 -9.75 3.11
N LEU G 393 57.44 -9.40 2.75
CA LEU G 393 57.14 -8.05 2.32
C LEU G 393 57.03 -7.10 3.51
N PHE G 394 56.51 -7.60 4.63
CA PHE G 394 56.33 -6.76 5.80
C PHE G 394 57.65 -6.17 6.27
N PHE G 395 58.72 -6.96 6.23
CA PHE G 395 59.95 -6.53 6.88
C PHE G 395 60.66 -5.45 6.08
N GLU G 396 60.70 -5.59 4.75
CA GLU G 396 61.19 -4.49 3.93
C GLU G 396 60.33 -3.25 4.14
N ASN G 397 59.02 -3.42 4.10
CA ASN G 397 58.13 -2.27 4.26
C ASN G 397 58.33 -1.63 5.62
N ASN G 398 58.45 -2.44 6.68
CA ASN G 398 58.55 -1.87 8.03
C ASN G 398 59.86 -1.14 8.22
N LYS G 399 60.95 -1.65 7.64
CA LYS G 399 62.19 -0.90 7.64
C LYS G 399 61.98 0.48 7.03
N MET G 400 61.32 0.53 5.87
CA MET G 400 60.99 1.80 5.27
C MET G 400 60.10 2.64 6.18
N LEU G 401 59.12 2.00 6.82
CA LEU G 401 58.19 2.75 7.66
C LEU G 401 58.90 3.38 8.85
N LYS G 402 59.76 2.61 9.51
CA LYS G 402 60.56 3.15 10.60
C LYS G 402 61.38 4.33 10.11
N ARG G 403 61.86 4.26 8.88
CA ARG G 403 62.53 5.42 8.31
C ARG G 403 61.54 6.57 8.14
N LEU G 404 60.32 6.28 7.67
CA LEU G 404 59.31 7.31 7.50
C LEU G 404 58.73 7.74 8.84
N ALA G 405 58.50 6.77 9.73
CA ALA G 405 57.89 7.10 11.02
C ALA G 405 58.78 8.02 11.84
N GLU G 406 60.09 7.82 11.76
CA GLU G 406 61.01 8.57 12.60
C GLU G 406 60.98 10.07 12.30
N ASN G 407 60.43 10.48 11.17
CA ASN G 407 60.49 11.89 10.80
C ASN G 407 59.42 12.67 11.54
N PRO G 408 59.82 13.56 12.45
CA PRO G 408 58.84 14.23 13.31
C PRO G 408 58.15 15.41 12.65
N GLU G 409 58.59 15.81 11.45
CA GLU G 409 57.94 16.95 10.80
C GLU G 409 56.50 16.62 10.46
N TYR G 410 56.22 15.38 10.06
CA TYR G 410 54.86 14.98 9.75
C TYR G 410 54.13 14.64 11.05
N GLU G 411 52.92 15.17 11.19
CA GLU G 411 52.26 15.15 12.49
C GLU G 411 50.76 15.04 12.32
N ASN G 412 50.12 14.40 13.30
CA ASN G 412 48.68 14.32 13.35
C ASN G 412 48.06 15.71 13.51
N GLU G 413 46.86 15.86 12.96
CA GLU G 413 46.14 17.12 13.09
C GLU G 413 45.66 17.35 14.52
N LYS G 414 45.14 16.31 15.16
CA LYS G 414 44.59 16.48 16.50
C LYS G 414 45.68 16.88 17.48
N LEU G 415 46.78 16.12 17.49
CA LEU G 415 47.88 16.41 18.41
C LEU G 415 48.35 17.85 18.24
N THR G 416 48.31 18.35 17.01
CA THR G 416 48.74 19.72 16.76
C THR G 416 47.90 20.71 17.55
N LYS G 417 46.58 20.62 17.40
CA LYS G 417 45.71 21.53 18.12
C LYS G 417 45.86 21.35 19.62
N LEU G 418 46.08 20.11 20.06
CA LEU G 418 46.31 19.87 21.48
C LEU G 418 47.50 20.67 21.97
N ARG G 419 48.60 20.61 21.23
CA ARG G 419 49.78 21.37 21.62
C ARG G 419 49.46 22.86 21.68
N ASN G 420 48.71 23.35 20.69
CA ASN G 420 48.33 24.75 20.69
C ASN G 420 47.53 25.10 21.94
N THR G 421 46.56 24.25 22.28
CA THR G 421 45.70 24.54 23.41
C THR G 421 46.48 24.56 24.71
N ILE G 422 47.35 23.57 24.91
CA ILE G 422 48.11 23.49 26.15
C ILE G 422 48.96 24.73 26.32
N MET G 423 49.72 25.06 25.29
CA MET G 423 50.64 26.20 25.38
C MET G 423 49.87 27.48 25.61
N GLU G 424 48.80 27.70 24.85
CA GLU G 424 48.03 28.91 24.99
C GLU G 424 47.50 29.06 26.41
N GLN G 425 46.87 28.01 26.93
CA GLN G 425 46.25 28.12 28.24
C GLN G 425 47.28 28.34 29.35
N TYR G 426 48.31 27.49 29.41
CA TYR G 426 49.28 27.63 30.49
C TYR G 426 50.01 28.96 30.42
N THR G 427 50.44 29.38 29.23
CA THR G 427 51.15 30.65 29.14
C THR G 427 50.26 31.81 29.55
N ARG G 428 48.97 31.76 29.17
CA ARG G 428 48.07 32.82 29.56
C ARG G 428 47.89 32.84 31.08
N THR G 429 47.95 31.67 31.71
CA THR G 429 47.71 31.60 33.15
C THR G 429 48.91 32.09 33.97
N GLU G 430 50.13 31.85 33.48
CA GLU G 430 51.36 32.27 34.16
C GLU G 430 51.49 31.62 35.54
N GLU G 431 51.68 30.31 35.51
CA GLU G 431 52.05 29.45 36.65
C GLU G 431 50.91 29.22 37.62
N SER G 432 49.68 29.56 37.28
CA SER G 432 48.52 29.26 38.09
C SER G 432 47.51 28.54 37.21
N ALA G 433 47.69 27.22 37.07
CA ALA G 433 46.92 26.46 36.09
C ALA G 433 47.03 24.98 36.40
N ARG G 434 45.91 24.33 36.66
CA ARG G 434 45.84 22.87 36.67
C ARG G 434 44.92 22.40 35.57
N GLY G 435 45.40 21.48 34.74
CA GLY G 435 44.62 20.99 33.63
C GLY G 435 44.43 19.49 33.63
N ILE G 436 43.20 19.06 33.35
CA ILE G 436 42.85 17.65 33.31
C ILE G 436 42.42 17.30 31.90
N ILE G 437 43.07 16.31 31.30
CA ILE G 437 42.73 15.87 29.96
C ILE G 437 42.07 14.50 30.08
N PHE G 438 40.89 14.37 29.50
CA PHE G 438 40.16 13.11 29.56
C PHE G 438 40.21 12.41 28.22
N THR G 439 40.56 11.13 28.25
CA THR G 439 40.77 10.33 27.06
C THR G 439 39.88 9.09 27.10
N LYS G 440 40.15 8.15 26.22
CA LYS G 440 39.33 6.95 26.08
C LYS G 440 40.07 5.68 26.45
N THR G 441 41.19 5.40 25.81
CA THR G 441 41.88 4.13 26.01
C THR G 441 43.14 4.34 26.83
N ARG G 442 43.48 3.33 27.63
CA ARG G 442 44.57 3.48 28.57
C ARG G 442 45.87 3.81 27.87
N GLN G 443 46.22 3.05 26.83
CA GLN G 443 47.45 3.30 26.12
C GLN G 443 47.45 4.69 25.50
N SER G 444 46.28 5.22 25.15
CA SER G 444 46.24 6.61 24.71
C SER G 444 46.78 7.51 25.81
N ALA G 445 46.34 7.28 27.04
CA ALA G 445 46.81 8.09 28.15
C ALA G 445 48.32 7.97 28.29
N TYR G 446 48.83 6.75 28.27
CA TYR G 446 50.25 6.56 28.54
C TYR G 446 51.11 7.10 27.40
N ALA G 447 50.70 6.88 26.16
CA ALA G 447 51.47 7.41 25.04
C ALA G 447 51.47 8.93 25.05
N LEU G 448 50.32 9.54 25.34
CA LEU G 448 50.26 10.99 25.41
C LEU G 448 51.19 11.50 26.50
N SER G 449 51.33 10.74 27.59
CA SER G 449 52.31 11.10 28.60
C SER G 449 53.72 11.11 28.00
N GLN G 450 54.06 10.08 27.24
CA GLN G 450 55.38 10.06 26.60
C GLN G 450 55.53 11.25 25.66
N TRP G 451 54.48 11.56 24.90
CA TRP G 451 54.55 12.67 23.96
C TRP G 451 54.82 13.97 24.70
N ILE G 452 54.23 14.13 25.87
CA ILE G 452 54.56 15.28 26.71
C ILE G 452 56.02 15.23 27.10
N THR G 453 56.51 14.05 27.45
CA THR G 453 57.87 13.91 27.97
C THR G 453 58.91 14.32 26.93
N GLU G 454 58.70 13.95 25.68
CA GLU G 454 59.79 13.99 24.70
C GLU G 454 60.10 15.42 24.26
N ASN G 455 59.15 16.10 23.63
CA ASN G 455 59.42 17.42 23.09
C ASN G 455 59.68 18.41 24.21
N GLU G 456 60.91 18.91 24.27
CA GLU G 456 61.34 19.77 25.36
C GLU G 456 60.56 21.09 25.40
N LYS G 457 59.87 21.43 24.30
CA LYS G 457 59.11 22.67 24.29
C LYS G 457 58.00 22.66 25.33
N PHE G 458 57.51 21.49 25.72
CA PHE G 458 56.50 21.44 26.77
C PHE G 458 57.10 21.85 28.11
N ALA G 459 58.22 21.23 28.49
CA ALA G 459 58.76 21.41 29.83
C ALA G 459 59.16 22.85 30.09
N GLU G 460 59.61 23.57 29.07
CA GLU G 460 60.04 24.95 29.27
C GLU G 460 58.91 25.80 29.82
N VAL G 461 57.67 25.47 29.48
CA VAL G 461 56.51 26.22 29.98
C VAL G 461 56.17 25.83 31.40
N GLY G 462 56.82 24.80 31.95
CA GLY G 462 56.56 24.40 33.31
C GLY G 462 55.46 23.39 33.47
N VAL G 463 54.94 22.82 32.38
CA VAL G 463 53.92 21.79 32.49
C VAL G 463 54.57 20.51 33.02
N LYS G 464 53.99 19.98 34.08
CA LYS G 464 54.43 18.72 34.66
C LYS G 464 53.28 17.74 34.54
N ALA G 465 53.51 16.64 33.82
CA ALA G 465 52.42 15.78 33.41
C ALA G 465 52.59 14.38 33.98
N HIS G 466 51.46 13.75 34.25
CA HIS G 466 51.47 12.34 34.62
C HIS G 466 50.17 11.71 34.16
N HIS G 467 50.19 10.39 34.04
CA HIS G 467 49.06 9.62 33.59
C HIS G 467 48.44 8.88 34.77
N LEU G 468 47.11 8.90 34.84
CA LEU G 468 46.37 8.25 35.91
C LEU G 468 45.34 7.32 35.29
N ILE G 469 45.42 6.04 35.64
CA ILE G 469 44.48 5.04 35.15
C ILE G 469 44.12 4.11 36.29
N GLY G 470 43.12 3.28 36.06
CA GLY G 470 42.73 2.30 37.05
C GLY G 470 43.69 1.12 37.11
N ALA G 471 43.43 0.25 38.06
CA ALA G 471 44.29 -0.92 38.26
C ALA G 471 44.03 -1.97 37.19
N GLY G 472 44.69 -3.11 37.33
CA GLY G 472 44.49 -4.24 36.44
C GLY G 472 45.04 -4.05 35.04
N SER G 474 46.77 -3.58 30.66
CA SER G 474 46.69 -5.03 30.68
C SER G 474 47.26 -5.61 29.40
N SER G 475 48.12 -6.63 29.56
CA SER G 475 48.77 -7.31 28.43
C SER G 475 49.47 -6.30 27.52
N GLU G 476 50.19 -5.38 28.14
CA GLU G 476 50.70 -4.23 27.43
C GLU G 476 51.89 -3.69 28.22
N PHE G 477 52.26 -2.43 27.95
CA PHE G 477 53.41 -1.76 28.56
C PHE G 477 53.62 -2.11 30.03
N LYS G 478 52.68 -1.74 30.89
CA LYS G 478 52.78 -1.98 32.33
C LYS G 478 51.46 -1.62 33.02
N PRO G 479 50.98 -2.45 33.94
CA PRO G 479 49.78 -2.08 34.70
C PRO G 479 50.13 -1.24 35.91
N MET G 480 49.54 -0.06 36.03
CA MET G 480 49.79 0.80 37.16
C MET G 480 48.98 0.32 38.35
N THR G 481 49.56 0.38 39.54
CA THR G 481 48.94 -0.21 40.71
C THR G 481 48.37 0.87 41.62
N GLN G 482 47.53 0.42 42.55
CA GLN G 482 46.70 1.34 43.33
C GLN G 482 47.54 2.29 44.16
N ASN G 483 48.60 1.77 44.78
CA ASN G 483 49.43 2.64 45.60
C ASN G 483 50.01 3.77 44.77
N GLU G 484 50.42 3.46 43.55
CA GLU G 484 51.03 4.49 42.70
C GLU G 484 50.02 5.59 42.38
N GLN G 485 48.79 5.23 42.00
CA GLN G 485 47.84 6.27 41.68
C GLN G 485 47.48 7.09 42.91
N LYS G 486 47.46 6.45 44.08
CA LYS G 486 47.16 7.20 45.30
C LYS G 486 48.19 8.29 45.52
N GLU G 487 49.47 7.95 45.39
CA GLU G 487 50.48 9.00 45.50
C GLU G 487 50.41 9.97 44.34
N VAL G 488 49.94 9.53 43.17
CA VAL G 488 49.85 10.43 42.03
C VAL G 488 48.87 11.55 42.31
N ILE G 489 47.68 11.21 42.80
CA ILE G 489 46.72 12.25 43.14
C ILE G 489 47.27 13.10 44.26
N SER G 490 48.04 12.51 45.17
CA SER G 490 48.69 13.29 46.20
C SER G 490 49.59 14.35 45.59
N LYS G 491 50.42 13.95 44.63
CA LYS G 491 51.31 14.90 43.97
C LYS G 491 50.52 15.95 43.21
N PHE G 492 49.42 15.55 42.59
CA PHE G 492 48.65 16.51 41.83
C PHE G 492 48.07 17.59 42.71
N ARG G 493 47.58 17.22 43.90
CA ARG G 493 47.06 18.22 44.81
C ARG G 493 48.15 19.19 45.25
N THR G 494 49.36 18.68 45.48
CA THR G 494 50.48 19.55 45.81
C THR G 494 50.73 20.55 44.69
N GLY G 495 50.79 20.07 43.46
CA GLY G 495 51.08 20.96 42.35
C GLY G 495 52.40 20.91 41.63
N LYS G 496 53.22 19.91 41.95
CA LYS G 496 54.42 19.69 41.13
C LYS G 496 54.24 18.52 40.05
N ILE G 497 52.97 18.19 39.89
CA ILE G 497 52.47 17.50 38.72
C ILE G 497 51.39 18.45 38.22
N ASN G 498 51.66 19.12 37.11
CA ASN G 498 50.88 20.25 36.66
C ASN G 498 49.76 19.84 35.70
N LEU G 499 49.95 18.76 34.96
CA LEU G 499 48.99 18.32 33.96
C LEU G 499 48.66 16.86 34.25
N LEU G 500 47.38 16.56 34.36
CA LEU G 500 46.99 15.19 34.64
C LEU G 500 46.20 14.64 33.46
N ILE G 501 46.61 13.47 32.98
CA ILE G 501 45.94 12.77 31.89
C ILE G 501 45.18 11.60 32.48
N ALA G 502 43.86 11.59 32.34
CA ALA G 502 43.02 10.64 33.03
C ALA G 502 42.06 9.96 32.06
N THR G 503 41.49 8.86 32.52
CA THR G 503 40.51 8.07 31.79
C THR G 503 39.20 8.08 32.57
N THR G 504 38.25 7.26 32.13
CA THR G 504 36.92 7.22 32.74
C THR G 504 36.98 7.25 34.25
N VAL G 505 38.06 6.74 34.84
CA VAL G 505 38.09 6.48 36.27
C VAL G 505 37.79 7.72 37.07
N ALA G 506 38.23 8.89 36.62
CA ALA G 506 38.14 10.05 37.49
C ALA G 506 37.27 11.16 36.93
N GLU G 507 36.09 10.83 36.42
CA GLU G 507 35.15 11.88 36.04
C GLU G 507 34.11 12.19 37.09
N GLU G 508 34.02 11.41 38.15
CA GLU G 508 32.98 11.59 39.15
C GLU G 508 33.59 11.62 40.55
N GLY G 509 33.87 12.80 41.07
CA GLY G 509 34.05 12.94 42.50
C GLY G 509 35.26 13.72 42.94
N LEU G 510 36.16 13.98 41.99
CA LEU G 510 37.37 14.72 42.28
C LEU G 510 37.03 16.15 42.67
N ASP G 511 37.64 16.62 43.75
CA ASP G 511 37.30 17.90 44.35
C ASP G 511 38.50 18.82 44.42
N ILE G 512 39.33 18.80 43.39
CA ILE G 512 40.51 19.67 43.39
C ILE G 512 40.04 21.11 43.29
N LYS G 513 40.46 21.93 44.25
CA LYS G 513 39.97 23.31 44.34
C LYS G 513 40.50 24.18 43.22
N GLU G 514 41.52 23.73 42.50
CA GLU G 514 42.16 24.50 41.43
C GLU G 514 42.17 23.63 40.18
N CYS G 515 41.19 23.84 39.29
CA CYS G 515 41.16 23.20 37.98
C CYS G 515 40.69 24.25 36.99
N ASN G 516 41.65 25.00 36.44
CA ASN G 516 41.29 26.02 35.47
C ASN G 516 40.96 25.40 34.12
N ILE G 517 41.53 24.24 33.82
CA ILE G 517 41.45 23.66 32.49
C ILE G 517 40.87 22.26 32.58
N VAL G 518 39.80 22.01 31.85
CA VAL G 518 39.29 20.66 31.63
C VAL G 518 39.15 20.43 30.14
N ILE G 519 39.72 19.34 29.66
CA ILE G 519 39.92 19.11 28.24
C ILE G 519 39.40 17.73 27.89
N ARG G 520 38.69 17.62 26.77
CA ARG G 520 38.19 16.36 26.28
C ARG G 520 38.84 16.06 24.95
N TYR G 521 39.45 14.87 24.84
CA TYR G 521 40.24 14.50 23.67
C TYR G 521 39.50 13.42 22.88
N GLY G 522 38.70 13.85 21.91
CA GLY G 522 38.05 12.91 21.01
C GLY G 522 37.19 11.89 21.74
N LEU G 523 36.44 12.32 22.73
CA LEU G 523 35.60 11.45 23.53
C LEU G 523 34.14 11.60 23.10
N VAL G 524 33.43 10.48 23.07
CA VAL G 524 32.01 10.45 22.75
C VAL G 524 31.31 9.66 23.84
N THR G 525 30.24 10.22 24.39
CA THR G 525 29.62 9.60 25.55
C THR G 525 28.24 10.16 25.78
N ASN G 526 27.59 9.62 26.80
CA ASN G 526 26.25 10.01 27.20
C ASN G 526 26.31 11.34 27.94
N GLU G 527 25.16 11.77 28.46
CA GLU G 527 25.04 13.10 29.02
C GLU G 527 25.65 13.24 30.41
N ILE G 528 25.55 12.22 31.26
CA ILE G 528 26.12 12.35 32.59
C ILE G 528 27.62 12.44 32.51
N ALA G 529 28.24 11.67 31.62
CA ALA G 529 29.68 11.74 31.48
C ALA G 529 30.14 13.02 30.82
N MET G 530 29.23 13.93 30.46
CA MET G 530 29.63 15.27 30.06
C MET G 530 29.32 16.30 31.12
N VAL G 531 28.20 16.16 31.82
CA VAL G 531 27.90 17.06 32.92
C VAL G 531 28.99 16.98 33.97
N GLN G 532 29.36 15.76 34.35
CA GLN G 532 30.39 15.60 35.38
C GLN G 532 31.73 16.16 34.91
N ALA G 533 32.07 15.93 33.64
CA ALA G 533 33.32 16.44 33.12
C ALA G 533 33.39 17.95 33.23
N ARG G 534 32.31 18.64 32.84
CA ARG G 534 32.29 20.09 33.03
C ARG G 534 32.33 20.47 34.50
N GLY G 535 31.79 19.61 35.36
CA GLY G 535 31.86 19.92 36.77
C GLY G 535 33.25 19.87 37.36
N ARG G 536 34.14 19.09 36.75
CA ARG G 536 35.46 18.90 37.36
C ARG G 536 36.21 20.21 37.49
N ALA G 537 35.97 21.15 36.59
CA ALA G 537 36.70 22.42 36.63
C ALA G 537 36.18 23.23 37.81
N ARG G 538 36.51 22.77 39.00
CA ARG G 538 36.07 23.41 40.23
C ARG G 538 37.01 24.58 40.54
N ALA G 539 36.95 25.59 39.67
CA ALA G 539 37.79 26.75 39.77
C ALA G 539 37.14 27.93 39.06
N ASP G 540 37.60 29.13 39.40
CA ASP G 540 37.12 30.33 38.73
C ASP G 540 37.68 30.42 37.32
N GLU G 541 37.01 31.23 36.49
CA GLU G 541 37.33 31.40 35.06
C GLU G 541 37.66 30.08 34.40
N SER G 542 36.97 29.04 34.85
CA SER G 542 37.21 27.70 34.37
C SER G 542 36.92 27.61 32.88
N THR G 543 37.79 26.89 32.17
CA THR G 543 37.69 26.75 30.73
C THR G 543 37.52 25.29 30.37
N TYR G 544 36.48 25.00 29.60
CA TYR G 544 36.21 23.65 29.12
C TYR G 544 36.44 23.64 27.62
N VAL G 545 37.36 22.79 27.18
CA VAL G 545 37.77 22.75 25.78
C VAL G 545 37.45 21.37 25.23
N LEU G 546 36.79 21.35 24.08
CA LEU G 546 36.56 20.11 23.36
C LEU G 546 37.48 20.08 22.16
N VAL G 547 38.19 18.98 21.98
CA VAL G 547 39.10 18.82 20.85
C VAL G 547 38.67 17.60 20.06
N ALA G 548 38.54 17.78 18.74
CA ALA G 548 38.24 16.66 17.86
C ALA G 548 38.45 17.12 16.43
N HIS G 549 38.36 16.17 15.50
CA HIS G 549 38.41 16.45 14.08
C HIS G 549 37.06 16.13 13.48
N SER G 550 36.65 16.92 12.49
CA SER G 550 35.29 16.84 11.94
C SER G 550 35.01 15.52 11.23
N GLY G 551 36.02 14.65 11.13
CA GLY G 551 35.83 13.40 10.41
C GLY G 551 34.75 12.54 11.03
N SER G 552 34.77 12.39 12.33
CA SER G 552 33.79 11.55 13.03
C SER G 552 32.63 12.39 13.54
N GLY G 553 31.66 11.70 14.12
CA GLY G 553 30.53 12.35 14.74
C GLY G 553 30.82 12.80 16.16
N VAL G 554 31.53 13.90 16.32
CA VAL G 554 31.86 14.36 17.67
C VAL G 554 31.02 15.58 18.04
N ILE G 555 31.15 16.66 17.26
CA ILE G 555 30.44 17.88 17.60
C ILE G 555 28.94 17.65 17.55
N GLU G 556 28.49 16.80 16.66
CA GLU G 556 27.08 16.45 16.60
C GLU G 556 26.65 15.71 17.86
N ARG G 557 27.50 14.82 18.37
CA ARG G 557 27.23 14.21 19.67
C ARG G 557 27.15 15.28 20.75
N GLU G 558 28.02 16.27 20.70
CA GLU G 558 27.95 17.36 21.66
C GLU G 558 26.61 18.09 21.54
N THR G 559 26.16 18.34 20.33
CA THR G 559 24.91 19.06 20.12
C THR G 559 23.74 18.29 20.71
N VAL G 560 23.62 17.02 20.36
CA VAL G 560 22.51 16.22 20.86
C VAL G 560 22.60 16.10 22.37
N ASN G 561 23.81 15.99 22.90
CA ASN G 561 23.96 15.96 24.35
C ASN G 561 23.44 17.23 24.97
N ASP G 562 23.74 18.38 24.36
CA ASP G 562 23.24 19.65 24.89
C ASP G 562 21.72 19.66 24.96
N PHE G 563 21.07 19.35 23.85
CA PHE G 563 19.60 19.37 23.85
C PHE G 563 19.04 18.38 24.86
N ARG G 564 19.68 17.22 24.97
CA ARG G 564 19.24 16.23 25.95
C ARG G 564 19.35 16.78 27.35
N GLU G 565 20.42 17.51 27.64
CA GLU G 565 20.56 18.14 28.96
C GLU G 565 19.38 19.04 29.25
N LYS G 566 19.01 19.89 28.28
CA LYS G 566 17.90 20.81 28.52
C LYS G 566 16.61 20.04 28.76
N MET G 567 16.37 19.00 27.98
CA MET G 567 15.23 18.14 28.25
C MET G 567 15.22 17.69 29.70
N MET G 568 16.37 17.30 30.21
CA MET G 568 16.40 16.73 31.54
C MET G 568 15.99 17.77 32.58
N TYR G 569 16.55 18.98 32.49
CA TYR G 569 16.21 20.01 33.46
C TYR G 569 14.71 20.32 33.41
N LYS G 570 14.16 20.50 32.21
CA LYS G 570 12.74 20.82 32.14
C LYS G 570 11.89 19.71 32.71
N ALA G 571 12.26 18.46 32.44
CA ALA G 571 11.45 17.35 32.91
C ALA G 571 11.51 17.20 34.42
N ILE G 572 12.69 17.40 35.01
CA ILE G 572 12.75 17.29 36.46
C ILE G 572 11.96 18.40 37.09
N HIS G 573 11.90 19.57 36.44
CA HIS G 573 10.98 20.61 36.89
C HIS G 573 9.53 20.16 36.75
N CYS G 574 9.23 19.38 35.73
CA CYS G 574 7.86 18.89 35.54
C CYS G 574 7.45 17.95 36.66
N VAL G 575 8.26 16.92 36.91
CA VAL G 575 7.93 15.98 37.98
C VAL G 575 7.98 16.65 39.34
N GLN G 576 8.87 17.64 39.49
CA GLN G 576 8.95 18.44 40.70
C GLN G 576 7.59 18.94 41.16
N ASN G 577 6.62 19.01 40.25
CA ASN G 577 5.32 19.61 40.51
C ASN G 577 4.19 18.64 40.15
N MET G 578 4.27 17.43 40.66
CA MET G 578 3.17 16.49 40.50
C MET G 578 2.35 16.43 41.79
N LYS G 579 1.19 15.79 41.68
CA LYS G 579 0.21 15.68 42.76
C LYS G 579 0.51 14.45 43.62
N PRO G 580 0.58 14.62 44.94
CA PRO G 580 1.17 13.57 45.78
C PRO G 580 0.52 12.21 45.64
N GLU G 581 -0.81 12.14 45.55
CA GLU G 581 -1.46 10.84 45.48
C GLU G 581 -1.14 10.14 44.17
N GLU G 582 -1.20 10.86 43.05
CA GLU G 582 -0.80 10.28 41.78
C GLU G 582 0.67 9.87 41.82
N TYR G 583 1.49 10.70 42.45
CA TYR G 583 2.89 10.34 42.66
C TYR G 583 3.01 9.00 43.36
N ALA G 584 2.26 8.82 44.45
CA ALA G 584 2.34 7.58 45.20
C ALA G 584 1.89 6.39 44.36
N HIS G 585 0.78 6.55 43.64
CA HIS G 585 0.27 5.44 42.83
C HIS G 585 1.29 5.03 41.79
N LYS G 586 1.80 6.00 41.03
CA LYS G 586 2.76 5.68 39.99
C LYS G 586 4.00 5.04 40.58
N ILE G 587 4.49 5.59 41.70
CA ILE G 587 5.69 5.05 42.33
C ILE G 587 5.49 3.59 42.69
N LEU G 588 4.38 3.30 43.38
CA LEU G 588 4.11 1.93 43.81
C LEU G 588 4.06 0.98 42.63
N GLU G 589 3.38 1.38 41.57
CA GLU G 589 3.25 0.53 40.40
C GLU G 589 4.63 0.22 39.82
N LEU G 590 5.49 1.23 39.72
CA LEU G 590 6.83 0.99 39.22
C LEU G 590 7.58 0.02 40.11
N GLN G 591 7.43 0.16 41.44
CA GLN G 591 8.06 -0.78 42.35
C GLN G 591 7.69 -2.20 41.99
N MET G 592 6.39 -2.43 41.76
CA MET G 592 5.96 -3.76 41.38
C MET G 592 6.67 -4.21 40.13
N GLN G 593 6.65 -3.35 39.10
CA GLN G 593 7.15 -3.76 37.80
C GLN G 593 8.53 -4.36 37.88
N SER G 594 9.43 -3.69 38.59
CA SER G 594 10.80 -4.19 38.67
C SER G 594 10.84 -5.59 39.25
N ILE G 595 10.05 -5.84 40.29
CA ILE G 595 10.11 -7.13 40.97
C ILE G 595 9.64 -8.24 40.04
N MET G 596 8.48 -8.07 39.40
CA MET G 596 7.99 -9.15 38.55
C MET G 596 8.96 -9.41 37.41
N GLU G 597 9.50 -8.34 36.81
CA GLU G 597 10.44 -8.56 35.72
C GLU G 597 11.68 -9.29 36.20
N LYS G 598 12.14 -8.99 37.42
CA LYS G 598 13.29 -9.70 37.96
C LYS G 598 12.99 -11.18 38.10
N LYS G 599 11.79 -11.51 38.59
CA LYS G 599 11.44 -12.92 38.70
C LYS G 599 11.42 -13.60 37.34
N MET G 600 10.83 -12.95 36.34
CA MET G 600 10.79 -13.54 35.00
C MET G 600 12.20 -13.76 34.46
N LYS G 601 13.08 -12.78 34.63
CA LYS G 601 14.45 -12.98 34.19
C LYS G 601 15.10 -14.14 34.95
N THR G 602 14.73 -14.31 36.22
CA THR G 602 15.30 -15.38 37.00
C THR G 602 14.98 -16.74 36.39
N LYS G 603 13.71 -16.99 36.09
CA LYS G 603 13.34 -18.27 35.50
C LYS G 603 13.96 -18.43 34.12
N ARG G 604 14.03 -17.35 33.35
CA ARG G 604 14.66 -17.41 32.03
C ARG G 604 16.10 -17.86 32.16
N ASN G 605 16.85 -17.26 33.09
CA ASN G 605 18.26 -17.59 33.25
C ASN G 605 18.43 -19.04 33.69
N ILE G 606 17.67 -19.45 34.71
CA ILE G 606 17.88 -20.79 35.27
C ILE G 606 17.52 -21.86 34.25
N ALA G 607 16.50 -21.61 33.42
CA ALA G 607 16.23 -22.55 32.34
C ALA G 607 17.28 -22.46 31.24
N LYS G 608 17.89 -21.29 31.06
CA LYS G 608 18.92 -21.15 30.03
C LYS G 608 20.17 -21.95 30.35
N HIS G 609 20.40 -22.26 31.63
CA HIS G 609 21.64 -22.92 32.01
C HIS G 609 21.82 -24.27 31.35
N TYR G 610 20.72 -24.99 31.13
CA TYR G 610 20.80 -26.33 30.54
C TYR G 610 21.28 -26.26 29.10
N ASN G 612 24.43 -32.67 30.92
CA ASN G 612 25.66 -32.08 30.42
C ASN G 612 26.84 -33.02 30.64
N ASN G 613 27.11 -33.86 29.65
CA ASN G 613 28.19 -34.83 29.75
C ASN G 613 29.53 -34.12 29.86
N PRO G 614 30.33 -34.39 30.89
CA PRO G 614 31.69 -33.85 30.94
C PRO G 614 32.65 -34.53 29.98
N SER G 615 32.21 -35.52 29.21
CA SER G 615 33.06 -36.21 28.25
C SER G 615 32.63 -36.03 26.81
N LEU G 616 31.53 -35.32 26.57
CA LEU G 616 30.90 -35.35 25.25
C LEU G 616 31.77 -34.68 24.20
N ILE G 617 32.55 -33.68 24.59
CA ILE G 617 33.22 -32.83 23.62
C ILE G 617 34.71 -33.17 23.55
N THR G 618 35.37 -32.63 22.54
CA THR G 618 36.81 -32.73 22.34
C THR G 618 37.31 -31.42 21.77
N PHE G 619 38.57 -31.10 22.03
CA PHE G 619 39.14 -29.82 21.69
C PHE G 619 40.16 -29.93 20.58
N LEU G 620 40.17 -28.93 19.69
CA LEU G 620 41.02 -28.91 18.52
C LEU G 620 41.69 -27.55 18.40
N CYS G 621 42.86 -27.51 17.76
CA CYS G 621 43.52 -26.24 17.48
C CYS G 621 42.66 -25.40 16.52
N LYS G 622 42.94 -24.11 16.48
CA LYS G 622 42.42 -23.29 15.39
C LYS G 622 43.39 -23.18 14.24
N ASN G 623 44.66 -22.88 14.52
CA ASN G 623 45.64 -22.77 13.44
C ASN G 623 45.82 -24.11 12.73
N CYS G 624 46.10 -25.16 13.48
CA CYS G 624 45.90 -26.50 12.96
C CYS G 624 44.51 -26.95 13.40
N SER G 625 44.18 -28.22 13.18
CA SER G 625 42.94 -28.76 13.70
C SER G 625 43.19 -30.08 14.42
N VAL G 626 44.45 -30.34 14.78
CA VAL G 626 44.79 -31.59 15.44
C VAL G 626 44.03 -31.69 16.75
N LEU G 627 43.47 -32.86 17.00
CA LEU G 627 42.78 -33.10 18.25
C LEU G 627 43.72 -32.85 19.42
N ALA G 628 43.24 -32.12 20.42
CA ALA G 628 44.05 -31.78 21.59
C ALA G 628 43.79 -32.75 22.74
N CYS G 629 42.55 -32.84 23.19
CA CYS G 629 42.18 -33.75 24.27
C CYS G 629 40.66 -33.84 24.30
N SER G 630 40.16 -34.74 25.13
CA SER G 630 38.74 -34.97 25.25
C SER G 630 38.20 -34.34 26.53
N GLY G 631 36.90 -34.55 26.76
CA GLY G 631 36.24 -33.87 27.87
C GLY G 631 36.74 -34.31 29.23
N GLU G 632 37.11 -35.59 29.35
CA GLU G 632 37.44 -36.13 30.66
C GLU G 632 38.80 -35.67 31.18
N ASP G 633 39.60 -35.01 30.35
CA ASP G 633 40.96 -34.68 30.73
C ASP G 633 41.08 -33.37 31.52
N ILE G 634 40.01 -32.59 31.62
CA ILE G 634 40.08 -31.25 32.17
C ILE G 634 39.54 -31.25 33.60
N HIS G 635 40.27 -30.59 34.49
CA HIS G 635 39.88 -30.46 35.89
C HIS G 635 40.04 -28.99 36.28
N VAL G 636 39.31 -28.59 37.31
CA VAL G 636 39.23 -27.19 37.70
C VAL G 636 39.83 -27.01 39.08
N ILE G 637 40.48 -25.87 39.29
CA ILE G 637 41.00 -25.47 40.59
C ILE G 637 40.08 -24.41 41.17
N GLU G 638 39.46 -24.75 42.30
CA GLU G 638 38.68 -23.83 43.10
C GLU G 638 37.58 -23.16 42.28
N LYS G 639 36.99 -23.93 41.36
CA LYS G 639 35.98 -23.42 40.45
C LYS G 639 36.49 -22.23 39.65
N MET G 640 37.81 -22.04 39.60
CA MET G 640 38.39 -20.84 39.02
C MET G 640 39.20 -21.11 37.76
N HIS G 641 40.07 -22.12 37.76
CA HIS G 641 40.99 -22.26 36.63
C HIS G 641 40.94 -23.67 36.08
N HIS G 642 40.63 -23.79 34.79
CA HIS G 642 40.65 -25.07 34.11
C HIS G 642 42.08 -25.44 33.76
N VAL G 643 42.36 -26.74 33.71
CA VAL G 643 43.72 -27.22 33.54
C VAL G 643 43.66 -28.68 33.15
N ASN G 644 44.76 -29.18 32.56
CA ASN G 644 44.86 -30.57 32.16
C ASN G 644 46.13 -31.19 32.73
N MET G 645 45.98 -32.42 33.23
CA MET G 645 47.05 -33.19 33.85
C MET G 645 47.59 -34.31 32.96
N THR G 646 46.94 -34.59 31.84
CA THR G 646 47.24 -35.80 31.08
C THR G 646 48.69 -35.83 30.60
N PRO G 647 49.41 -36.93 30.81
CA PRO G 647 50.85 -36.93 30.51
C PRO G 647 51.17 -36.93 29.02
N GLU G 648 50.46 -37.74 28.23
CA GLU G 648 50.68 -37.69 26.80
C GLU G 648 50.36 -36.30 26.26
N PHE G 649 49.25 -35.72 26.73
CA PHE G 649 48.93 -34.34 26.38
C PHE G 649 50.08 -33.42 26.76
N LYS G 650 50.81 -33.73 27.82
CA LYS G 650 52.03 -32.98 28.13
C LYS G 650 53.04 -33.12 27.00
N GLU G 651 53.12 -34.31 26.40
CA GLU G 651 54.07 -34.48 25.31
C GLU G 651 53.67 -33.69 24.06
N LEU G 652 52.37 -33.50 23.83
CA LEU G 652 51.94 -32.88 22.57
C LEU G 652 52.47 -31.46 22.41
N TYR G 653 52.35 -30.62 23.44
CA TYR G 653 52.59 -29.20 23.26
C TYR G 653 54.06 -28.86 23.39
N ILE G 654 54.35 -27.55 23.38
CA ILE G 654 55.70 -27.03 23.60
C ILE G 654 55.65 -25.92 24.63
N VAL G 655 56.61 -25.91 25.54
CA VAL G 655 56.78 -24.79 26.45
C VAL G 655 57.65 -23.73 25.79
N ARG G 656 57.53 -22.49 26.27
CA ARG G 656 58.41 -21.44 25.77
C ARG G 656 58.54 -20.37 26.83
N GLU G 657 59.73 -19.76 26.92
CA GLU G 657 59.99 -18.67 27.84
C GLU G 657 60.73 -17.55 27.13
N LYS G 658 60.57 -16.35 27.64
CA LYS G 658 61.21 -15.16 27.10
C LYS G 658 62.64 -15.01 27.60
N GLN G 669 61.83 -18.34 32.54
CA GLN G 669 60.77 -17.52 33.13
C GLN G 669 59.98 -18.32 34.16
N ILE G 670 59.33 -17.59 35.07
CA ILE G 670 58.60 -18.23 36.17
C ILE G 670 57.44 -19.05 35.63
N ASN G 671 56.81 -18.58 34.56
CA ASN G 671 55.77 -19.32 33.87
C ASN G 671 56.17 -19.51 32.42
N GLY G 672 55.78 -20.66 31.86
CA GLY G 672 55.99 -20.95 30.45
C GLY G 672 54.69 -20.78 29.67
N GLU G 673 54.81 -20.36 28.42
CA GLU G 673 53.67 -20.28 27.54
C GLU G 673 53.63 -21.48 26.63
N ILE G 674 52.43 -22.00 26.42
CA ILE G 674 52.25 -23.18 25.59
C ILE G 674 52.18 -22.76 24.13
N ILE G 675 52.80 -23.56 23.28
CA ILE G 675 52.85 -23.30 21.85
C ILE G 675 52.46 -24.57 21.11
N CYS G 676 51.59 -24.42 20.11
CA CYS G 676 51.16 -25.54 19.29
C CYS G 676 52.26 -25.92 18.31
N LYS G 677 51.97 -26.91 17.48
CA LYS G 677 52.85 -27.19 16.36
C LYS G 677 52.77 -26.08 15.32
N CYS G 678 51.60 -25.47 15.17
CA CYS G 678 51.44 -24.32 14.28
C CYS G 678 52.19 -23.10 14.81
N GLY G 679 52.43 -23.05 16.12
CA GLY G 679 52.96 -21.87 16.76
C GLY G 679 51.95 -21.07 17.56
N GLN G 680 50.67 -21.42 17.46
CA GLN G 680 49.65 -20.72 18.22
C GLN G 680 49.73 -21.12 19.70
N ALA G 681 49.47 -20.14 20.57
CA ALA G 681 49.53 -20.39 21.99
C ALA G 681 48.31 -21.17 22.46
N TRP G 682 48.49 -21.94 23.53
CA TRP G 682 47.38 -22.67 24.12
C TRP G 682 47.10 -22.26 25.56
N GLY G 683 48.12 -22.22 26.41
CA GLY G 683 47.90 -21.94 27.81
C GLY G 683 49.17 -21.50 28.47
N THR G 684 49.16 -21.50 29.80
CA THR G 684 50.29 -21.03 30.57
C THR G 684 50.58 -22.02 31.69
N MET G 685 51.86 -22.19 32.00
CA MET G 685 52.25 -23.05 33.10
C MET G 685 51.87 -22.39 34.42
N MET G 686 51.41 -23.21 35.37
CA MET G 686 51.03 -22.73 36.69
C MET G 686 51.47 -23.78 37.70
N VAL G 687 51.74 -23.32 38.92
CA VAL G 687 52.14 -24.23 40.00
C VAL G 687 51.13 -24.08 41.12
N HIS G 688 50.59 -25.20 41.58
CA HIS G 688 49.51 -25.17 42.54
C HIS G 688 49.61 -26.32 43.52
N LYS G 689 49.56 -26.00 44.81
CA LYS G 689 49.55 -26.99 45.88
C LYS G 689 50.72 -27.96 45.74
N GLY G 690 51.87 -27.45 45.29
CA GLY G 690 53.05 -28.25 45.12
C GLY G 690 53.12 -29.06 43.85
N LEU G 691 52.19 -28.87 42.92
CA LEU G 691 52.18 -29.61 41.67
C LEU G 691 52.58 -28.70 40.53
N ASP G 692 53.17 -29.27 39.48
CA ASP G 692 53.52 -28.53 38.27
C ASP G 692 52.56 -28.92 37.15
N LEU G 693 52.00 -27.92 36.48
CA LEU G 693 50.81 -28.20 35.70
C LEU G 693 50.48 -27.07 34.73
N PRO G 694 50.26 -27.37 33.44
CA PRO G 694 49.89 -26.32 32.47
C PRO G 694 48.38 -26.21 32.27
N CYS G 695 47.91 -24.96 32.19
CA CYS G 695 46.50 -24.70 31.98
C CYS G 695 46.24 -24.36 30.52
N LEU G 696 44.97 -24.14 30.20
CA LEU G 696 44.54 -23.84 28.85
C LEU G 696 43.45 -22.79 28.87
N LYS G 697 43.36 -22.02 27.80
CA LYS G 697 42.32 -21.01 27.61
C LYS G 697 41.36 -21.46 26.53
N ILE G 698 40.07 -21.45 26.85
CA ILE G 698 39.07 -21.91 25.90
C ILE G 698 39.08 -21.09 24.62
N ARG G 699 39.53 -19.84 24.69
CA ARG G 699 39.66 -19.05 23.47
C ARG G 699 40.66 -19.65 22.50
N ASN G 700 41.66 -20.36 23.00
CA ASN G 700 42.72 -20.89 22.17
C ASN G 700 42.32 -22.13 21.41
N PHE G 701 41.14 -22.69 21.67
CA PHE G 701 40.80 -23.99 21.11
C PHE G 701 39.53 -23.93 20.29
N VAL G 702 39.02 -25.11 19.90
CA VAL G 702 37.75 -25.26 19.21
C VAL G 702 37.02 -26.44 19.84
N VAL G 703 35.74 -26.26 20.12
CA VAL G 703 34.93 -27.32 20.71
C VAL G 703 34.33 -28.17 19.61
N VAL G 704 34.30 -29.49 19.81
CA VAL G 704 33.66 -30.43 18.91
C VAL G 704 32.80 -31.37 19.74
N PHE G 705 31.51 -31.43 19.43
CA PHE G 705 30.59 -32.33 20.12
C PHE G 705 30.60 -33.69 19.44
N LYS G 706 29.82 -34.63 19.98
CA LYS G 706 29.71 -35.95 19.40
C LYS G 706 28.32 -36.28 18.88
N ASN G 707 27.30 -35.55 19.29
CA ASN G 707 25.97 -35.72 18.70
C ASN G 707 25.84 -34.94 17.41
N ASN G 708 26.32 -33.71 17.39
CA ASN G 708 26.32 -32.86 16.21
C ASN G 708 27.74 -32.38 15.98
N SER G 709 28.27 -32.60 14.77
CA SER G 709 29.63 -32.20 14.45
C SER G 709 29.64 -30.74 13.97
N THR G 710 29.40 -29.85 14.93
CA THR G 710 29.50 -28.42 14.69
C THR G 710 30.77 -27.87 15.33
N LYS G 711 31.40 -26.92 14.65
CA LYS G 711 32.64 -26.31 15.10
C LYS G 711 32.31 -24.96 15.72
N LYS G 712 32.52 -24.85 17.02
CA LYS G 712 32.10 -23.66 17.75
C LYS G 712 33.25 -23.13 18.60
N GLN G 713 33.12 -21.86 18.99
CA GLN G 713 34.10 -21.20 19.83
C GLN G 713 33.36 -20.41 20.91
N TYR G 714 34.09 -20.11 21.98
CA TYR G 714 33.55 -19.27 23.05
C TYR G 714 34.69 -18.45 23.64
N LYS G 715 34.45 -17.15 23.84
CA LYS G 715 35.50 -16.30 24.36
C LYS G 715 35.84 -16.63 25.81
N LYS G 716 34.86 -17.05 26.60
CA LYS G 716 35.06 -17.32 28.01
C LYS G 716 34.54 -18.71 28.32
N TRP G 717 34.75 -19.17 29.54
CA TRP G 717 34.35 -20.53 29.88
C TRP G 717 32.90 -20.63 30.32
N VAL G 718 32.28 -19.52 30.72
CA VAL G 718 30.94 -19.63 31.31
C VAL G 718 29.90 -20.03 30.28
N GLU G 719 30.12 -19.74 29.01
CA GLU G 719 29.10 -20.09 28.01
C GLU G 719 28.94 -21.60 27.91
N LEU G 720 30.03 -22.33 28.00
CA LEU G 720 29.97 -23.76 27.73
C LEU G 720 29.16 -24.47 28.82
N PRO G 721 28.11 -25.21 28.47
CA PRO G 721 27.24 -25.81 29.49
C PRO G 721 27.87 -27.01 30.20
N ILE G 722 29.11 -27.36 29.87
CA ILE G 722 29.75 -28.50 30.49
C ILE G 722 30.13 -28.17 31.92
N THR G 723 30.13 -29.20 32.77
CA THR G 723 30.59 -29.10 34.15
C THR G 723 31.74 -30.07 34.35
N PHE G 724 32.77 -29.63 35.05
CA PHE G 724 33.94 -30.47 35.12
C PHE G 724 34.14 -31.01 36.53
N PRO G 725 34.72 -32.20 36.67
CA PRO G 725 35.17 -32.65 37.99
C PRO G 725 36.35 -31.82 38.46
N ASN G 726 36.48 -31.73 39.78
CA ASN G 726 37.55 -30.95 40.37
C ASN G 726 38.85 -31.73 40.37
N LEU G 727 39.82 -31.26 41.16
CA LEU G 727 41.11 -31.89 41.23
C LEU G 727 41.31 -32.54 42.60
N ASP G 728 41.27 -35.11 40.96
CA ASP G 728 41.80 -35.94 42.03
C ASP G 728 43.21 -35.51 42.40
N TYR G 729 43.38 -35.00 43.61
CA TYR G 729 44.71 -34.57 44.04
C TYR G 729 45.59 -35.72 44.48
N SER G 730 45.04 -36.94 44.56
CA SER G 730 45.84 -38.08 44.99
C SER G 730 46.99 -38.40 44.04
N GLU G 731 47.04 -37.75 42.88
CA GLU G 731 48.11 -37.99 41.93
C GLU G 731 49.24 -36.99 42.12
N PRO H 10 41.66 59.78 9.81
CA PRO H 10 42.30 61.10 9.81
C PRO H 10 43.43 61.22 10.82
N LEU H 11 43.19 60.73 12.05
CA LEU H 11 44.22 60.80 13.08
C LEU H 11 45.45 60.01 12.67
N ARG H 12 45.24 58.88 12.02
CA ARG H 12 46.36 58.10 11.49
C ARG H 12 47.19 58.94 10.55
N ARG H 13 46.54 59.77 9.73
CA ARG H 13 47.26 60.71 8.87
C ARG H 13 48.00 61.74 9.70
N LYS H 14 47.37 62.25 10.74
CA LYS H 14 48.06 63.18 11.63
C LYS H 14 49.25 62.51 12.30
N LEU H 15 49.19 61.18 12.47
CA LEU H 15 50.29 60.49 13.10
C LEU H 15 51.48 60.34 12.16
N TRP H 16 51.23 59.98 10.90
CA TRP H 16 52.26 59.32 10.12
C TRP H 16 53.44 60.24 9.79
N GLN H 17 53.37 61.52 10.12
CA GLN H 17 54.57 62.35 9.96
C GLN H 17 55.63 62.04 11.00
N ASN H 18 55.26 61.41 12.11
CA ASN H 18 56.23 60.87 13.07
C ASN H 18 56.32 59.35 12.98
N TYR H 19 55.85 58.78 11.87
CA TYR H 19 56.02 57.37 11.59
C TYR H 19 57.50 57.02 11.46
N ARG H 20 57.88 55.85 11.97
CA ARG H 20 59.25 55.38 11.91
C ARG H 20 59.28 53.94 11.41
N ASN H 21 60.22 53.63 10.52
CA ASN H 21 60.40 52.27 10.02
C ASN H 21 61.40 51.52 10.89
N LEU H 22 61.27 50.20 10.94
CA LEU H 22 62.03 49.40 11.89
C LEU H 22 62.52 48.11 11.24
N THR H 23 63.51 47.49 11.89
CA THR H 23 64.01 46.18 11.48
C THR H 23 64.71 45.54 12.68
N PHE H 24 64.82 44.21 12.63
CA PHE H 24 65.19 43.42 13.80
C PHE H 24 66.70 43.37 14.00
N ASP H 25 67.14 42.55 14.94
CA ASP H 25 68.55 42.19 15.11
C ASP H 25 68.63 40.68 15.11
N PRO H 26 69.41 40.07 14.21
CA PRO H 26 69.50 38.60 14.20
C PRO H 26 70.16 38.04 15.44
N VAL H 27 71.06 38.79 16.08
CA VAL H 27 71.75 38.28 17.27
C VAL H 27 70.75 38.04 18.40
N SER H 28 69.79 38.96 18.59
CA SER H 28 68.84 38.85 19.68
C SER H 28 67.69 37.90 19.38
N ALA H 29 67.58 37.43 18.14
CA ALA H 29 66.51 36.50 17.79
C ALA H 29 66.67 35.19 18.54
N ASN H 30 65.56 34.57 18.91
CA ASN H 30 65.59 33.34 19.67
C ASN H 30 65.84 32.14 18.74
N ARG H 31 66.07 30.99 19.36
CA ARG H 31 66.48 29.80 18.60
C ARG H 31 65.42 29.39 17.58
N HIS H 32 64.21 29.11 18.06
CA HIS H 32 63.15 28.65 17.17
C HIS H 32 62.66 29.75 16.24
N PHE H 33 63.10 30.99 16.44
CA PHE H 33 62.60 32.10 15.67
C PHE H 33 63.32 32.18 14.32
N TYR H 34 62.73 32.94 13.41
CA TYR H 34 63.27 33.06 12.06
C TYR H 34 62.95 34.45 11.53
N LEU H 35 63.93 35.04 10.84
CA LEU H 35 63.78 36.37 10.27
C LEU H 35 63.67 36.29 8.76
N SER H 36 62.94 37.22 8.17
CA SER H 36 62.64 37.16 6.75
C SER H 36 62.20 38.53 6.28
N ARG H 37 61.92 38.63 4.97
CA ARG H 37 61.43 39.84 4.33
C ARG H 37 62.30 41.05 4.72
N GLN H 38 63.56 40.97 4.30
CA GLN H 38 64.52 42.03 4.54
C GLN H 38 64.56 42.40 6.02
N ASP H 39 64.52 41.36 6.86
CA ASP H 39 64.55 41.53 8.31
C ASP H 39 63.44 42.46 8.79
N GLN H 40 62.26 42.32 8.20
CA GLN H 40 61.08 43.05 8.63
C GLN H 40 59.95 42.13 9.03
N GLN H 41 60.13 40.82 8.90
CA GLN H 41 59.14 39.82 9.26
C GLN H 41 59.82 38.73 10.07
N VAL H 42 59.14 38.28 11.11
CA VAL H 42 59.64 37.23 11.98
C VAL H 42 58.59 36.14 12.11
N LYS H 43 59.04 34.90 12.03
CA LYS H 43 58.15 33.75 12.10
C LYS H 43 58.67 32.76 13.14
N HIS H 44 57.74 32.03 13.74
CA HIS H 44 58.05 31.04 14.76
C HIS H 44 57.82 29.65 14.22
N LEU H 45 58.77 28.76 14.46
CA LEU H 45 58.68 27.38 14.02
C LEU H 45 59.05 26.42 15.13
N ARG H 46 58.47 25.22 15.07
CA ARG H 46 58.78 24.19 16.07
C ARG H 46 60.24 23.82 15.95
N GLN H 47 60.75 23.68 14.73
CA GLN H 47 62.15 23.34 14.52
C GLN H 47 63.06 24.47 14.97
N SER H 48 64.20 24.11 15.55
CA SER H 48 65.18 25.09 16.00
C SER H 48 66.09 25.52 14.86
N ARG H 49 66.52 26.77 14.92
CA ARG H 49 67.53 27.29 14.00
C ARG H 49 68.93 27.10 14.56
N GLY H 50 69.24 25.86 14.95
CA GLY H 50 70.49 25.58 15.61
C GLY H 50 70.48 26.06 17.04
N PRO H 51 71.62 25.98 17.71
CA PRO H 51 71.71 26.49 19.08
C PRO H 51 71.56 28.01 19.10
N GLY H 52 71.05 28.51 20.23
CA GLY H 52 70.86 29.94 20.38
C GLY H 52 72.15 30.72 20.44
N GLY H 53 72.94 30.49 21.50
CA GLY H 53 74.20 31.18 21.66
C GLY H 53 74.07 32.52 22.33
N PRO H 54 75.19 33.21 22.50
CA PRO H 54 75.18 34.49 23.20
C PRO H 54 74.46 35.57 22.40
N GLY H 55 74.06 36.62 23.11
CA GLY H 55 73.39 37.74 22.48
C GLY H 55 71.94 37.49 22.12
N SER H 56 71.41 36.30 22.42
CA SER H 56 70.04 35.94 22.08
C SER H 56 69.21 35.84 23.35
N PHE H 57 67.98 36.32 23.27
CA PHE H 57 67.07 36.25 24.41
C PHE H 57 66.58 34.81 24.58
N GLU H 58 66.83 34.25 25.77
CA GLU H 58 66.37 32.89 26.03
C GLU H 58 64.86 32.78 25.89
N LEU H 59 64.14 33.70 26.54
CA LEU H 59 62.70 33.67 26.46
C LEU H 59 62.23 34.22 25.12
N TRP H 60 60.99 33.94 24.77
CA TRP H 60 60.50 34.11 23.40
C TRP H 60 60.27 35.59 23.10
N GLN H 61 61.37 36.31 22.94
CA GLN H 61 61.29 37.73 22.62
C GLN H 61 62.38 38.09 21.62
N VAL H 62 62.09 39.13 20.83
CA VAL H 62 63.05 39.71 19.91
C VAL H 62 62.94 41.23 19.99
N GLN H 63 64.06 41.89 19.74
CA GLN H 63 64.14 43.34 19.75
C GLN H 63 64.69 43.83 18.42
N CYS H 64 64.19 44.97 17.97
CA CYS H 64 64.53 45.49 16.66
C CYS H 64 65.77 46.37 16.73
N ALA H 65 66.40 46.54 15.56
CA ALA H 65 67.66 47.28 15.50
C ALA H 65 67.52 48.73 15.90
N GLN H 66 66.30 49.27 15.92
CA GLN H 66 66.10 50.67 16.20
C GLN H 66 65.83 50.92 17.68
N SER H 67 66.29 52.09 18.14
CA SER H 67 65.95 52.60 19.46
C SER H 67 65.96 54.12 19.37
N PHE H 68 65.32 54.75 20.34
CA PHE H 68 65.04 56.19 20.27
C PHE H 68 65.67 56.88 21.47
N GLN H 69 66.71 57.67 21.21
CA GLN H 69 67.34 58.48 22.25
C GLN H 69 66.49 59.69 22.60
N HIS H 72 58.07 63.12 17.42
CA HIS H 72 58.25 61.93 18.24
C HIS H 72 58.21 60.68 17.37
N HIS H 73 57.73 59.57 17.91
CA HIS H 73 57.81 58.29 17.21
C HIS H 73 56.48 57.56 17.16
N TYR H 74 56.17 57.01 16.00
CA TYR H 74 54.99 56.20 15.74
C TYR H 74 55.36 55.07 14.81
N TRP H 75 54.66 53.94 14.96
CA TRP H 75 54.75 52.90 13.96
C TRP H 75 53.54 51.96 14.03
N GLU H 76 53.34 51.25 12.92
CA GLU H 76 52.25 50.29 12.75
C GLU H 76 52.81 48.88 12.76
N VAL H 77 52.02 47.95 13.28
CA VAL H 77 52.40 46.54 13.36
CA VAL H 77 52.40 46.54 13.36
C VAL H 77 51.21 45.68 13.02
N ARG H 78 51.43 44.65 12.20
CA ARG H 78 50.41 43.65 11.88
C ARG H 78 50.85 42.29 12.40
N ALA H 79 49.89 41.53 12.92
CA ALA H 79 50.18 40.24 13.54
C ALA H 79 49.25 39.17 12.98
N SER H 80 49.77 37.95 12.92
CA SER H 80 48.98 36.85 12.37
C SER H 80 47.79 36.50 13.25
N ASP H 81 48.02 36.30 14.55
CA ASP H 81 46.97 35.89 15.45
C ASP H 81 47.30 36.36 16.86
N HIS H 82 46.35 36.16 17.77
CA HIS H 82 46.45 36.70 19.12
C HIS H 82 47.42 35.85 19.93
N SER H 83 47.40 36.04 21.25
CA SER H 83 48.30 35.34 22.18
C SER H 83 49.74 35.75 21.94
N VAL H 84 49.94 37.06 21.72
CA VAL H 84 51.25 37.64 21.49
C VAL H 84 51.36 38.91 22.31
N THR H 85 52.60 39.38 22.47
CA THR H 85 52.87 40.54 23.31
C THR H 85 53.79 41.51 22.57
N LEU H 86 53.46 42.79 22.69
CA LEU H 86 54.24 43.87 22.08
C LEU H 86 54.58 44.88 23.14
N GLY H 87 55.82 45.38 23.11
CA GLY H 87 56.24 46.34 24.12
C GLY H 87 57.62 46.87 23.83
N VAL H 88 58.08 47.76 24.72
CA VAL H 88 59.36 48.43 24.59
C VAL H 88 60.02 48.50 25.97
N SER H 89 61.33 48.32 26.01
CA SER H 89 62.06 48.25 27.27
C SER H 89 63.35 49.07 27.19
N TYR H 90 63.96 49.29 28.36
CA TYR H 90 65.29 49.84 28.42
C TYR H 90 66.29 48.81 27.90
N PRO H 91 67.46 49.26 27.45
CA PRO H 91 68.49 48.31 26.99
C PRO H 91 69.02 47.41 28.08
N GLN H 92 68.63 47.61 29.34
CA GLN H 92 69.06 46.76 30.43
C GLN H 92 68.10 45.62 30.70
N LEU H 93 67.29 45.24 29.73
CA LEU H 93 66.38 44.12 29.91
C LEU H 93 67.18 42.83 30.12
N PRO H 94 66.77 41.97 31.06
CA PRO H 94 67.48 40.70 31.25
C PRO H 94 67.37 39.82 30.01
N ARG H 95 68.42 39.04 29.77
CA ARG H 95 68.44 38.10 28.67
C ARG H 95 68.40 36.64 29.11
N SER H 96 68.77 36.35 30.35
CA SER H 96 68.73 34.98 30.85
C SER H 96 67.32 34.63 31.31
N ARG H 97 67.17 33.45 31.88
CA ARG H 97 65.87 32.96 32.32
C ARG H 97 65.95 32.55 33.78
N LEU H 98 64.91 32.88 34.54
CA LEU H 98 64.79 32.42 35.91
C LEU H 98 63.42 31.87 36.25
N GLY H 99 62.37 32.29 35.56
CA GLY H 99 61.03 31.81 35.83
C GLY H 99 60.54 30.91 34.74
N PRO H 100 59.73 29.91 35.11
CA PRO H 100 59.22 28.97 34.09
C PRO H 100 58.40 29.66 33.01
N HIS H 101 57.66 30.71 33.35
CA HIS H 101 56.94 31.46 32.34
C HIS H 101 57.92 32.12 31.36
N THR H 102 57.55 32.16 30.09
CA THR H 102 58.48 32.54 29.02
C THR H 102 58.27 33.97 28.56
N ASP H 103 57.99 34.89 29.48
CA ASP H 103 57.94 36.31 29.16
C ASP H 103 58.50 37.13 30.32
N ASN H 104 59.30 38.15 29.98
CA ASN H 104 59.89 39.05 30.97
C ASN H 104 59.28 40.44 30.99
N ILE H 105 58.78 40.92 29.85
CA ILE H 105 58.39 42.32 29.75
C ILE H 105 57.24 42.62 30.70
N GLY H 106 57.32 43.77 31.35
CA GLY H 106 56.33 44.17 32.31
C GLY H 106 56.52 43.59 33.70
N ARG H 107 57.34 42.56 33.85
CA ARG H 107 57.62 42.03 35.18
C ARG H 107 58.41 43.03 36.02
N GLY H 108 59.40 43.67 35.40
CA GLY H 108 60.19 44.67 36.08
C GLY H 108 59.82 46.06 35.62
N PRO H 109 60.12 47.06 36.45
CA PRO H 109 59.79 48.45 36.10
C PRO H 109 60.63 49.01 34.95
N SER H 110 61.59 48.26 34.43
CA SER H 110 62.42 48.75 33.34
C SER H 110 61.79 48.56 31.97
N SER H 111 60.58 48.01 31.90
CA SER H 111 59.92 47.75 30.63
C SER H 111 58.44 48.08 30.75
N TRP H 112 57.83 48.32 29.59
CA TRP H 112 56.39 48.48 29.47
C TRP H 112 55.88 47.45 28.47
N GLY H 113 54.83 46.73 28.85
CA GLY H 113 54.33 45.67 28.02
C GLY H 113 52.84 45.78 27.81
N LEU H 114 52.38 45.13 26.74
CA LEU H 114 50.95 44.97 26.46
C LEU H 114 50.77 43.63 25.77
N CYS H 115 50.06 42.71 26.43
CA CYS H 115 49.82 41.38 25.89
C CYS H 115 48.38 41.30 25.39
N VAL H 116 48.22 40.83 24.15
CA VAL H 116 46.91 40.68 23.54
C VAL H 116 46.52 39.22 23.60
N GLN H 117 45.28 38.96 23.97
CA GLN H 117 44.72 37.63 24.03
C GLN H 117 43.33 37.64 23.43
N GLU H 118 42.84 36.44 23.09
CA GLU H 118 41.52 36.32 22.48
C GLU H 118 40.43 36.88 23.38
N ASP H 119 40.68 36.97 24.69
CA ASP H 119 39.69 37.46 25.63
C ASP H 119 39.85 38.95 25.92
N SER H 120 41.02 39.36 26.41
CA SER H 120 41.16 40.71 26.91
C SER H 120 42.60 41.15 26.82
N LEU H 121 42.80 42.46 26.98
CA LEU H 121 44.12 43.08 26.91
C LEU H 121 44.72 43.23 28.30
N GLN H 122 46.03 43.09 28.38
CA GLN H 122 46.75 43.24 29.64
CA GLN H 122 46.76 43.23 29.63
C GLN H 122 48.03 44.04 29.38
N ALA H 123 48.20 45.12 30.13
CA ALA H 123 49.36 46.00 30.02
C ALA H 123 50.23 45.80 31.25
N TRP H 124 51.44 45.28 31.05
CA TRP H 124 52.30 44.87 32.15
C TRP H 124 53.44 45.87 32.34
N HIS H 125 53.64 46.27 33.59
CA HIS H 125 54.81 47.03 33.97
C HIS H 125 55.03 46.86 35.47
N ASN H 126 56.30 46.69 35.85
CA ASN H 126 56.69 46.45 37.24
C ASN H 126 55.96 45.24 37.81
N GLY H 127 55.66 44.26 36.96
CA GLY H 127 54.94 43.08 37.38
C GLY H 127 53.45 43.26 37.56
N GLU H 128 52.90 44.43 37.21
CA GLU H 128 51.50 44.72 37.45
C GLU H 128 50.77 44.94 36.13
N ALA H 129 49.53 44.45 36.08
CA ALA H 129 48.73 44.57 34.88
C ALA H 129 47.25 44.56 35.26
N GLN H 130 46.43 45.18 34.41
CA GLN H 130 44.99 45.23 34.58
C GLN H 130 44.29 44.71 33.34
N ARG H 131 43.06 44.23 33.53
CA ARG H 131 42.28 43.74 32.41
C ARG H 131 41.71 44.90 31.62
N LEU H 132 41.91 44.86 30.30
CA LEU H 132 41.39 45.85 29.38
C LEU H 132 40.52 45.13 28.35
N PRO H 133 39.38 45.70 27.97
CA PRO H 133 38.48 45.00 27.06
C PRO H 133 39.19 44.56 25.78
N GLY H 134 38.92 43.34 25.37
CA GLY H 134 39.60 42.76 24.22
C GLY H 134 39.21 43.45 22.93
N VAL H 135 39.95 43.10 21.88
CA VAL H 135 39.75 43.65 20.55
C VAL H 135 39.70 42.52 19.55
N SER H 136 39.21 42.84 18.35
CA SER H 136 39.04 41.86 17.29
C SER H 136 40.13 41.91 16.22
N GLY H 137 40.60 43.10 15.87
CA GLY H 137 41.60 43.23 14.84
C GLY H 137 42.98 42.84 15.32
N ARG H 138 43.90 42.76 14.36
CA ARG H 138 45.28 42.41 14.66
C ARG H 138 46.27 43.54 14.41
N LEU H 139 46.00 44.43 13.46
CA LEU H 139 46.88 45.56 13.21
C LEU H 139 46.79 46.56 14.34
N LEU H 140 47.94 46.96 14.88
CA LEU H 140 47.99 47.82 16.05
C LEU H 140 48.99 48.95 15.85
N GLY H 141 48.75 50.05 16.55
CA GLY H 141 49.62 51.20 16.49
C GLY H 141 49.94 51.69 17.88
N MET H 142 50.97 52.54 17.96
CA MET H 142 51.44 52.98 19.26
C MET H 142 52.20 54.29 19.13
N ASP H 143 51.99 55.19 20.10
CA ASP H 143 52.71 56.45 20.19
C ASP H 143 53.61 56.46 21.42
N LEU H 144 54.77 57.08 21.26
CA LEU H 144 55.70 57.29 22.36
C LEU H 144 56.23 58.72 22.25
N ASP H 145 56.08 59.48 23.33
CA ASP H 145 56.59 60.85 23.40
C ASP H 145 57.66 60.91 24.48
N LEU H 146 58.89 61.23 24.09
CA LEU H 146 59.96 61.39 25.06
C LEU H 146 59.80 62.68 25.85
N ALA H 147 59.30 63.74 25.21
CA ALA H 147 59.16 65.02 25.89
C ALA H 147 58.20 64.91 27.07
N SER H 148 57.03 64.33 26.85
CA SER H 148 56.05 64.15 27.91
C SER H 148 56.22 62.84 28.66
N GLY H 149 57.06 61.94 28.18
CA GLY H 149 57.24 60.66 28.82
C GLY H 149 55.96 59.86 28.84
N CYS H 150 55.27 59.83 27.69
CA CYS H 150 53.96 59.22 27.58
C CYS H 150 53.98 58.16 26.49
N LEU H 151 53.59 56.93 26.85
CA LEU H 151 53.47 55.81 25.93
C LEU H 151 52.02 55.40 25.82
N THR H 152 51.49 55.41 24.60
CA THR H 152 50.11 55.03 24.38
C THR H 152 50.00 54.02 23.24
N PHE H 153 48.92 53.26 23.27
CA PHE H 153 48.66 52.17 22.34
C PHE H 153 47.34 52.41 21.63
N TYR H 154 47.31 52.15 20.32
CA TYR H 154 46.12 52.39 19.52
C TYR H 154 45.80 51.16 18.70
N SER H 155 44.54 51.04 18.30
CA SER H 155 44.07 50.01 17.37
C SER H 155 43.45 50.68 16.15
N LEU H 156 43.63 50.06 14.98
CA LEU H 156 43.22 50.70 13.72
C LEU H 156 41.96 50.12 13.11
N GLU H 157 41.84 48.81 13.08
CA GLU H 157 40.73 48.21 12.36
C GLU H 157 39.60 47.88 13.30
N PRO H 158 38.36 48.28 13.00
CA PRO H 158 38.03 49.11 11.84
C PRO H 158 38.25 50.60 12.11
N GLN H 159 38.29 50.98 13.38
CA GLN H 159 38.39 52.37 13.79
C GLN H 159 39.57 52.55 14.74
N THR H 160 39.84 53.81 15.10
CA THR H 160 41.00 54.17 15.90
C THR H 160 40.61 54.21 17.37
N GLN H 161 41.16 53.28 18.15
CA GLN H 161 40.85 53.16 19.57
C GLN H 161 42.05 53.54 20.41
N PRO H 162 41.98 54.63 21.17
CA PRO H 162 43.09 54.99 22.07
C PRO H 162 43.11 54.10 23.29
N LEU H 163 43.78 52.95 23.17
CA LEU H 163 43.58 51.86 24.12
C LEU H 163 44.04 52.24 25.53
N TYR H 164 45.27 52.71 25.67
CA TYR H 164 45.79 52.97 27.00
C TYR H 164 47.06 53.80 26.89
N THR H 165 47.27 54.66 27.89
CA THR H 165 48.41 55.56 27.94
C THR H 165 49.27 55.26 29.15
N PHE H 166 50.58 55.32 28.98
CA PHE H 166 51.54 55.10 30.05
C PHE H 166 52.31 56.38 30.32
N HIS H 167 52.46 56.72 31.60
CA HIS H 167 53.22 57.89 32.01
C HIS H 167 54.48 57.46 32.74
N ALA H 168 55.61 58.04 32.35
CA ALA H 168 56.90 57.71 32.96
C ALA H 168 57.92 58.76 32.53
N LEU H 169 59.11 58.66 33.11
CA LEU H 169 60.25 59.48 32.74
C LEU H 169 61.39 58.58 32.33
N PHE H 170 61.94 58.81 31.14
CA PHE H 170 62.93 57.91 30.55
C PHE H 170 64.29 58.58 30.58
N ASN H 171 65.28 57.88 31.13
CA ASN H 171 66.66 58.32 31.13
C ASN H 171 67.55 57.45 30.25
N GLN H 172 66.96 56.69 29.33
CA GLN H 172 67.70 55.76 28.49
C GLN H 172 66.89 55.54 27.23
N PRO H 173 67.55 55.33 26.08
CA PRO H 173 66.81 55.05 24.86
C PRO H 173 66.02 53.76 24.98
N LEU H 174 64.93 53.70 24.23
CA LEU H 174 63.95 52.63 24.34
C LEU H 174 63.95 51.78 23.07
N THR H 175 63.91 50.45 23.26
CA THR H 175 63.99 49.52 22.16
C THR H 175 62.76 48.61 22.15
N PRO H 176 62.02 48.57 21.04
CA PRO H 176 60.85 47.68 20.98
C PRO H 176 61.25 46.22 21.10
N VAL H 177 60.44 45.48 21.86
CA VAL H 177 60.65 44.05 22.10
C VAL H 177 59.32 43.34 21.95
N PHE H 178 59.33 42.22 21.25
CA PHE H 178 58.11 41.54 20.86
C PHE H 178 58.13 40.11 21.37
N TRP H 179 57.05 39.70 22.03
CA TRP H 179 56.92 38.35 22.54
C TRP H 179 55.91 37.60 21.69
N LEU H 180 56.25 36.36 21.34
CA LEU H 180 55.55 35.62 20.30
C LEU H 180 55.20 34.23 20.82
N LEU H 181 54.35 33.53 20.07
CA LEU H 181 53.98 32.15 20.33
C LEU H 181 54.33 31.28 19.13
N GLU H 182 54.44 29.98 19.35
CA GLU H 182 54.61 29.05 18.25
C GLU H 182 53.46 29.16 17.27
N GLY H 183 53.76 28.97 15.99
CA GLY H 183 52.77 29.06 14.96
C GLY H 183 52.20 30.46 14.83
N ARG H 184 52.90 31.43 15.43
CA ARG H 184 52.50 32.82 15.35
C ARG H 184 53.57 33.60 14.57
N THR H 185 53.11 34.48 13.69
CA THR H 185 54.00 35.25 12.83
C THR H 185 53.71 36.73 12.99
N LEU H 186 54.76 37.54 12.92
CA LEU H 186 54.64 38.95 13.18
C LEU H 186 55.37 39.74 12.10
N THR H 187 54.77 40.83 11.65
CA THR H 187 55.25 41.59 10.51
C THR H 187 55.09 43.08 10.79
N LEU H 188 55.96 43.86 10.18
CA LEU H 188 56.04 45.30 10.36
C LEU H 188 55.36 46.00 9.19
N CYS H 189 55.47 47.33 9.17
CA CYS H 189 54.98 48.13 8.06
C CYS H 189 56.01 49.19 7.74
N HIS H 190 55.96 49.69 6.50
CA HIS H 190 56.94 50.66 6.04
C HIS H 190 56.29 51.55 5.00
N GLN H 191 56.86 52.73 4.81
CA GLN H 191 56.30 53.71 3.89
C GLN H 191 57.36 54.69 3.39
#